data_1UJV
#
_entry.id   1UJV
#
_entity_poly.entity_id   1
_entity_poly.type   'polypeptide(L)'
_entity_poly.pdbx_seq_one_letter_code
;GSSGSSGQAELMTLTIVKGAQGFGFTIADSPTGQRVKQILDIQGCPGLCEGDLIVEINQQNVQNLSHTEVVDILKDCPIG
SETSLIIHRGSGPSSG
;
_entity_poly.pdbx_strand_id   A
#
# COMPACT_ATOMS: atom_id res chain seq x y z
N GLY A 1 26.41 4.68 1.71
CA GLY A 1 26.00 3.83 2.83
C GLY A 1 26.97 2.67 2.98
N SER A 2 27.04 2.04 4.16
CA SER A 2 27.89 0.87 4.39
C SER A 2 27.02 -0.27 4.87
N SER A 3 26.30 -0.04 5.97
CA SER A 3 25.61 -1.07 6.72
C SER A 3 26.51 -2.30 6.92
N GLY A 4 25.97 -3.51 6.85
CA GLY A 4 26.56 -4.70 7.44
C GLY A 4 25.64 -5.22 8.54
N SER A 5 24.37 -5.41 8.20
CA SER A 5 23.50 -6.30 8.93
C SER A 5 22.62 -7.02 7.91
N SER A 6 21.91 -8.03 8.39
CA SER A 6 20.94 -8.76 7.61
C SER A 6 19.65 -8.82 8.44
N GLY A 7 18.54 -9.17 7.81
CA GLY A 7 17.22 -9.07 8.38
C GLY A 7 16.30 -8.98 7.18
N GLN A 8 15.31 -9.86 7.10
CA GLN A 8 14.55 -10.05 5.89
C GLN A 8 13.13 -10.51 6.22
N ALA A 9 12.20 -10.27 5.30
CA ALA A 9 10.79 -10.57 5.42
C ALA A 9 10.23 -10.88 4.02
N GLU A 10 8.93 -11.11 3.92
CA GLU A 10 8.23 -11.45 2.69
C GLU A 10 6.91 -10.66 2.70
N LEU A 11 6.81 -9.61 1.91
CA LEU A 11 5.82 -8.54 2.10
C LEU A 11 4.66 -8.74 1.13
N MET A 12 3.46 -8.26 1.47
CA MET A 12 2.27 -8.62 0.71
C MET A 12 2.07 -7.63 -0.43
N THR A 13 2.21 -8.10 -1.67
CA THR A 13 1.64 -7.40 -2.80
C THR A 13 0.14 -7.72 -2.81
N LEU A 14 -0.69 -6.70 -3.04
CA LEU A 14 -2.11 -6.76 -3.26
C LEU A 14 -2.36 -5.92 -4.52
N THR A 15 -3.50 -6.08 -5.18
CA THR A 15 -3.80 -5.36 -6.40
C THR A 15 -5.06 -4.52 -6.17
N ILE A 16 -5.11 -3.34 -6.79
CA ILE A 16 -6.18 -2.36 -6.63
C ILE A 16 -6.50 -1.75 -8.00
N VAL A 17 -7.67 -1.09 -8.14
CA VAL A 17 -8.14 -0.55 -9.41
C VAL A 17 -8.60 0.88 -9.19
N LYS A 18 -8.25 1.77 -10.11
CA LYS A 18 -8.36 3.20 -9.92
C LYS A 18 -9.64 3.76 -10.54
N GLY A 19 -10.73 3.70 -9.80
CA GLY A 19 -12.08 3.91 -10.31
C GLY A 19 -12.24 5.21 -11.11
N ALA A 20 -12.19 6.37 -10.44
CA ALA A 20 -12.31 7.69 -11.04
C ALA A 20 -11.66 8.71 -10.11
N GLN A 21 -12.21 8.86 -8.90
CA GLN A 21 -11.82 9.79 -7.83
C GLN A 21 -10.41 9.56 -7.25
N GLY A 22 -9.64 8.63 -7.84
CA GLY A 22 -8.34 8.20 -7.38
C GLY A 22 -8.54 7.11 -6.35
N PHE A 23 -8.97 5.94 -6.83
CA PHE A 23 -9.33 4.75 -6.06
C PHE A 23 -10.55 5.03 -5.18
N GLY A 24 -11.06 3.98 -4.54
CA GLY A 24 -12.15 4.08 -3.59
C GLY A 24 -11.61 3.80 -2.20
N PHE A 25 -10.51 4.44 -1.82
CA PHE A 25 -10.01 4.43 -0.47
C PHE A 25 -9.14 5.67 -0.30
N THR A 26 -8.85 6.05 0.93
CA THR A 26 -8.11 7.25 1.27
C THR A 26 -6.86 6.86 2.05
N ILE A 27 -5.89 7.76 2.14
CA ILE A 27 -4.62 7.51 2.83
C ILE A 27 -4.40 8.57 3.91
N ALA A 28 -3.50 8.27 4.83
CA ALA A 28 -3.10 9.10 5.93
C ALA A 28 -1.58 9.02 6.06
N ASP A 29 -0.96 10.15 6.34
CA ASP A 29 0.43 10.20 6.74
C ASP A 29 0.51 9.64 8.16
N SER A 30 1.28 8.57 8.36
CA SER A 30 1.58 8.00 9.66
C SER A 30 3.06 8.28 9.94
N PRO A 31 3.53 8.06 11.17
CA PRO A 31 4.96 8.17 11.48
C PRO A 31 5.79 7.12 10.74
N THR A 32 5.16 6.12 10.11
CA THR A 32 5.82 4.95 9.55
C THR A 32 5.72 4.88 8.02
N GLY A 33 5.20 5.92 7.36
CA GLY A 33 4.87 5.90 5.94
C GLY A 33 3.40 6.23 5.77
N GLN A 34 2.88 6.11 4.55
CA GLN A 34 1.45 6.30 4.34
C GLN A 34 0.71 5.04 4.81
N ARG A 35 -0.51 5.21 5.28
CA ARG A 35 -1.42 4.13 5.63
C ARG A 35 -2.74 4.39 4.98
N VAL A 36 -3.55 3.35 4.93
CA VAL A 36 -4.94 3.46 4.56
C VAL A 36 -5.64 4.18 5.69
N LYS A 37 -6.28 5.30 5.37
CA LYS A 37 -7.20 5.99 6.26
C LYS A 37 -8.50 5.19 6.33
N GLN A 38 -9.20 5.04 5.20
CA GLN A 38 -10.49 4.36 5.16
C GLN A 38 -10.71 3.81 3.75
N ILE A 39 -11.37 2.65 3.64
CA ILE A 39 -11.85 2.12 2.39
C ILE A 39 -13.25 2.66 2.15
N LEU A 40 -13.51 3.08 0.91
CA LEU A 40 -14.76 3.66 0.46
C LEU A 40 -15.40 2.82 -0.66
N ASP A 41 -14.69 1.81 -1.19
CA ASP A 41 -15.12 0.90 -2.24
C ASP A 41 -14.28 -0.38 -2.09
N ILE A 42 -14.91 -1.47 -1.63
CA ILE A 42 -14.22 -2.73 -1.34
C ILE A 42 -13.50 -3.25 -2.60
N GLN A 43 -14.20 -3.39 -3.71
CA GLN A 43 -13.61 -3.80 -4.98
C GLN A 43 -12.74 -2.70 -5.62
N GLY A 44 -12.70 -1.50 -5.03
CA GLY A 44 -11.66 -0.52 -5.34
C GLY A 44 -10.32 -0.90 -4.72
N CYS A 45 -10.30 -1.83 -3.75
CA CYS A 45 -9.08 -2.29 -3.10
C CYS A 45 -9.15 -3.75 -2.60
N PRO A 46 -9.41 -4.74 -3.47
CA PRO A 46 -9.68 -6.10 -3.02
C PRO A 46 -8.48 -6.71 -2.27
N GLY A 47 -8.64 -6.94 -0.96
CA GLY A 47 -7.62 -7.48 -0.07
C GLY A 47 -7.02 -6.46 0.88
N LEU A 48 -7.35 -5.16 0.75
CA LEU A 48 -6.91 -4.12 1.67
C LEU A 48 -7.70 -4.20 2.98
N CYS A 49 -7.04 -4.00 4.13
CA CYS A 49 -7.63 -4.27 5.46
C CYS A 49 -7.61 -3.06 6.40
N GLU A 50 -7.27 -1.88 5.89
CA GLU A 50 -7.18 -0.60 6.59
C GLU A 50 -6.06 -0.58 7.64
N GLY A 51 -5.52 0.62 7.91
CA GLY A 51 -4.33 0.84 8.73
C GLY A 51 -3.05 0.14 8.21
N ASP A 52 -3.10 -0.64 7.13
CA ASP A 52 -1.93 -1.27 6.51
C ASP A 52 -0.98 -0.18 5.99
N LEU A 53 0.29 -0.53 5.82
CA LEU A 53 1.42 0.38 5.71
C LEU A 53 1.99 0.35 4.30
N ILE A 54 1.90 1.44 3.53
CA ILE A 54 2.42 1.56 2.17
C ILE A 54 3.95 1.46 2.21
N VAL A 55 4.51 0.59 1.35
CA VAL A 55 5.94 0.44 1.14
C VAL A 55 6.22 0.61 -0.35
N GLU A 56 5.56 -0.10 -1.25
CA GLU A 56 5.83 0.05 -2.68
C GLU A 56 4.53 0.26 -3.44
N ILE A 57 4.59 1.06 -4.51
CA ILE A 57 3.52 1.24 -5.49
C ILE A 57 4.19 0.94 -6.82
N ASN A 58 3.67 -0.02 -7.57
CA ASN A 58 4.21 -0.47 -8.85
C ASN A 58 5.73 -0.65 -8.80
N GLN A 59 6.23 -1.22 -7.70
CA GLN A 59 7.65 -1.50 -7.47
C GLN A 59 8.51 -0.22 -7.34
N GLN A 60 7.92 0.98 -7.27
CA GLN A 60 8.57 2.19 -6.80
C GLN A 60 8.62 2.14 -5.28
N ASN A 61 9.75 2.56 -4.69
CA ASN A 61 10.07 2.60 -3.26
C ASN A 61 9.47 3.87 -2.67
N VAL A 62 8.52 3.80 -1.73
CA VAL A 62 7.71 4.93 -1.23
C VAL A 62 7.58 4.92 0.32
N GLN A 63 8.37 4.14 1.10
CA GLN A 63 8.41 4.24 2.56
C GLN A 63 8.79 5.64 3.03
N ASN A 64 9.93 6.12 2.56
CA ASN A 64 10.52 7.38 3.00
C ASN A 64 9.88 8.58 2.28
N LEU A 65 9.02 8.29 1.30
CA LEU A 65 8.25 9.26 0.54
C LEU A 65 7.27 10.00 1.42
N SER A 66 7.23 11.30 1.21
CA SER A 66 6.24 12.17 1.82
C SER A 66 4.85 11.78 1.30
N HIS A 67 3.80 12.18 2.02
CA HIS A 67 2.42 11.94 1.62
C HIS A 67 2.20 12.35 0.16
N THR A 68 2.62 13.55 -0.18
CA THR A 68 2.50 14.16 -1.49
C THR A 68 3.10 13.29 -2.60
N GLU A 69 4.27 12.71 -2.34
CA GLU A 69 5.03 11.88 -3.28
C GLU A 69 4.19 10.63 -3.58
N VAL A 70 3.58 10.01 -2.55
CA VAL A 70 2.74 8.83 -2.69
C VAL A 70 1.45 9.16 -3.44
N VAL A 71 0.80 10.29 -3.11
CA VAL A 71 -0.38 10.79 -3.79
C VAL A 71 -0.09 10.98 -5.27
N ASP A 72 1.08 11.53 -5.58
CA ASP A 72 1.50 11.85 -6.94
C ASP A 72 1.63 10.57 -7.77
N ILE A 73 2.25 9.55 -7.19
CA ILE A 73 2.42 8.26 -7.87
C ILE A 73 1.04 7.66 -8.14
N LEU A 74 0.14 7.69 -7.16
CA LEU A 74 -1.22 7.22 -7.36
C LEU A 74 -1.98 8.09 -8.38
N LYS A 75 -1.60 9.36 -8.60
CA LYS A 75 -2.14 10.19 -9.67
C LYS A 75 -1.59 9.74 -11.01
N ASP A 76 -0.30 9.42 -11.12
CA ASP A 76 0.30 8.87 -12.34
C ASP A 76 -0.43 7.61 -12.78
N CYS A 77 -0.92 6.80 -11.83
CA CYS A 77 -1.61 5.54 -12.15
C CYS A 77 -2.80 5.74 -13.09
N PRO A 78 -2.98 4.85 -14.07
CA PRO A 78 -4.09 4.86 -15.01
C PRO A 78 -5.40 4.58 -14.31
N ILE A 79 -6.43 5.29 -14.76
CA ILE A 79 -7.80 5.11 -14.31
C ILE A 79 -8.30 3.79 -14.89
N GLY A 80 -9.10 3.07 -14.09
CA GLY A 80 -9.83 1.86 -14.46
C GLY A 80 -8.94 0.64 -14.66
N SER A 81 -7.62 0.80 -14.51
CA SER A 81 -6.63 -0.21 -14.72
C SER A 81 -6.18 -0.71 -13.37
N GLU A 82 -5.51 -1.86 -13.36
CA GLU A 82 -4.87 -2.37 -12.17
C GLU A 82 -3.67 -1.51 -11.77
N THR A 83 -3.37 -1.53 -10.47
CA THR A 83 -2.19 -0.97 -9.85
C THR A 83 -1.77 -1.98 -8.77
N SER A 84 -0.47 -2.20 -8.58
CA SER A 84 0.06 -3.24 -7.71
C SER A 84 0.74 -2.55 -6.54
N LEU A 85 0.23 -2.73 -5.32
CA LEU A 85 0.80 -2.11 -4.14
C LEU A 85 1.40 -3.18 -3.25
N ILE A 86 2.41 -2.85 -2.45
CA ILE A 86 3.09 -3.75 -1.55
C ILE A 86 3.04 -3.10 -0.17
N ILE A 87 2.48 -3.80 0.82
CA ILE A 87 2.28 -3.27 2.17
C ILE A 87 3.05 -4.10 3.20
N HIS A 88 3.21 -3.55 4.40
CA HIS A 88 3.95 -4.17 5.48
C HIS A 88 3.08 -5.14 6.25
N ARG A 89 3.51 -6.40 6.34
CA ARG A 89 2.85 -7.46 7.10
C ARG A 89 3.91 -8.49 7.51
N GLY A 90 3.51 -9.49 8.30
CA GLY A 90 4.26 -10.70 8.62
C GLY A 90 5.58 -10.43 9.33
N SER A 91 5.56 -10.21 10.65
CA SER A 91 6.77 -10.20 11.45
C SER A 91 7.39 -11.61 11.50
N GLY A 92 6.65 -12.64 11.91
CA GLY A 92 7.17 -13.99 12.06
C GLY A 92 6.07 -15.05 11.97
N PRO A 93 6.43 -16.32 11.76
CA PRO A 93 5.46 -17.38 11.59
C PRO A 93 4.86 -17.79 12.93
N SER A 94 3.53 -17.83 13.04
CA SER A 94 2.83 -18.43 14.15
C SER A 94 1.36 -18.58 13.79
N SER A 95 0.88 -19.84 13.76
CA SER A 95 -0.54 -20.19 13.64
C SER A 95 -1.25 -19.39 12.53
N GLY A 96 -0.62 -19.33 11.34
CA GLY A 96 -1.13 -18.57 10.21
C GLY A 96 -0.43 -19.03 8.95
N GLY A 1 11.86 -23.99 17.94
CA GLY A 1 11.27 -22.86 18.67
C GLY A 1 12.40 -21.95 19.09
N SER A 2 12.18 -20.62 19.05
CA SER A 2 13.15 -19.61 19.45
C SER A 2 14.51 -19.78 18.75
N SER A 3 14.48 -19.95 17.42
CA SER A 3 15.67 -20.00 16.57
C SER A 3 16.45 -18.67 16.67
N GLY A 4 17.70 -18.69 16.20
CA GLY A 4 18.36 -17.48 15.71
C GLY A 4 17.91 -17.22 14.27
N SER A 5 18.41 -16.13 13.68
CA SER A 5 18.05 -15.64 12.34
C SER A 5 16.60 -15.17 12.23
N SER A 6 16.43 -13.88 11.94
CA SER A 6 15.14 -13.27 11.60
C SER A 6 14.76 -13.77 10.20
N GLY A 7 14.19 -14.96 10.13
CA GLY A 7 14.05 -15.69 8.89
C GLY A 7 13.08 -14.99 7.96
N GLN A 8 11.78 -15.04 8.27
CA GLN A 8 10.76 -14.50 7.39
C GLN A 8 10.87 -12.98 7.32
N ALA A 9 10.57 -12.43 6.15
CA ALA A 9 10.67 -11.01 5.83
C ALA A 9 9.67 -10.57 4.74
N GLU A 10 9.01 -11.53 4.11
CA GLU A 10 8.07 -11.41 3.01
C GLU A 10 6.90 -10.53 3.41
N LEU A 11 6.90 -9.36 2.81
CA LEU A 11 5.78 -8.42 2.73
C LEU A 11 4.63 -9.06 1.94
N MET A 12 3.39 -8.55 2.06
CA MET A 12 2.31 -9.00 1.20
C MET A 12 2.30 -8.14 -0.04
N THR A 13 1.86 -8.70 -1.15
CA THR A 13 1.54 -7.95 -2.36
C THR A 13 0.04 -8.11 -2.63
N LEU A 14 -0.56 -7.08 -3.21
CA LEU A 14 -1.99 -6.89 -3.46
C LEU A 14 -2.13 -6.14 -4.79
N THR A 15 -3.33 -6.05 -5.34
CA THR A 15 -3.62 -5.20 -6.50
C THR A 15 -4.90 -4.40 -6.22
N ILE A 16 -5.05 -3.23 -6.84
CA ILE A 16 -6.24 -2.39 -6.83
C ILE A 16 -6.56 -1.93 -8.25
N VAL A 17 -7.74 -1.36 -8.48
CA VAL A 17 -8.13 -0.75 -9.74
C VAL A 17 -8.74 0.62 -9.42
N LYS A 18 -8.43 1.63 -10.22
CA LYS A 18 -9.03 2.96 -10.03
C LYS A 18 -10.51 2.93 -10.48
N GLY A 19 -11.34 3.78 -9.91
CA GLY A 19 -12.75 3.93 -10.26
C GLY A 19 -13.15 5.37 -10.04
N ALA A 20 -12.72 6.25 -10.95
CA ALA A 20 -12.76 7.71 -10.81
C ALA A 20 -12.08 8.16 -9.51
N GLN A 21 -12.27 9.43 -9.11
CA GLN A 21 -11.87 10.15 -7.89
C GLN A 21 -10.46 9.90 -7.32
N GLY A 22 -9.58 9.20 -8.04
CA GLY A 22 -8.36 8.66 -7.46
C GLY A 22 -8.68 7.61 -6.41
N PHE A 23 -9.24 6.49 -6.85
CA PHE A 23 -9.67 5.34 -6.06
C PHE A 23 -10.82 5.72 -5.10
N GLY A 24 -11.37 4.71 -4.42
CA GLY A 24 -12.43 4.84 -3.44
C GLY A 24 -11.91 4.54 -2.05
N PHE A 25 -10.66 4.90 -1.77
CA PHE A 25 -10.05 4.80 -0.45
C PHE A 25 -9.20 6.04 -0.23
N THR A 26 -8.78 6.24 1.01
CA THR A 26 -8.02 7.41 1.41
C THR A 26 -6.79 6.95 2.19
N ILE A 27 -5.73 7.74 2.13
CA ILE A 27 -4.51 7.55 2.91
C ILE A 27 -4.41 8.74 3.87
N ALA A 28 -3.90 8.50 5.08
CA ALA A 28 -3.62 9.53 6.06
C ALA A 28 -2.20 9.31 6.54
N ASP A 29 -1.43 10.39 6.56
CA ASP A 29 -0.01 10.33 6.88
C ASP A 29 0.12 10.03 8.37
N SER A 30 1.14 9.26 8.69
CA SER A 30 1.33 8.51 9.92
C SER A 30 2.82 8.69 10.28
N PRO A 31 3.25 8.34 11.51
CA PRO A 31 4.61 8.58 11.97
C PRO A 31 5.65 7.92 11.07
N THR A 32 5.29 6.73 10.58
CA THR A 32 6.13 5.85 9.80
C THR A 32 6.20 6.28 8.35
N GLY A 33 5.16 6.96 7.85
CA GLY A 33 4.96 7.10 6.42
C GLY A 33 3.48 7.21 6.11
N GLN A 34 3.00 6.48 5.11
CA GLN A 34 1.61 6.53 4.68
C GLN A 34 0.88 5.27 5.11
N ARG A 35 -0.40 5.39 5.42
CA ARG A 35 -1.27 4.28 5.82
C ARG A 35 -2.67 4.56 5.31
N VAL A 36 -3.48 3.52 5.24
CA VAL A 36 -4.85 3.62 4.76
C VAL A 36 -5.69 4.21 5.89
N LYS A 37 -6.20 5.41 5.64
CA LYS A 37 -7.15 6.10 6.49
C LYS A 37 -8.44 5.29 6.55
N GLN A 38 -9.08 5.10 5.40
CA GLN A 38 -10.42 4.55 5.30
C GLN A 38 -10.59 3.95 3.91
N ILE A 39 -11.49 2.98 3.78
CA ILE A 39 -11.93 2.42 2.52
C ILE A 39 -13.38 2.86 2.40
N LEU A 40 -13.66 3.71 1.41
CA LEU A 40 -14.99 4.25 1.17
C LEU A 40 -15.78 3.32 0.26
N ASP A 41 -15.08 2.51 -0.54
CA ASP A 41 -15.62 1.71 -1.63
C ASP A 41 -14.72 0.48 -1.78
N ILE A 42 -15.14 -0.61 -1.14
CA ILE A 42 -14.35 -1.82 -0.91
C ILE A 42 -13.91 -2.42 -2.23
N GLN A 43 -14.84 -2.74 -3.13
CA GLN A 43 -14.55 -3.45 -4.37
C GLN A 43 -13.63 -2.69 -5.34
N GLY A 44 -13.39 -1.40 -5.12
CA GLY A 44 -12.39 -0.66 -5.87
C GLY A 44 -10.96 -1.06 -5.47
N CYS A 45 -10.75 -1.38 -4.19
CA CYS A 45 -9.47 -1.82 -3.65
C CYS A 45 -9.67 -3.15 -2.91
N PRO A 46 -10.00 -4.24 -3.63
CA PRO A 46 -10.37 -5.49 -3.01
C PRO A 46 -9.15 -6.09 -2.30
N GLY A 47 -9.31 -6.54 -1.05
CA GLY A 47 -8.21 -7.07 -0.26
C GLY A 47 -7.34 -6.01 0.40
N LEU A 48 -7.57 -4.71 0.15
CA LEU A 48 -6.99 -3.64 0.94
C LEU A 48 -7.65 -3.68 2.31
N CYS A 49 -6.87 -3.58 3.39
CA CYS A 49 -7.32 -3.67 4.76
C CYS A 49 -6.62 -2.56 5.54
N GLU A 50 -7.36 -1.78 6.32
CA GLU A 50 -6.90 -0.51 6.85
C GLU A 50 -5.85 -0.68 7.95
N GLY A 51 -4.99 0.33 8.10
CA GLY A 51 -3.78 0.23 8.90
C GLY A 51 -2.80 -0.77 8.28
N ASP A 52 -2.75 -0.79 6.95
CA ASP A 52 -1.66 -1.34 6.16
C ASP A 52 -0.34 -0.63 6.51
N LEU A 53 0.73 -0.93 5.76
CA LEU A 53 1.83 0.00 5.61
C LEU A 53 2.21 -0.01 4.15
N ILE A 54 2.17 1.14 3.51
CA ILE A 54 2.61 1.29 2.14
C ILE A 54 4.14 1.14 2.07
N VAL A 55 4.63 0.28 1.18
CA VAL A 55 6.05 0.02 0.97
C VAL A 55 6.47 0.26 -0.48
N GLU A 56 5.85 -0.44 -1.43
CA GLU A 56 6.18 -0.35 -2.84
C GLU A 56 4.89 -0.29 -3.63
N ILE A 57 4.82 0.66 -4.56
CA ILE A 57 3.70 0.83 -5.45
C ILE A 57 4.27 0.76 -6.85
N ASN A 58 3.68 -0.11 -7.68
CA ASN A 58 4.13 -0.45 -9.02
C ASN A 58 5.66 -0.69 -9.06
N GLN A 59 6.22 -1.33 -8.04
CA GLN A 59 7.65 -1.61 -7.88
C GLN A 59 8.53 -0.35 -7.82
N GLN A 60 7.98 0.84 -7.54
CA GLN A 60 8.71 1.98 -6.99
C GLN A 60 8.58 1.90 -5.47
N ASN A 61 9.68 2.12 -4.73
CA ASN A 61 9.66 2.23 -3.28
C ASN A 61 9.21 3.62 -2.86
N VAL A 62 8.37 3.66 -1.84
CA VAL A 62 7.65 4.82 -1.35
C VAL A 62 7.70 4.82 0.20
N GLN A 63 8.50 3.97 0.87
CA GLN A 63 8.55 3.93 2.34
C GLN A 63 9.11 5.23 2.94
N ASN A 64 9.91 6.00 2.21
CA ASN A 64 10.42 7.30 2.66
C ASN A 64 9.68 8.43 1.96
N LEU A 65 8.92 8.15 0.89
CA LEU A 65 8.14 9.10 0.12
C LEU A 65 7.12 9.80 0.97
N SER A 66 7.13 11.12 0.90
CA SER A 66 6.16 11.96 1.58
C SER A 66 4.73 11.61 1.14
N HIS A 67 3.73 12.02 1.91
CA HIS A 67 2.32 11.83 1.55
C HIS A 67 2.08 12.33 0.14
N THR A 68 2.56 13.54 -0.16
CA THR A 68 2.41 14.19 -1.43
C THR A 68 2.98 13.36 -2.58
N GLU A 69 4.09 12.65 -2.36
CA GLU A 69 4.80 11.88 -3.36
C GLU A 69 3.95 10.65 -3.70
N VAL A 70 3.46 9.95 -2.69
CA VAL A 70 2.57 8.80 -2.85
C VAL A 70 1.32 9.23 -3.63
N VAL A 71 0.71 10.35 -3.25
CA VAL A 71 -0.45 10.91 -3.94
C VAL A 71 -0.14 11.22 -5.39
N ASP A 72 1.03 11.81 -5.64
CA ASP A 72 1.46 12.21 -6.99
C ASP A 72 1.70 11.02 -7.89
N ILE A 73 2.12 9.89 -7.33
CA ILE A 73 2.31 8.64 -8.07
C ILE A 73 0.94 8.02 -8.31
N LEU A 74 0.03 8.05 -7.33
CA LEU A 74 -1.36 7.62 -7.52
C LEU A 74 -2.05 8.50 -8.57
N LYS A 75 -1.64 9.77 -8.76
CA LYS A 75 -2.13 10.63 -9.84
C LYS A 75 -1.64 10.18 -11.21
N ASP A 76 -0.46 9.55 -11.30
CA ASP A 76 0.06 9.01 -12.55
C ASP A 76 -0.64 7.69 -12.92
N CYS A 77 -1.23 6.97 -11.95
CA CYS A 77 -1.93 5.72 -12.22
C CYS A 77 -3.10 5.97 -13.18
N PRO A 78 -3.24 5.12 -14.22
CA PRO A 78 -4.37 5.18 -15.13
C PRO A 78 -5.66 4.96 -14.35
N ILE A 79 -6.62 5.83 -14.63
CA ILE A 79 -7.97 5.72 -14.10
C ILE A 79 -8.62 4.54 -14.83
N GLY A 80 -8.79 3.43 -14.12
CA GLY A 80 -9.48 2.26 -14.61
C GLY A 80 -8.55 1.14 -15.10
N SER A 81 -7.35 1.02 -14.54
CA SER A 81 -6.44 -0.10 -14.77
C SER A 81 -5.83 -0.57 -13.45
N GLU A 82 -5.26 -1.77 -13.42
CA GLU A 82 -4.66 -2.33 -12.22
C GLU A 82 -3.45 -1.48 -11.76
N THR A 83 -3.29 -1.38 -10.45
CA THR A 83 -2.16 -0.77 -9.77
C THR A 83 -1.73 -1.77 -8.70
N SER A 84 -0.44 -2.03 -8.57
CA SER A 84 0.11 -3.16 -7.86
C SER A 84 0.80 -2.62 -6.62
N LEU A 85 0.47 -3.16 -5.44
CA LEU A 85 0.84 -2.57 -4.16
C LEU A 85 1.50 -3.65 -3.33
N ILE A 86 2.59 -3.33 -2.64
CA ILE A 86 3.23 -4.16 -1.63
C ILE A 86 3.01 -3.45 -0.30
N ILE A 87 2.53 -4.18 0.71
CA ILE A 87 2.27 -3.65 2.04
C ILE A 87 2.92 -4.54 3.09
N HIS A 88 3.39 -3.95 4.19
CA HIS A 88 4.07 -4.70 5.23
C HIS A 88 3.04 -5.46 6.06
N ARG A 89 2.86 -6.76 5.79
CA ARG A 89 2.04 -7.67 6.57
C ARG A 89 2.61 -9.08 6.40
N GLY A 90 2.47 -9.90 7.43
CA GLY A 90 3.07 -11.21 7.59
C GLY A 90 2.32 -11.96 8.68
N SER A 91 2.80 -13.14 9.07
CA SER A 91 2.07 -14.02 9.96
C SER A 91 2.00 -13.43 11.37
N GLY A 92 0.79 -13.10 11.81
CA GLY A 92 0.45 -12.87 13.21
C GLY A 92 0.20 -11.40 13.53
N PRO A 93 -0.25 -11.13 14.76
CA PRO A 93 -0.32 -9.78 15.29
C PRO A 93 1.13 -9.28 15.39
N SER A 94 1.45 -8.24 14.64
CA SER A 94 2.82 -7.81 14.41
C SER A 94 2.80 -6.30 14.25
N SER A 95 2.13 -5.78 13.22
CA SER A 95 1.57 -4.44 13.27
C SER A 95 0.25 -4.49 14.05
N GLY A 96 -0.19 -3.34 14.55
CA GLY A 96 -1.52 -3.14 15.07
C GLY A 96 -1.71 -3.83 16.41
N GLY A 1 29.29 -1.55 12.65
CA GLY A 1 29.02 -2.52 11.58
C GLY A 1 27.87 -2.00 10.75
N SER A 2 28.15 -1.60 9.52
CA SER A 2 27.17 -1.25 8.50
C SER A 2 26.30 -2.48 8.22
N SER A 3 25.12 -2.54 8.84
CA SER A 3 24.14 -3.59 8.54
C SER A 3 23.63 -3.40 7.12
N GLY A 4 23.17 -4.48 6.50
CA GLY A 4 22.74 -4.55 5.11
C GLY A 4 21.25 -4.79 5.08
N SER A 5 20.47 -3.72 5.07
CA SER A 5 19.02 -3.72 5.22
C SER A 5 18.64 -4.03 6.67
N SER A 6 18.62 -5.31 7.06
CA SER A 6 18.09 -5.85 8.32
C SER A 6 16.58 -5.60 8.45
N GLY A 7 15.86 -6.47 9.16
CA GLY A 7 14.40 -6.37 9.32
C GLY A 7 13.65 -7.26 8.35
N GLN A 8 14.12 -8.50 8.16
CA GLN A 8 13.54 -9.58 7.36
C GLN A 8 12.05 -9.74 7.68
N ALA A 9 11.21 -9.73 6.65
CA ALA A 9 9.77 -10.00 6.70
C ALA A 9 9.31 -10.49 5.32
N GLU A 10 8.05 -10.90 5.21
CA GLU A 10 7.36 -11.23 3.97
C GLU A 10 6.24 -10.21 3.81
N LEU A 11 6.45 -9.19 2.98
CA LEU A 11 5.46 -8.15 2.73
C LEU A 11 4.27 -8.78 1.97
N MET A 12 3.11 -8.12 1.97
CA MET A 12 1.95 -8.56 1.20
C MET A 12 1.75 -7.64 0.01
N THR A 13 1.86 -8.24 -1.17
CA THR A 13 1.47 -7.59 -2.40
C THR A 13 -0.03 -7.79 -2.58
N LEU A 14 -0.70 -6.77 -3.12
CA LEU A 14 -2.10 -6.75 -3.51
C LEU A 14 -2.18 -5.90 -4.78
N THR A 15 -3.33 -5.95 -5.43
CA THR A 15 -3.61 -5.22 -6.65
C THR A 15 -4.91 -4.42 -6.47
N ILE A 16 -5.01 -3.26 -7.12
CA ILE A 16 -6.17 -2.38 -7.06
C ILE A 16 -6.48 -1.80 -8.44
N VAL A 17 -7.71 -1.31 -8.65
CA VAL A 17 -8.14 -0.64 -9.88
C VAL A 17 -8.78 0.69 -9.53
N LYS A 18 -8.11 1.75 -9.94
CA LYS A 18 -8.58 3.12 -9.95
C LYS A 18 -9.80 3.22 -10.86
N GLY A 19 -10.97 3.28 -10.25
CA GLY A 19 -12.24 3.29 -10.95
C GLY A 19 -12.41 4.59 -11.71
N ALA A 20 -12.46 5.70 -10.97
CA ALA A 20 -12.57 7.05 -11.48
C ALA A 20 -12.03 8.03 -10.45
N GLN A 21 -12.66 8.09 -9.28
CA GLN A 21 -12.43 9.03 -8.18
C GLN A 21 -11.14 8.70 -7.40
N GLY A 22 -10.03 8.53 -8.12
CA GLY A 22 -8.68 8.34 -7.58
C GLY A 22 -8.62 7.33 -6.44
N PHE A 23 -9.27 6.17 -6.66
CA PHE A 23 -9.33 4.95 -5.86
C PHE A 23 -10.40 4.98 -4.78
N GLY A 24 -11.02 6.13 -4.48
CA GLY A 24 -12.02 6.26 -3.43
C GLY A 24 -11.37 6.21 -2.04
N PHE A 25 -10.69 5.12 -1.67
CA PHE A 25 -9.93 4.99 -0.44
C PHE A 25 -9.02 6.19 -0.25
N THR A 26 -8.76 6.50 1.02
CA THR A 26 -8.06 7.69 1.43
C THR A 26 -6.89 7.26 2.29
N ILE A 27 -5.91 8.16 2.41
CA ILE A 27 -4.68 7.86 3.12
C ILE A 27 -4.40 8.90 4.19
N ALA A 28 -3.69 8.50 5.23
CA ALA A 28 -3.23 9.37 6.30
C ALA A 28 -1.76 9.11 6.55
N ASP A 29 -1.03 10.20 6.73
CA ASP A 29 0.40 10.27 6.88
C ASP A 29 0.80 9.71 8.25
N SER A 30 1.68 8.71 8.31
CA SER A 30 2.16 8.11 9.54
C SER A 30 3.67 8.28 9.58
N PRO A 31 4.29 8.19 10.77
CA PRO A 31 5.74 8.33 10.93
C PRO A 31 6.51 7.29 10.11
N THR A 32 5.88 6.14 9.91
CA THR A 32 6.41 4.90 9.38
C THR A 32 6.13 4.69 7.89
N GLY A 33 5.37 5.57 7.25
CA GLY A 33 4.91 5.38 5.88
C GLY A 33 3.51 5.95 5.69
N GLN A 34 3.01 5.97 4.46
CA GLN A 34 1.63 6.34 4.21
C GLN A 34 0.72 5.19 4.58
N ARG A 35 -0.48 5.52 5.10
CA ARG A 35 -1.40 4.51 5.60
C ARG A 35 -2.78 4.64 5.04
N VAL A 36 -3.49 3.52 4.94
CA VAL A 36 -4.88 3.52 4.53
C VAL A 36 -5.68 4.02 5.72
N LYS A 37 -6.21 5.24 5.60
CA LYS A 37 -7.11 5.82 6.58
C LYS A 37 -8.41 5.04 6.56
N GLN A 38 -9.10 5.05 5.42
CA GLN A 38 -10.38 4.43 5.22
C GLN A 38 -10.52 4.12 3.73
N ILE A 39 -11.14 2.98 3.43
CA ILE A 39 -11.59 2.57 2.12
C ILE A 39 -13.02 3.07 1.99
N LEU A 40 -13.30 3.80 0.90
CA LEU A 40 -14.64 4.34 0.62
C LEU A 40 -15.27 3.65 -0.56
N ASP A 41 -14.46 2.97 -1.38
CA ASP A 41 -14.88 2.26 -2.59
C ASP A 41 -14.22 0.88 -2.59
N ILE A 42 -14.77 -0.01 -1.76
CA ILE A 42 -14.17 -1.30 -1.44
C ILE A 42 -13.99 -2.17 -2.69
N GLN A 43 -14.96 -2.15 -3.62
CA GLN A 43 -14.85 -2.89 -4.87
C GLN A 43 -13.82 -2.30 -5.84
N GLY A 44 -13.28 -1.11 -5.59
CA GLY A 44 -12.14 -0.58 -6.33
C GLY A 44 -10.82 -1.07 -5.75
N CYS A 45 -10.80 -1.61 -4.53
CA CYS A 45 -9.59 -2.05 -3.87
C CYS A 45 -9.77 -3.48 -3.32
N PRO A 46 -9.84 -4.49 -4.20
CA PRO A 46 -10.06 -5.88 -3.82
C PRO A 46 -8.93 -6.37 -2.90
N GLY A 47 -9.28 -6.82 -1.70
CA GLY A 47 -8.33 -7.37 -0.74
C GLY A 47 -7.65 -6.32 0.13
N LEU A 48 -7.81 -5.02 -0.15
CA LEU A 48 -7.27 -3.95 0.67
C LEU A 48 -7.92 -3.98 2.06
N CYS A 49 -7.17 -3.65 3.11
CA CYS A 49 -7.68 -3.44 4.46
C CYS A 49 -7.20 -2.11 5.02
N GLU A 50 -7.90 -1.65 6.06
CA GLU A 50 -7.60 -0.45 6.81
C GLU A 50 -6.23 -0.62 7.47
N GLY A 51 -5.40 0.43 7.41
CA GLY A 51 -4.08 0.51 8.02
C GLY A 51 -3.03 -0.42 7.40
N ASP A 52 -3.22 -0.94 6.19
CA ASP A 52 -2.19 -1.68 5.44
C ASP A 52 -1.01 -0.76 5.05
N LEU A 53 0.12 -0.80 5.76
CA LEU A 53 1.25 0.16 5.70
C LEU A 53 1.98 0.09 4.36
N ILE A 54 1.94 1.13 3.53
CA ILE A 54 2.40 1.04 2.14
C ILE A 54 3.93 1.11 2.07
N VAL A 55 4.54 0.22 1.28
CA VAL A 55 5.99 0.08 1.12
C VAL A 55 6.38 0.33 -0.33
N GLU A 56 5.71 -0.32 -1.27
CA GLU A 56 5.92 -0.13 -2.69
C GLU A 56 4.61 0.21 -3.36
N ILE A 57 4.70 1.05 -4.38
CA ILE A 57 3.77 1.12 -5.49
C ILE A 57 4.66 0.86 -6.70
N ASN A 58 4.18 0.00 -7.62
CA ASN A 58 4.80 -0.35 -8.89
C ASN A 58 6.35 -0.36 -8.86
N GLN A 59 6.91 -1.10 -7.91
CA GLN A 59 8.32 -1.22 -7.51
C GLN A 59 9.15 0.06 -7.30
N GLN A 60 8.58 1.27 -7.39
CA GLN A 60 9.40 2.48 -7.27
C GLN A 60 10.01 2.66 -5.88
N ASN A 61 9.32 2.07 -4.93
CA ASN A 61 9.46 2.14 -3.49
C ASN A 61 9.14 3.54 -2.96
N VAL A 62 8.23 3.59 -2.00
CA VAL A 62 7.50 4.77 -1.55
C VAL A 62 7.50 4.79 -0.01
N GLN A 63 8.42 4.08 0.67
CA GLN A 63 8.58 4.17 2.11
C GLN A 63 8.97 5.57 2.57
N ASN A 64 10.12 6.07 2.11
CA ASN A 64 10.63 7.39 2.50
C ASN A 64 9.89 8.53 1.81
N LEU A 65 9.10 8.20 0.79
CA LEU A 65 8.27 9.11 0.04
C LEU A 65 7.32 9.83 0.96
N SER A 66 7.27 11.14 0.79
CA SER A 66 6.33 11.98 1.51
C SER A 66 4.90 11.58 1.10
N HIS A 67 3.89 11.92 1.90
CA HIS A 67 2.48 11.76 1.54
C HIS A 67 2.23 12.22 0.11
N THR A 68 2.71 13.42 -0.19
CA THR A 68 2.49 14.05 -1.47
C THR A 68 3.07 13.23 -2.64
N GLU A 69 4.17 12.51 -2.43
CA GLU A 69 4.81 11.69 -3.46
C GLU A 69 3.93 10.46 -3.72
N VAL A 70 3.45 9.81 -2.65
CA VAL A 70 2.60 8.63 -2.74
C VAL A 70 1.27 8.99 -3.42
N VAL A 71 0.72 10.16 -3.12
CA VAL A 71 -0.45 10.72 -3.77
C VAL A 71 -0.17 10.92 -5.25
N ASP A 72 0.93 11.59 -5.57
CA ASP A 72 1.29 12.02 -6.93
C ASP A 72 1.47 10.80 -7.82
N ILE A 73 2.07 9.74 -7.30
CA ILE A 73 2.13 8.42 -7.92
C ILE A 73 0.72 7.91 -8.20
N LEU A 74 -0.14 7.84 -7.20
CA LEU A 74 -1.49 7.31 -7.39
C LEU A 74 -2.31 8.19 -8.32
N LYS A 75 -1.97 9.45 -8.50
CA LYS A 75 -2.55 10.31 -9.52
C LYS A 75 -2.07 9.88 -10.90
N ASP A 76 -0.79 9.54 -11.06
CA ASP A 76 -0.23 9.05 -12.32
C ASP A 76 -0.64 7.61 -12.67
N CYS A 77 -1.06 6.81 -11.69
CA CYS A 77 -1.70 5.52 -11.93
C CYS A 77 -2.93 5.72 -12.84
N PRO A 78 -3.03 4.95 -13.93
CA PRO A 78 -4.14 5.03 -14.85
C PRO A 78 -5.46 4.70 -14.18
N ILE A 79 -6.47 5.46 -14.58
CA ILE A 79 -7.85 5.17 -14.31
C ILE A 79 -8.23 4.02 -15.25
N GLY A 80 -8.60 2.87 -14.68
CA GLY A 80 -8.90 1.65 -15.42
C GLY A 80 -7.62 0.91 -15.78
N SER A 81 -6.73 0.68 -14.82
CA SER A 81 -5.69 -0.34 -14.92
C SER A 81 -5.46 -0.91 -13.54
N GLU A 82 -4.95 -2.14 -13.47
CA GLU A 82 -4.45 -2.69 -12.22
C GLU A 82 -3.16 -1.97 -11.84
N THR A 83 -3.10 -1.48 -10.61
CA THR A 83 -1.89 -1.03 -9.94
C THR A 83 -1.45 -2.14 -8.98
N SER A 84 -0.15 -2.34 -8.85
CA SER A 84 0.48 -3.33 -8.00
C SER A 84 1.05 -2.54 -6.82
N LEU A 85 0.71 -2.93 -5.58
CA LEU A 85 1.23 -2.29 -4.39
C LEU A 85 1.68 -3.34 -3.40
N ILE A 86 2.58 -2.99 -2.50
CA ILE A 86 3.11 -3.87 -1.47
C ILE A 86 2.95 -3.16 -0.14
N ILE A 87 2.48 -3.88 0.88
CA ILE A 87 2.24 -3.36 2.23
C ILE A 87 2.97 -4.21 3.26
N HIS A 88 3.21 -3.64 4.44
CA HIS A 88 3.86 -4.34 5.54
C HIS A 88 2.86 -5.21 6.29
N ARG A 89 3.14 -6.52 6.38
CA ARG A 89 2.37 -7.48 7.18
C ARG A 89 3.26 -8.50 7.85
N GLY A 90 4.21 -9.07 7.10
CA GLY A 90 5.10 -10.13 7.56
C GLY A 90 5.74 -9.79 8.89
N SER A 91 5.76 -10.80 9.76
CA SER A 91 6.05 -10.72 11.20
C SER A 91 5.87 -12.12 11.83
N GLY A 92 4.81 -12.82 11.41
CA GLY A 92 4.40 -14.09 11.98
C GLY A 92 4.10 -13.99 13.48
N PRO A 93 3.82 -15.12 14.14
CA PRO A 93 3.45 -15.16 15.54
C PRO A 93 4.71 -15.13 16.45
N SER A 94 5.46 -14.02 16.42
CA SER A 94 6.65 -13.74 17.23
C SER A 94 7.87 -14.36 16.54
N SER A 95 8.69 -13.54 15.85
CA SER A 95 9.82 -14.00 15.04
C SER A 95 9.37 -15.10 14.07
N GLY A 96 8.19 -14.97 13.47
CA GLY A 96 7.68 -15.94 12.53
C GLY A 96 8.09 -15.59 11.12
N GLY A 1 21.89 -21.91 -3.50
CA GLY A 1 22.51 -20.64 -3.06
C GLY A 1 23.26 -20.84 -1.76
N SER A 2 24.45 -20.22 -1.62
CA SER A 2 25.38 -20.46 -0.53
C SER A 2 26.04 -19.14 -0.10
N SER A 3 26.53 -19.07 1.15
CA SER A 3 27.34 -17.97 1.68
C SER A 3 26.78 -16.57 1.39
N GLY A 4 25.46 -16.42 1.47
CA GLY A 4 24.74 -15.24 0.99
C GLY A 4 24.53 -14.19 2.07
N SER A 5 23.77 -13.17 1.70
CA SER A 5 23.38 -12.02 2.51
C SER A 5 21.85 -11.97 2.68
N SER A 6 21.31 -11.05 3.49
CA SER A 6 19.87 -10.95 3.78
C SER A 6 19.26 -12.26 4.30
N GLY A 7 17.93 -12.31 4.41
CA GLY A 7 17.15 -13.53 4.56
C GLY A 7 15.97 -13.44 3.61
N GLN A 8 14.84 -12.93 4.09
CA GLN A 8 13.63 -12.68 3.30
C GLN A 8 12.82 -11.57 4.00
N ALA A 9 11.75 -11.07 3.38
CA ALA A 9 10.85 -10.06 3.94
C ALA A 9 9.41 -10.57 3.95
N GLU A 10 8.61 -10.03 4.85
CA GLU A 10 7.20 -10.38 5.07
C GLU A 10 6.37 -9.14 4.74
N LEU A 11 5.87 -9.09 3.51
CA LEU A 11 4.98 -8.04 3.01
C LEU A 11 3.85 -8.70 2.23
N MET A 12 2.77 -7.95 2.01
CA MET A 12 1.64 -8.38 1.19
C MET A 12 1.60 -7.56 -0.08
N THR A 13 1.80 -8.23 -1.19
CA THR A 13 1.58 -7.68 -2.52
C THR A 13 0.08 -7.84 -2.83
N LEU A 14 -0.58 -6.76 -3.26
CA LEU A 14 -2.03 -6.64 -3.47
C LEU A 14 -2.23 -5.87 -4.78
N THR A 15 -3.45 -5.82 -5.30
CA THR A 15 -3.79 -4.97 -6.43
C THR A 15 -4.95 -4.05 -6.02
N ILE A 16 -4.97 -2.88 -6.62
CA ILE A 16 -6.08 -1.96 -6.65
C ILE A 16 -6.31 -1.52 -8.09
N VAL A 17 -7.55 -1.13 -8.42
CA VAL A 17 -7.98 -0.87 -9.78
C VAL A 17 -8.81 0.42 -9.75
N LYS A 18 -8.18 1.49 -10.23
CA LYS A 18 -8.66 2.86 -10.13
C LYS A 18 -9.90 3.04 -11.00
N GLY A 19 -11.03 3.39 -10.40
CA GLY A 19 -12.32 3.52 -11.09
C GLY A 19 -12.39 4.83 -11.85
N ALA A 20 -12.35 5.96 -11.14
CA ALA A 20 -12.35 7.30 -11.72
C ALA A 20 -11.80 8.33 -10.71
N GLN A 21 -12.44 8.42 -9.54
CA GLN A 21 -12.12 9.36 -8.45
C GLN A 21 -10.89 8.86 -7.69
N GLY A 22 -9.77 8.67 -8.40
CA GLY A 22 -8.50 8.23 -7.86
C GLY A 22 -8.67 7.09 -6.86
N PHE A 23 -9.20 5.97 -7.35
CA PHE A 23 -9.61 4.80 -6.59
C PHE A 23 -10.83 5.14 -5.74
N GLY A 24 -10.65 5.94 -4.70
CA GLY A 24 -11.71 6.36 -3.80
C GLY A 24 -11.14 6.40 -2.39
N PHE A 25 -10.52 5.29 -1.97
CA PHE A 25 -9.92 5.17 -0.63
C PHE A 25 -8.96 6.33 -0.34
N THR A 26 -8.74 6.55 0.95
CA THR A 26 -7.98 7.66 1.47
C THR A 26 -6.73 7.10 2.15
N ILE A 27 -5.66 7.90 2.18
CA ILE A 27 -4.45 7.58 2.91
C ILE A 27 -4.23 8.64 4.00
N ALA A 28 -3.44 8.28 5.01
CA ALA A 28 -3.11 9.03 6.19
C ALA A 28 -1.60 8.98 6.32
N ASP A 29 -1.00 10.16 6.50
CA ASP A 29 0.41 10.28 6.81
C ASP A 29 0.61 9.77 8.23
N SER A 30 1.54 8.84 8.44
CA SER A 30 1.90 8.31 9.74
C SER A 30 3.42 8.54 9.96
N PRO A 31 3.95 8.35 11.18
CA PRO A 31 5.37 8.43 11.45
C PRO A 31 6.13 7.39 10.63
N THR A 32 5.50 6.24 10.44
CA THR A 32 6.01 5.06 9.78
C THR A 32 5.89 5.10 8.25
N GLY A 33 5.49 6.24 7.67
CA GLY A 33 5.21 6.37 6.26
C GLY A 33 3.70 6.36 6.02
N GLN A 34 3.26 6.01 4.82
CA GLN A 34 1.88 6.16 4.41
C GLN A 34 1.06 4.97 4.87
N ARG A 35 -0.16 5.25 5.31
CA ARG A 35 -1.13 4.25 5.74
C ARG A 35 -2.45 4.53 5.08
N VAL A 36 -3.35 3.58 5.12
CA VAL A 36 -4.69 3.74 4.57
C VAL A 36 -5.56 4.31 5.68
N LYS A 37 -6.20 5.45 5.40
CA LYS A 37 -7.14 6.12 6.29
C LYS A 37 -8.44 5.34 6.30
N GLN A 38 -9.18 5.32 5.20
CA GLN A 38 -10.52 4.73 5.10
C GLN A 38 -10.77 4.35 3.65
N ILE A 39 -11.36 3.17 3.42
CA ILE A 39 -11.74 2.69 2.10
C ILE A 39 -13.11 3.27 1.78
N LEU A 40 -13.23 3.87 0.60
CA LEU A 40 -14.49 4.45 0.12
C LEU A 40 -15.07 3.62 -1.03
N ASP A 41 -14.34 2.62 -1.56
CA ASP A 41 -14.83 1.70 -2.58
C ASP A 41 -14.14 0.35 -2.39
N ILE A 42 -14.90 -0.68 -2.03
CA ILE A 42 -14.41 -2.04 -1.83
C ILE A 42 -13.98 -2.64 -3.17
N GLN A 43 -14.88 -2.68 -4.18
CA GLN A 43 -14.56 -3.25 -5.49
C GLN A 43 -13.35 -2.55 -6.11
N GLY A 44 -13.18 -1.25 -5.84
CA GLY A 44 -12.06 -0.47 -6.36
C GLY A 44 -10.71 -0.87 -5.78
N CYS A 45 -10.67 -1.46 -4.58
CA CYS A 45 -9.42 -1.80 -3.90
C CYS A 45 -9.45 -3.24 -3.35
N PRO A 46 -9.36 -4.27 -4.22
CA PRO A 46 -9.36 -5.70 -3.87
C PRO A 46 -8.37 -6.12 -2.78
N GLY A 47 -8.88 -6.50 -1.60
CA GLY A 47 -8.08 -7.05 -0.50
C GLY A 47 -7.38 -5.98 0.35
N LEU A 48 -7.39 -4.74 -0.13
CA LEU A 48 -6.86 -3.55 0.54
C LEU A 48 -7.49 -3.40 1.92
N CYS A 49 -6.77 -2.77 2.83
CA CYS A 49 -7.13 -2.63 4.24
C CYS A 49 -6.70 -1.29 4.79
N GLU A 50 -7.44 -0.82 5.79
CA GLU A 50 -7.07 0.33 6.61
C GLU A 50 -5.75 0.03 7.32
N GLY A 51 -4.90 1.05 7.44
CA GLY A 51 -3.62 0.93 8.11
C GLY A 51 -2.63 0.01 7.41
N ASP A 52 -2.89 -0.44 6.18
CA ASP A 52 -1.88 -1.08 5.32
C ASP A 52 -0.71 -0.12 5.24
N LEU A 53 0.46 -0.51 5.75
CA LEU A 53 1.66 0.34 5.75
C LEU A 53 2.24 0.27 4.34
N ILE A 54 2.09 1.28 3.50
CA ILE A 54 2.48 1.22 2.09
C ILE A 54 4.01 1.14 2.00
N VAL A 55 4.56 0.39 1.04
CA VAL A 55 6.00 0.20 0.86
C VAL A 55 6.37 0.45 -0.59
N GLU A 56 5.70 -0.22 -1.55
CA GLU A 56 5.95 -0.03 -2.97
C GLU A 56 4.62 0.22 -3.68
N ILE A 57 4.66 1.05 -4.71
CA ILE A 57 3.61 1.24 -5.69
C ILE A 57 4.30 1.02 -7.02
N ASN A 58 3.79 0.11 -7.82
CA ASN A 58 4.26 -0.30 -9.14
C ASN A 58 5.77 -0.57 -9.10
N GLN A 59 6.23 -1.18 -8.01
CA GLN A 59 7.59 -1.62 -7.75
C GLN A 59 8.57 -0.45 -7.47
N GLN A 60 8.11 0.80 -7.50
CA GLN A 60 8.86 1.96 -7.02
C GLN A 60 8.76 1.99 -5.49
N ASN A 61 9.88 2.22 -4.80
CA ASN A 61 9.93 2.37 -3.35
C ASN A 61 9.30 3.69 -2.96
N VAL A 62 8.27 3.62 -2.12
CA VAL A 62 7.53 4.78 -1.65
C VAL A 62 7.53 4.88 -0.12
N GLN A 63 8.28 4.04 0.61
CA GLN A 63 8.44 4.21 2.05
C GLN A 63 9.07 5.57 2.36
N ASN A 64 10.12 5.91 1.61
CA ASN A 64 10.98 7.08 1.82
C ASN A 64 10.43 8.33 1.11
N LEU A 65 9.12 8.37 0.86
CA LEU A 65 8.43 9.41 0.12
C LEU A 65 7.34 10.04 0.97
N SER A 66 7.20 11.36 0.85
CA SER A 66 6.22 12.11 1.61
C SER A 66 4.81 11.74 1.12
N HIS A 67 3.81 11.97 1.96
CA HIS A 67 2.42 11.61 1.70
C HIS A 67 2.01 12.04 0.30
N THR A 68 2.22 13.31 -0.04
CA THR A 68 1.77 13.88 -1.28
C THR A 68 2.51 13.27 -2.49
N GLU A 69 3.73 12.78 -2.33
CA GLU A 69 4.44 12.08 -3.40
C GLU A 69 3.77 10.74 -3.64
N VAL A 70 3.40 10.02 -2.58
CA VAL A 70 2.71 8.75 -2.69
C VAL A 70 1.31 8.94 -3.28
N VAL A 71 0.62 10.04 -2.94
CA VAL A 71 -0.62 10.46 -3.60
C VAL A 71 -0.35 10.66 -5.09
N ASP A 72 0.72 11.36 -5.43
CA ASP A 72 1.02 11.77 -6.82
C ASP A 72 1.40 10.59 -7.70
N ILE A 73 2.00 9.57 -7.10
CA ILE A 73 2.26 8.29 -7.74
C ILE A 73 0.91 7.60 -7.97
N LEU A 74 0.03 7.53 -6.98
CA LEU A 74 -1.31 7.00 -7.19
C LEU A 74 -2.11 7.84 -8.21
N LYS A 75 -1.80 9.14 -8.39
CA LYS A 75 -2.41 9.98 -9.44
C LYS A 75 -1.84 9.64 -10.81
N ASP A 76 -0.55 9.27 -10.90
CA ASP A 76 0.07 8.80 -12.14
C ASP A 76 -0.80 7.69 -12.72
N CYS A 77 -1.14 6.71 -11.87
CA CYS A 77 -1.79 5.46 -12.23
C CYS A 77 -2.90 5.65 -13.26
N PRO A 78 -2.76 5.09 -14.47
CA PRO A 78 -3.77 5.11 -15.49
C PRO A 78 -5.02 4.46 -14.92
N ILE A 79 -6.11 5.18 -15.04
CA ILE A 79 -7.41 4.76 -14.55
C ILE A 79 -7.79 3.48 -15.32
N GLY A 80 -8.41 2.53 -14.61
CA GLY A 80 -8.72 1.19 -15.07
C GLY A 80 -7.48 0.37 -15.46
N SER A 81 -6.27 0.76 -15.05
CA SER A 81 -5.12 -0.13 -15.08
C SER A 81 -5.11 -0.90 -13.76
N GLU A 82 -4.42 -2.02 -13.70
CA GLU A 82 -4.09 -2.65 -12.45
C GLU A 82 -2.89 -1.93 -11.85
N THR A 83 -2.98 -1.65 -10.57
CA THR A 83 -1.96 -1.00 -9.80
C THR A 83 -1.56 -1.99 -8.68
N SER A 84 -0.36 -2.55 -8.78
CA SER A 84 0.23 -3.56 -7.93
C SER A 84 0.91 -2.88 -6.75
N LEU A 85 0.30 -2.92 -5.57
CA LEU A 85 0.88 -2.29 -4.39
C LEU A 85 1.60 -3.35 -3.55
N ILE A 86 2.50 -2.93 -2.68
CA ILE A 86 3.13 -3.76 -1.66
C ILE A 86 2.97 -3.02 -0.33
N ILE A 87 2.49 -3.70 0.71
CA ILE A 87 2.26 -3.14 2.04
C ILE A 87 2.92 -4.04 3.08
N HIS A 88 3.35 -3.46 4.20
CA HIS A 88 4.05 -4.11 5.29
C HIS A 88 3.03 -4.80 6.20
N ARG A 89 3.10 -6.12 6.29
CA ARG A 89 2.26 -6.95 7.13
C ARG A 89 3.00 -8.27 7.27
N GLY A 90 3.45 -8.58 8.50
CA GLY A 90 4.02 -9.88 8.84
C GLY A 90 3.75 -10.09 10.32
N SER A 91 4.74 -9.81 11.17
CA SER A 91 4.71 -9.97 12.63
C SER A 91 4.83 -11.45 13.00
N GLY A 92 5.38 -11.71 14.19
CA GLY A 92 5.82 -13.03 14.60
C GLY A 92 5.76 -13.17 16.12
N PRO A 93 6.41 -14.22 16.67
CA PRO A 93 6.41 -14.52 18.09
C PRO A 93 7.32 -13.62 18.92
N SER A 94 7.92 -12.57 18.35
CA SER A 94 8.91 -11.62 18.87
C SER A 94 9.99 -11.50 17.80
N SER A 95 10.00 -10.36 17.12
CA SER A 95 10.87 -9.99 16.01
C SER A 95 10.33 -10.61 14.72
N GLY A 96 10.44 -9.85 13.63
CA GLY A 96 9.87 -10.15 12.34
C GLY A 96 9.95 -8.88 11.50
N GLY A 1 16.16 -30.25 6.14
CA GLY A 1 16.72 -30.94 4.96
C GLY A 1 17.92 -30.16 4.47
N SER A 2 18.25 -30.26 3.18
CA SER A 2 19.04 -29.26 2.49
C SER A 2 18.30 -27.93 2.55
N SER A 3 17.04 -27.96 2.07
CA SER A 3 16.10 -26.86 2.09
C SER A 3 16.73 -25.59 1.48
N GLY A 4 16.89 -25.59 0.16
CA GLY A 4 17.29 -24.42 -0.61
C GLY A 4 16.21 -23.36 -0.50
N SER A 5 16.38 -22.43 0.46
CA SER A 5 15.51 -21.32 0.83
C SER A 5 14.05 -21.72 1.16
N SER A 6 13.62 -21.48 2.40
CA SER A 6 12.22 -21.57 2.82
C SER A 6 11.99 -20.68 4.04
N GLY A 7 11.71 -19.39 3.77
CA GLY A 7 11.21 -18.44 4.76
C GLY A 7 9.69 -18.29 4.60
N GLN A 8 9.05 -17.61 5.56
CA GLN A 8 7.66 -17.16 5.51
C GLN A 8 7.56 -15.80 6.22
N ALA A 9 6.44 -15.11 5.99
CA ALA A 9 6.15 -13.74 6.35
C ALA A 9 7.27 -12.79 5.89
N GLU A 10 7.17 -12.34 4.65
CA GLU A 10 8.06 -11.33 4.09
C GLU A 10 7.24 -10.57 3.04
N LEU A 11 6.74 -9.38 3.39
CA LEU A 11 5.78 -8.49 2.71
C LEU A 11 4.47 -9.15 2.25
N MET A 12 3.48 -8.34 1.85
CA MET A 12 2.25 -8.78 1.19
C MET A 12 2.02 -7.90 -0.04
N THR A 13 2.10 -8.47 -1.24
CA THR A 13 1.59 -7.82 -2.44
C THR A 13 0.07 -8.01 -2.45
N LEU A 14 -0.64 -6.98 -2.91
CA LEU A 14 -2.07 -6.94 -3.16
C LEU A 14 -2.28 -6.10 -4.44
N THR A 15 -3.48 -6.09 -5.01
CA THR A 15 -3.76 -5.27 -6.19
C THR A 15 -4.96 -4.37 -5.87
N ILE A 16 -5.07 -3.25 -6.57
CA ILE A 16 -6.26 -2.41 -6.62
C ILE A 16 -6.53 -2.08 -8.09
N VAL A 17 -7.68 -1.49 -8.41
CA VAL A 17 -7.91 -0.80 -9.69
C VAL A 17 -8.12 0.66 -9.33
N LYS A 18 -7.79 1.59 -10.21
CA LYS A 18 -8.15 2.99 -9.96
C LYS A 18 -9.66 3.18 -10.09
N GLY A 19 -10.18 4.30 -9.60
CA GLY A 19 -11.55 4.76 -9.77
C GLY A 19 -11.50 6.26 -10.08
N ALA A 20 -12.60 6.85 -10.57
CA ALA A 20 -12.56 8.18 -11.19
C ALA A 20 -12.37 9.35 -10.21
N GLN A 21 -12.72 9.21 -8.92
CA GLN A 21 -12.28 10.14 -7.86
C GLN A 21 -10.81 9.89 -7.49
N GLY A 22 -10.07 9.11 -8.27
CA GLY A 22 -8.69 8.74 -8.04
C GLY A 22 -8.61 7.73 -6.91
N PHE A 23 -9.11 6.54 -7.21
CA PHE A 23 -9.29 5.37 -6.34
C PHE A 23 -10.51 5.54 -5.43
N GLY A 24 -10.89 4.44 -4.79
CA GLY A 24 -12.00 4.33 -3.85
C GLY A 24 -11.52 4.06 -2.44
N PHE A 25 -10.32 4.50 -2.10
CA PHE A 25 -9.81 4.49 -0.74
C PHE A 25 -9.07 5.80 -0.51
N THR A 26 -8.65 6.05 0.72
CA THR A 26 -8.01 7.27 1.16
C THR A 26 -6.76 6.89 1.94
N ILE A 27 -5.72 7.71 1.84
CA ILE A 27 -4.51 7.53 2.63
C ILE A 27 -4.32 8.75 3.53
N ALA A 28 -3.65 8.51 4.66
CA ALA A 28 -3.21 9.50 5.61
C ALA A 28 -1.72 9.30 5.84
N ASP A 29 -1.05 10.38 6.23
CA ASP A 29 0.34 10.39 6.63
C ASP A 29 0.47 9.69 7.99
N SER A 30 1.38 8.72 8.08
CA SER A 30 1.84 8.15 9.34
C SER A 30 3.36 8.36 9.39
N PRO A 31 3.98 8.33 10.59
CA PRO A 31 5.42 8.46 10.77
C PRO A 31 6.24 7.25 10.26
N THR A 32 5.64 6.32 9.52
CA THR A 32 6.23 5.03 9.20
C THR A 32 6.25 4.73 7.70
N GLY A 33 5.61 5.59 6.89
CA GLY A 33 5.18 5.28 5.55
C GLY A 33 3.71 5.72 5.44
N GLN A 34 3.17 5.72 4.23
CA GLN A 34 1.75 6.04 4.07
C GLN A 34 0.90 4.89 4.58
N ARG A 35 -0.31 5.23 5.05
CA ARG A 35 -1.27 4.26 5.52
C ARG A 35 -2.66 4.63 5.06
N VAL A 36 -3.54 3.65 5.09
CA VAL A 36 -4.93 3.76 4.71
C VAL A 36 -5.68 4.42 5.84
N LYS A 37 -6.32 5.53 5.52
CA LYS A 37 -7.38 6.11 6.34
C LYS A 37 -8.61 5.22 6.25
N GLN A 38 -9.11 4.96 5.04
CA GLN A 38 -10.36 4.23 4.85
C GLN A 38 -10.46 3.71 3.42
N ILE A 39 -11.07 2.55 3.24
CA ILE A 39 -11.34 1.90 1.96
C ILE A 39 -12.84 2.00 1.75
N LEU A 40 -13.26 3.05 1.05
CA LEU A 40 -14.66 3.36 0.80
C LEU A 40 -15.26 2.34 -0.17
N ASP A 41 -14.44 1.76 -1.05
CA ASP A 41 -14.85 0.89 -2.14
C ASP A 41 -13.94 -0.32 -2.22
N ILE A 42 -14.32 -1.39 -1.52
CA ILE A 42 -13.56 -2.62 -1.44
C ILE A 42 -13.47 -3.29 -2.82
N GLN A 43 -14.55 -3.30 -3.60
CA GLN A 43 -14.51 -3.81 -4.96
C GLN A 43 -13.75 -2.89 -5.93
N GLY A 44 -13.31 -1.70 -5.50
CA GLY A 44 -12.34 -0.90 -6.22
C GLY A 44 -10.91 -1.20 -5.77
N CYS A 45 -10.73 -1.71 -4.54
CA CYS A 45 -9.44 -1.99 -3.93
C CYS A 45 -9.46 -3.36 -3.24
N PRO A 46 -9.56 -4.47 -4.01
CA PRO A 46 -9.79 -5.79 -3.45
C PRO A 46 -8.66 -6.19 -2.49
N GLY A 47 -9.07 -6.76 -1.35
CA GLY A 47 -8.18 -7.32 -0.34
C GLY A 47 -7.37 -6.31 0.46
N LEU A 48 -7.38 -5.03 0.07
CA LEU A 48 -6.60 -3.98 0.72
C LEU A 48 -7.07 -3.84 2.18
N CYS A 49 -6.16 -3.53 3.11
CA CYS A 49 -6.43 -3.48 4.54
C CYS A 49 -6.39 -2.05 5.07
N GLU A 50 -7.20 -1.74 6.08
CA GLU A 50 -7.03 -0.52 6.86
C GLU A 50 -5.80 -0.68 7.76
N GLY A 51 -5.15 0.45 8.07
CA GLY A 51 -3.85 0.49 8.75
C GLY A 51 -2.87 -0.54 8.17
N ASP A 52 -2.83 -0.63 6.84
CA ASP A 52 -1.75 -1.20 6.04
C ASP A 52 -0.43 -0.46 6.37
N LEU A 53 0.67 -0.77 5.67
CA LEU A 53 1.85 0.09 5.66
C LEU A 53 2.40 0.05 4.26
N ILE A 54 2.20 1.09 3.46
CA ILE A 54 2.58 1.09 2.05
C ILE A 54 4.11 1.02 1.96
N VAL A 55 4.62 0.11 1.13
CA VAL A 55 6.04 -0.12 0.89
C VAL A 55 6.38 0.15 -0.57
N GLU A 56 5.61 -0.42 -1.48
CA GLU A 56 5.80 -0.28 -2.92
C GLU A 56 4.44 -0.07 -3.55
N ILE A 57 4.42 0.76 -4.59
CA ILE A 57 3.31 0.96 -5.51
C ILE A 57 3.96 0.80 -6.88
N ASN A 58 3.42 -0.09 -7.69
CA ASN A 58 3.93 -0.43 -9.02
C ASN A 58 5.45 -0.60 -9.00
N GLN A 59 5.99 -1.42 -8.08
CA GLN A 59 7.41 -1.67 -7.82
C GLN A 59 8.19 -0.47 -7.25
N GLN A 60 7.73 0.75 -7.51
CA GLN A 60 8.36 1.98 -7.07
C GLN A 60 8.19 2.05 -5.56
N ASN A 61 9.28 2.42 -4.89
CA ASN A 61 9.49 2.10 -3.49
C ASN A 61 9.38 3.36 -2.67
N VAL A 62 8.41 3.37 -1.77
CA VAL A 62 7.81 4.58 -1.23
C VAL A 62 7.87 4.63 0.29
N GLN A 63 8.46 3.63 0.96
CA GLN A 63 8.73 3.63 2.41
C GLN A 63 9.49 4.89 2.88
N ASN A 64 10.08 5.67 1.97
CA ASN A 64 10.91 6.84 2.21
C ASN A 64 10.44 8.06 1.40
N LEU A 65 9.31 8.01 0.70
CA LEU A 65 8.72 9.21 0.07
C LEU A 65 7.75 9.90 1.03
N SER A 66 7.44 11.17 0.79
CA SER A 66 6.47 11.92 1.59
C SER A 66 5.05 11.65 1.12
N HIS A 67 4.07 11.97 1.96
CA HIS A 67 2.65 11.77 1.68
C HIS A 67 2.26 12.31 0.32
N THR A 68 2.61 13.56 0.04
CA THR A 68 2.25 14.24 -1.20
C THR A 68 2.79 13.49 -2.41
N GLU A 69 3.98 12.90 -2.30
CA GLU A 69 4.63 12.24 -3.43
C GLU A 69 3.93 10.92 -3.70
N VAL A 70 3.56 10.19 -2.64
CA VAL A 70 2.87 8.92 -2.80
C VAL A 70 1.50 9.18 -3.42
N VAL A 71 0.81 10.24 -2.99
CA VAL A 71 -0.43 10.72 -3.59
C VAL A 71 -0.20 11.04 -5.06
N ASP A 72 0.88 11.73 -5.39
CA ASP A 72 1.08 12.25 -6.74
C ASP A 72 1.40 11.13 -7.73
N ILE A 73 2.18 10.15 -7.30
CA ILE A 73 2.43 8.92 -8.06
C ILE A 73 1.11 8.19 -8.30
N LEU A 74 0.26 8.11 -7.27
CA LEU A 74 -1.06 7.50 -7.40
C LEU A 74 -1.95 8.33 -8.34
N LYS A 75 -1.81 9.67 -8.39
CA LYS A 75 -2.48 10.52 -9.39
C LYS A 75 -1.98 10.17 -10.78
N ASP A 76 -0.67 9.96 -10.93
CA ASP A 76 0.00 9.66 -12.19
C ASP A 76 -0.40 8.29 -12.76
N CYS A 77 -0.92 7.40 -11.90
CA CYS A 77 -1.48 6.11 -12.28
C CYS A 77 -2.68 6.30 -13.22
N PRO A 78 -2.84 5.41 -14.21
CA PRO A 78 -3.97 5.41 -15.13
C PRO A 78 -5.25 5.01 -14.43
N ILE A 79 -6.33 5.66 -14.84
CA ILE A 79 -7.67 5.22 -14.52
C ILE A 79 -7.91 3.88 -15.24
N GLY A 80 -8.65 2.99 -14.58
CA GLY A 80 -9.16 1.75 -15.15
C GLY A 80 -8.16 0.61 -15.28
N SER A 81 -6.89 0.81 -14.91
CA SER A 81 -5.90 -0.26 -14.87
C SER A 81 -5.69 -0.64 -13.41
N GLU A 82 -5.19 -1.85 -13.21
CA GLU A 82 -4.70 -2.32 -11.94
C GLU A 82 -3.48 -1.51 -11.48
N THR A 83 -3.28 -1.45 -10.17
CA THR A 83 -2.10 -0.93 -9.52
C THR A 83 -1.60 -2.03 -8.58
N SER A 84 -0.31 -2.39 -8.67
CA SER A 84 0.35 -3.35 -7.82
C SER A 84 0.64 -2.58 -6.55
N LEU A 85 0.23 -3.07 -5.38
CA LEU A 85 0.63 -2.46 -4.12
C LEU A 85 1.33 -3.52 -3.28
N ILE A 86 2.24 -3.12 -2.41
CA ILE A 86 2.91 -4.00 -1.47
C ILE A 86 2.82 -3.31 -0.11
N ILE A 87 2.36 -4.04 0.91
CA ILE A 87 2.15 -3.52 2.26
C ILE A 87 2.88 -4.39 3.28
N HIS A 88 3.05 -3.88 4.51
CA HIS A 88 3.81 -4.55 5.57
C HIS A 88 2.88 -5.02 6.70
N ARG A 89 2.84 -6.34 6.94
CA ARG A 89 2.10 -7.01 8.04
C ARG A 89 2.69 -8.42 8.25
N GLY A 90 3.72 -8.53 9.09
CA GLY A 90 4.33 -9.83 9.41
C GLY A 90 5.50 -9.61 10.36
N SER A 91 5.23 -8.98 11.50
CA SER A 91 6.21 -8.32 12.33
C SER A 91 6.16 -8.80 13.79
N GLY A 92 5.59 -9.97 14.07
CA GLY A 92 5.31 -10.41 15.43
C GLY A 92 3.82 -10.68 15.60
N PRO A 93 3.30 -10.72 16.83
CA PRO A 93 1.86 -10.77 17.07
C PRO A 93 1.19 -9.50 16.52
N SER A 94 -0.10 -9.56 16.27
CA SER A 94 -0.92 -8.46 15.78
C SER A 94 -2.19 -8.43 16.63
N SER A 95 -2.40 -7.34 17.37
CA SER A 95 -3.53 -7.13 18.27
C SER A 95 -3.95 -5.66 18.22
N GLY A 96 -5.02 -5.30 18.92
CA GLY A 96 -5.65 -3.99 18.81
C GLY A 96 -6.42 -3.94 17.51
N GLY A 1 28.87 -16.95 10.03
CA GLY A 1 27.73 -16.65 9.14
C GLY A 1 27.13 -15.33 9.55
N SER A 2 25.95 -15.01 9.00
CA SER A 2 25.24 -13.74 9.17
C SER A 2 25.94 -12.66 8.37
N SER A 3 25.48 -12.46 7.14
CA SER A 3 26.00 -11.57 6.14
C SER A 3 24.76 -10.98 5.44
N GLY A 4 24.22 -9.90 6.01
CA GLY A 4 22.99 -9.28 5.62
C GLY A 4 22.21 -8.98 6.89
N SER A 5 21.65 -10.03 7.51
CA SER A 5 20.72 -10.01 8.63
C SER A 5 19.47 -9.17 8.37
N SER A 6 19.60 -7.86 8.18
CA SER A 6 18.53 -6.99 7.74
C SER A 6 18.02 -7.45 6.37
N GLY A 7 16.78 -7.91 6.32
CA GLY A 7 16.09 -8.29 5.09
C GLY A 7 14.60 -8.18 5.36
N GLN A 8 13.92 -7.29 4.62
CA GLN A 8 12.49 -7.07 4.80
C GLN A 8 11.73 -8.36 4.50
N ALA A 9 10.76 -8.68 5.36
CA ALA A 9 9.89 -9.84 5.33
C ALA A 9 8.61 -9.49 6.11
N GLU A 10 7.64 -10.41 6.15
CA GLU A 10 6.27 -10.18 6.61
C GLU A 10 5.66 -9.01 5.83
N LEU A 11 5.61 -9.16 4.50
CA LEU A 11 5.02 -8.22 3.57
C LEU A 11 3.84 -8.91 2.88
N MET A 12 2.91 -8.13 2.34
CA MET A 12 1.80 -8.62 1.53
C MET A 12 1.75 -7.83 0.24
N THR A 13 1.37 -8.49 -0.84
CA THR A 13 1.41 -7.98 -2.21
C THR A 13 -0.02 -8.04 -2.73
N LEU A 14 -0.61 -6.88 -2.97
CA LEU A 14 -2.02 -6.66 -3.30
C LEU A 14 -2.08 -6.02 -4.68
N THR A 15 -3.27 -5.95 -5.28
CA THR A 15 -3.50 -5.19 -6.50
C THR A 15 -4.77 -4.36 -6.35
N ILE A 16 -4.82 -3.20 -7.03
CA ILE A 16 -6.00 -2.35 -7.13
C ILE A 16 -6.12 -1.78 -8.54
N VAL A 17 -7.36 -1.61 -9.02
CA VAL A 17 -7.68 -1.08 -10.34
C VAL A 17 -8.44 0.22 -10.12
N LYS A 18 -7.90 1.35 -10.59
CA LYS A 18 -8.57 2.64 -10.47
C LYS A 18 -9.96 2.58 -11.10
N GLY A 19 -10.98 3.04 -10.37
CA GLY A 19 -12.35 3.08 -10.84
C GLY A 19 -12.56 4.26 -11.78
N ALA A 20 -12.78 5.45 -11.22
CA ALA A 20 -12.85 6.71 -11.94
C ALA A 20 -12.49 7.85 -10.99
N GLN A 21 -11.79 8.86 -11.50
CA GLN A 21 -11.24 10.05 -10.82
C GLN A 21 -10.31 9.75 -9.64
N GLY A 22 -10.11 8.49 -9.27
CA GLY A 22 -9.36 8.07 -8.12
C GLY A 22 -9.72 6.62 -7.82
N PHE A 23 -9.16 6.10 -6.74
CA PHE A 23 -9.47 4.79 -6.20
C PHE A 23 -10.57 4.89 -5.13
N GLY A 24 -11.12 6.09 -4.89
CA GLY A 24 -12.05 6.36 -3.80
C GLY A 24 -11.33 6.52 -2.46
N PHE A 25 -10.50 5.54 -2.07
CA PHE A 25 -9.90 5.50 -0.75
C PHE A 25 -9.00 6.70 -0.48
N THR A 26 -8.66 6.83 0.80
CA THR A 26 -7.86 7.90 1.33
C THR A 26 -6.70 7.27 2.10
N ILE A 27 -5.57 7.98 2.17
CA ILE A 27 -4.41 7.58 2.94
C ILE A 27 -4.13 8.68 3.97
N ALA A 28 -3.21 8.39 4.86
CA ALA A 28 -2.66 9.33 5.82
C ALA A 28 -1.16 9.13 5.91
N ASP A 29 -0.50 10.14 6.44
CA ASP A 29 0.86 10.02 6.99
C ASP A 29 0.74 9.28 8.31
N SER A 30 1.70 8.42 8.63
CA SER A 30 1.87 7.81 9.94
C SER A 30 3.35 8.01 10.34
N PRO A 31 3.79 7.61 11.54
CA PRO A 31 5.20 7.70 11.93
C PRO A 31 6.10 6.80 11.08
N THR A 32 5.53 5.79 10.42
CA THR A 32 6.27 4.73 9.74
C THR A 32 6.19 4.84 8.22
N GLY A 33 5.54 5.88 7.68
CA GLY A 33 5.25 6.00 6.25
C GLY A 33 3.75 5.99 6.04
N GLN A 34 3.29 5.74 4.83
CA GLN A 34 1.89 6.00 4.48
C GLN A 34 1.03 4.83 4.93
N ARG A 35 -0.19 5.12 5.36
CA ARG A 35 -1.18 4.11 5.70
C ARG A 35 -2.48 4.45 5.03
N VAL A 36 -3.30 3.43 4.85
CA VAL A 36 -4.66 3.61 4.38
C VAL A 36 -5.44 4.17 5.56
N LYS A 37 -6.34 5.11 5.28
CA LYS A 37 -7.13 5.83 6.26
C LYS A 37 -8.56 5.32 6.21
N GLN A 38 -9.24 5.52 5.08
CA GLN A 38 -10.63 5.11 4.88
C GLN A 38 -10.77 4.64 3.44
N ILE A 39 -11.42 3.51 3.22
CA ILE A 39 -11.75 2.94 1.91
C ILE A 39 -13.21 3.32 1.60
N LEU A 40 -13.51 3.75 0.37
CA LEU A 40 -14.83 4.24 -0.01
C LEU A 40 -15.40 3.42 -1.17
N ASP A 41 -14.62 3.25 -2.23
CA ASP A 41 -14.94 2.43 -3.39
C ASP A 41 -14.34 1.05 -3.11
N ILE A 42 -15.18 0.16 -2.58
CA ILE A 42 -14.83 -1.15 -2.07
C ILE A 42 -14.32 -2.04 -3.21
N GLN A 43 -15.09 -2.21 -4.30
CA GLN A 43 -14.66 -2.95 -5.47
C GLN A 43 -13.41 -2.33 -6.09
N GLY A 44 -13.22 -1.02 -5.93
CA GLY A 44 -12.03 -0.33 -6.36
C GLY A 44 -10.79 -0.77 -5.60
N CYS A 45 -10.92 -1.26 -4.36
CA CYS A 45 -9.79 -1.70 -3.55
C CYS A 45 -10.08 -2.98 -2.75
N PRO A 46 -10.10 -4.16 -3.40
CA PRO A 46 -10.17 -5.44 -2.72
C PRO A 46 -8.83 -5.75 -2.04
N GLY A 47 -8.85 -6.57 -0.99
CA GLY A 47 -7.67 -6.94 -0.20
C GLY A 47 -7.25 -5.84 0.77
N LEU A 48 -7.22 -4.60 0.27
CA LEU A 48 -6.86 -3.39 0.99
C LEU A 48 -7.67 -3.29 2.29
N CYS A 49 -7.00 -2.99 3.40
CA CYS A 49 -7.62 -2.72 4.69
C CYS A 49 -7.16 -1.33 5.16
N GLU A 50 -7.53 -0.96 6.40
CA GLU A 50 -7.29 0.37 6.94
C GLU A 50 -6.18 0.28 7.98
N GLY A 51 -5.00 0.75 7.60
CA GLY A 51 -3.77 0.68 8.38
C GLY A 51 -2.57 0.28 7.53
N ASP A 52 -2.84 -0.28 6.34
CA ASP A 52 -1.91 -0.94 5.41
C ASP A 52 -0.70 -0.04 5.14
N LEU A 53 0.45 -0.39 5.73
CA LEU A 53 1.69 0.39 5.67
C LEU A 53 2.33 0.21 4.30
N ILE A 54 2.17 1.20 3.41
CA ILE A 54 2.60 1.18 2.01
C ILE A 54 4.13 1.11 1.93
N VAL A 55 4.69 0.19 1.14
CA VAL A 55 6.13 -0.03 0.95
C VAL A 55 6.52 0.14 -0.51
N GLU A 56 5.72 -0.40 -1.43
CA GLU A 56 5.89 -0.24 -2.87
C GLU A 56 4.55 0.10 -3.51
N ILE A 57 4.62 0.86 -4.60
CA ILE A 57 3.54 1.03 -5.57
C ILE A 57 4.23 0.80 -6.90
N ASN A 58 3.67 -0.10 -7.73
CA ASN A 58 4.16 -0.45 -9.06
C ASN A 58 5.69 -0.59 -9.10
N GLN A 59 6.27 -1.49 -8.29
CA GLN A 59 7.70 -1.81 -8.17
C GLN A 59 8.57 -0.68 -7.60
N GLN A 60 8.09 0.56 -7.62
CA GLN A 60 8.82 1.71 -7.12
C GLN A 60 8.73 1.67 -5.61
N ASN A 61 9.87 1.85 -4.97
CA ASN A 61 10.00 1.79 -3.53
C ASN A 61 9.56 3.13 -2.97
N VAL A 62 8.62 3.16 -2.03
CA VAL A 62 7.99 4.39 -1.56
C VAL A 62 8.11 4.58 -0.03
N GLN A 63 8.89 3.72 0.65
CA GLN A 63 9.22 3.89 2.07
C GLN A 63 9.96 5.20 2.37
N ASN A 64 10.48 5.91 1.37
CA ASN A 64 11.24 7.15 1.50
C ASN A 64 10.65 8.21 0.57
N LEU A 65 9.32 8.24 0.45
CA LEU A 65 8.53 9.26 -0.23
C LEU A 65 7.56 9.87 0.77
N SER A 66 7.28 11.17 0.62
CA SER A 66 6.35 11.93 1.47
C SER A 66 4.92 11.60 1.07
N HIS A 67 3.91 11.75 1.95
CA HIS A 67 2.48 11.57 1.67
C HIS A 67 2.01 12.29 0.41
N THR A 68 2.64 13.40 0.02
CA THR A 68 2.23 14.08 -1.20
C THR A 68 2.68 13.33 -2.46
N GLU A 69 3.81 12.63 -2.42
CA GLU A 69 4.45 12.00 -3.57
C GLU A 69 3.74 10.70 -3.93
N VAL A 70 3.50 9.87 -2.93
CA VAL A 70 2.66 8.68 -2.87
C VAL A 70 1.23 8.98 -3.32
N VAL A 71 0.68 10.15 -2.98
CA VAL A 71 -0.58 10.63 -3.53
C VAL A 71 -0.42 10.93 -5.01
N ASP A 72 0.64 11.63 -5.35
CA ASP A 72 0.91 12.12 -6.71
C ASP A 72 1.07 10.97 -7.70
N ILE A 73 1.79 9.93 -7.30
CA ILE A 73 1.90 8.64 -7.98
C ILE A 73 0.50 8.09 -8.23
N LEU A 74 -0.30 7.90 -7.17
CA LEU A 74 -1.64 7.35 -7.33
C LEU A 74 -2.52 8.22 -8.24
N LYS A 75 -2.33 9.54 -8.23
CA LYS A 75 -3.01 10.45 -9.15
C LYS A 75 -2.54 10.17 -10.57
N ASP A 76 -1.25 10.03 -10.81
CA ASP A 76 -0.69 9.82 -12.15
C ASP A 76 -1.10 8.48 -12.77
N CYS A 77 -1.37 7.46 -11.92
CA CYS A 77 -1.72 6.11 -12.34
C CYS A 77 -2.87 6.08 -13.36
N PRO A 78 -2.75 5.26 -14.43
CA PRO A 78 -3.80 5.04 -15.40
C PRO A 78 -5.03 4.44 -14.73
N ILE A 79 -6.18 4.74 -15.31
CA ILE A 79 -7.46 4.30 -14.82
C ILE A 79 -7.80 2.99 -15.53
N GLY A 80 -8.53 2.09 -14.87
CA GLY A 80 -8.80 0.77 -15.42
C GLY A 80 -7.54 -0.07 -15.59
N SER A 81 -6.41 0.34 -14.99
CA SER A 81 -5.16 -0.39 -15.05
C SER A 81 -4.91 -0.97 -13.65
N GLU A 82 -4.50 -2.23 -13.62
CA GLU A 82 -4.04 -2.88 -12.41
C GLU A 82 -2.81 -2.12 -11.90
N THR A 83 -2.73 -1.96 -10.59
CA THR A 83 -1.69 -1.24 -9.87
C THR A 83 -1.27 -2.11 -8.68
N SER A 84 0.01 -2.45 -8.56
CA SER A 84 0.51 -3.41 -7.59
C SER A 84 0.87 -2.60 -6.37
N LEU A 85 0.38 -2.99 -5.20
CA LEU A 85 0.69 -2.30 -3.96
C LEU A 85 1.24 -3.34 -2.99
N ILE A 86 2.43 -3.10 -2.44
CA ILE A 86 3.01 -3.97 -1.41
C ILE A 86 2.89 -3.23 -0.09
N ILE A 87 2.35 -3.88 0.92
CA ILE A 87 2.11 -3.29 2.23
C ILE A 87 2.74 -4.20 3.30
N HIS A 88 3.17 -3.62 4.42
CA HIS A 88 3.88 -4.32 5.48
C HIS A 88 2.85 -4.98 6.41
N ARG A 89 2.69 -6.30 6.39
CA ARG A 89 1.75 -7.01 7.26
C ARG A 89 2.14 -8.49 7.37
N GLY A 90 2.03 -9.01 8.58
CA GLY A 90 2.05 -10.41 8.96
C GLY A 90 1.95 -10.48 10.48
N SER A 91 1.89 -11.68 11.06
CA SER A 91 1.88 -11.95 12.50
C SER A 91 0.81 -11.14 13.23
N GLY A 92 -0.41 -11.68 13.34
CA GLY A 92 -1.49 -10.99 14.05
C GLY A 92 -1.84 -9.65 13.36
N PRO A 93 -2.57 -8.76 14.03
CA PRO A 93 -3.00 -7.49 13.45
C PRO A 93 -1.94 -6.38 13.43
N SER A 94 -1.00 -6.35 14.38
CA SER A 94 -0.29 -5.12 14.75
C SER A 94 1.04 -5.45 15.43
N SER A 95 2.18 -5.00 14.89
CA SER A 95 3.49 -5.17 15.53
C SER A 95 3.53 -4.56 16.94
N GLY A 96 2.74 -3.53 17.22
CA GLY A 96 2.80 -2.74 18.44
C GLY A 96 2.25 -1.40 18.06
N GLY A 1 16.05 -33.42 12.55
CA GLY A 1 16.67 -32.08 12.61
C GLY A 1 15.76 -31.15 13.40
N SER A 2 16.21 -29.92 13.67
CA SER A 2 15.40 -28.84 14.23
C SER A 2 16.09 -27.53 13.84
N SER A 3 15.53 -26.38 14.20
CA SER A 3 16.10 -25.04 14.04
C SER A 3 16.39 -24.64 12.57
N GLY A 4 15.90 -25.41 11.59
CA GLY A 4 16.06 -25.09 10.18
C GLY A 4 14.93 -24.16 9.75
N SER A 5 15.07 -22.86 10.02
CA SER A 5 14.15 -21.79 9.64
C SER A 5 14.78 -20.46 10.06
N SER A 6 15.66 -19.91 9.22
CA SER A 6 16.02 -18.49 9.31
C SER A 6 14.91 -17.63 8.74
N GLY A 7 15.10 -16.31 8.79
CA GLY A 7 14.05 -15.33 8.58
C GLY A 7 13.51 -15.31 7.15
N GLN A 8 12.38 -14.61 7.02
CA GLN A 8 11.74 -14.25 5.78
C GLN A 8 11.23 -12.80 5.93
N ALA A 9 10.86 -12.19 4.82
CA ALA A 9 10.22 -10.88 4.76
C ALA A 9 9.25 -10.96 3.59
N GLU A 10 8.22 -11.78 3.76
CA GLU A 10 7.13 -11.93 2.81
C GLU A 10 6.09 -10.93 3.30
N LEU A 11 6.05 -9.78 2.61
CA LEU A 11 5.16 -8.65 2.83
C LEU A 11 3.73 -9.06 2.42
N MET A 12 2.86 -8.10 2.08
CA MET A 12 1.61 -8.38 1.37
C MET A 12 1.56 -7.46 0.16
N THR A 13 1.17 -8.00 -1.00
CA THR A 13 1.27 -7.37 -2.30
C THR A 13 -0.05 -7.60 -2.99
N LEU A 14 -0.84 -6.54 -3.05
CA LEU A 14 -2.21 -6.52 -3.49
C LEU A 14 -2.30 -5.74 -4.79
N THR A 15 -3.45 -5.82 -5.47
CA THR A 15 -3.69 -5.09 -6.70
C THR A 15 -5.00 -4.31 -6.54
N ILE A 16 -5.09 -3.11 -7.12
CA ILE A 16 -6.24 -2.22 -7.00
C ILE A 16 -6.60 -1.58 -8.34
N VAL A 17 -7.88 -1.59 -8.72
CA VAL A 17 -8.38 -0.91 -9.91
C VAL A 17 -8.80 0.51 -9.52
N LYS A 18 -8.08 1.49 -10.06
CA LYS A 18 -8.44 2.91 -9.97
C LYS A 18 -9.75 3.12 -10.74
N GLY A 19 -10.77 3.71 -10.14
CA GLY A 19 -12.10 3.79 -10.75
C GLY A 19 -12.21 4.95 -11.72
N ALA A 20 -12.26 6.18 -11.19
CA ALA A 20 -12.20 7.42 -11.97
C ALA A 20 -11.88 8.59 -11.04
N GLN A 21 -12.66 8.76 -9.96
CA GLN A 21 -12.39 9.71 -8.88
C GLN A 21 -11.23 9.20 -7.99
N GLY A 22 -10.08 9.00 -8.63
CA GLY A 22 -9.00 8.18 -8.12
C GLY A 22 -9.48 6.77 -7.82
N PHE A 23 -8.84 6.15 -6.84
CA PHE A 23 -9.37 5.00 -6.13
C PHE A 23 -10.32 5.55 -5.07
N GLY A 24 -11.26 4.76 -4.57
CA GLY A 24 -12.14 5.26 -3.51
C GLY A 24 -11.40 5.34 -2.17
N PHE A 25 -10.65 4.32 -1.78
CA PHE A 25 -9.89 4.30 -0.53
C PHE A 25 -9.03 5.56 -0.38
N THR A 26 -8.73 5.90 0.86
CA THR A 26 -8.05 7.12 1.25
C THR A 26 -6.75 6.74 1.96
N ILE A 27 -5.79 7.67 2.08
CA ILE A 27 -4.59 7.46 2.89
C ILE A 27 -4.48 8.58 3.93
N ALA A 28 -3.71 8.30 4.98
CA ALA A 28 -3.33 9.22 6.02
C ALA A 28 -1.82 9.07 6.22
N ASP A 29 -1.20 10.16 6.61
CA ASP A 29 0.21 10.20 6.96
C ASP A 29 0.37 9.59 8.35
N SER A 30 1.43 8.82 8.57
CA SER A 30 1.64 8.03 9.78
C SER A 30 3.13 8.09 10.15
N PRO A 31 3.50 7.69 11.38
CA PRO A 31 4.81 7.99 11.97
C PRO A 31 6.01 7.33 11.31
N THR A 32 5.83 6.48 10.29
CA THR A 32 6.93 5.88 9.54
C THR A 32 6.69 5.89 8.03
N GLY A 33 5.59 6.44 7.54
CA GLY A 33 5.21 6.34 6.13
C GLY A 33 3.71 6.39 5.99
N GLN A 34 3.20 6.24 4.78
CA GLN A 34 1.76 6.38 4.52
C GLN A 34 1.02 5.13 4.96
N ARG A 35 -0.23 5.31 5.41
CA ARG A 35 -1.14 4.22 5.70
C ARG A 35 -2.47 4.48 5.06
N VAL A 36 -3.26 3.43 4.95
CA VAL A 36 -4.65 3.53 4.51
C VAL A 36 -5.43 4.22 5.63
N LYS A 37 -6.15 5.27 5.26
CA LYS A 37 -7.10 5.98 6.13
C LYS A 37 -8.35 5.14 6.22
N GLN A 38 -9.12 5.00 5.14
CA GLN A 38 -10.38 4.29 5.16
C GLN A 38 -10.67 3.73 3.77
N ILE A 39 -11.21 2.51 3.71
CA ILE A 39 -11.67 1.88 2.48
C ILE A 39 -13.10 2.34 2.21
N LEU A 40 -13.27 3.08 1.11
CA LEU A 40 -14.58 3.54 0.64
C LEU A 40 -15.03 2.73 -0.57
N ASP A 41 -14.15 1.90 -1.13
CA ASP A 41 -14.31 1.20 -2.40
C ASP A 41 -13.74 -0.19 -2.19
N ILE A 42 -14.55 -1.06 -1.58
CA ILE A 42 -14.06 -2.35 -1.09
C ILE A 42 -13.65 -3.23 -2.27
N GLN A 43 -14.49 -3.29 -3.32
CA GLN A 43 -14.24 -4.16 -4.47
C GLN A 43 -13.15 -3.61 -5.38
N GLY A 44 -13.05 -2.29 -5.54
CA GLY A 44 -12.03 -1.66 -6.37
C GLY A 44 -10.70 -1.55 -5.63
N CYS A 45 -10.65 -1.85 -4.33
CA CYS A 45 -9.41 -1.97 -3.59
C CYS A 45 -9.34 -3.33 -2.86
N PRO A 46 -9.24 -4.46 -3.60
CA PRO A 46 -9.08 -5.78 -3.00
C PRO A 46 -7.84 -5.88 -2.11
N GLY A 47 -7.85 -6.85 -1.20
CA GLY A 47 -6.71 -7.26 -0.38
C GLY A 47 -6.28 -6.23 0.67
N LEU A 48 -6.66 -4.96 0.48
CA LEU A 48 -6.40 -3.86 1.39
C LEU A 48 -7.14 -4.15 2.70
N CYS A 49 -6.50 -3.97 3.86
CA CYS A 49 -6.99 -4.44 5.15
C CYS A 49 -7.08 -3.32 6.20
N GLU A 50 -6.91 -2.08 5.75
CA GLU A 50 -6.86 -0.82 6.49
C GLU A 50 -5.64 -0.67 7.41
N GLY A 51 -5.20 0.57 7.61
CA GLY A 51 -3.97 0.86 8.33
C GLY A 51 -2.71 0.36 7.60
N ASP A 52 -2.83 -0.13 6.37
CA ASP A 52 -1.80 -0.85 5.62
C ASP A 52 -0.58 0.07 5.42
N LEU A 53 0.56 -0.24 6.05
CA LEU A 53 1.79 0.55 5.99
C LEU A 53 2.43 0.41 4.61
N ILE A 54 2.34 1.43 3.78
CA ILE A 54 2.73 1.37 2.37
C ILE A 54 4.26 1.21 2.25
N VAL A 55 4.71 0.43 1.26
CA VAL A 55 6.11 0.07 1.03
C VAL A 55 6.51 0.34 -0.42
N GLU A 56 5.78 -0.23 -1.37
CA GLU A 56 6.02 -0.06 -2.80
C GLU A 56 4.72 0.31 -3.50
N ILE A 57 4.85 0.99 -4.63
CA ILE A 57 3.83 1.17 -5.64
C ILE A 57 4.52 0.87 -6.97
N ASN A 58 3.90 0.07 -7.83
CA ASN A 58 4.31 -0.23 -9.20
C ASN A 58 5.83 -0.46 -9.35
N GLN A 59 6.44 -1.23 -8.43
CA GLN A 59 7.88 -1.49 -8.39
C GLN A 59 8.72 -0.20 -8.26
N GLN A 60 8.30 0.74 -7.41
CA GLN A 60 9.10 1.80 -6.83
C GLN A 60 8.89 1.76 -5.32
N ASN A 61 9.97 1.90 -4.56
CA ASN A 61 9.96 1.97 -3.10
C ASN A 61 9.55 3.38 -2.67
N VAL A 62 8.47 3.48 -1.92
CA VAL A 62 7.85 4.68 -1.38
C VAL A 62 7.93 4.62 0.16
N GLN A 63 8.80 3.76 0.74
CA GLN A 63 8.98 3.72 2.20
C GLN A 63 9.48 5.05 2.73
N ASN A 64 10.44 5.71 2.06
CA ASN A 64 10.90 7.02 2.49
C ASN A 64 9.89 8.10 2.17
N LEU A 65 9.05 7.89 1.15
CA LEU A 65 8.26 8.89 0.45
C LEU A 65 7.28 9.60 1.37
N SER A 66 7.21 10.92 1.15
CA SER A 66 6.25 11.82 1.76
C SER A 66 4.84 11.42 1.32
N HIS A 67 3.83 11.94 2.01
CA HIS A 67 2.44 11.78 1.64
C HIS A 67 2.21 12.16 0.18
N THR A 68 2.64 13.37 -0.21
CA THR A 68 2.38 13.88 -1.52
C THR A 68 3.05 13.01 -2.58
N GLU A 69 4.22 12.43 -2.31
CA GLU A 69 4.95 11.60 -3.27
C GLU A 69 4.10 10.37 -3.60
N VAL A 70 3.55 9.71 -2.57
CA VAL A 70 2.67 8.57 -2.70
C VAL A 70 1.37 8.97 -3.44
N VAL A 71 0.79 10.12 -3.09
CA VAL A 71 -0.41 10.62 -3.76
C VAL A 71 -0.13 10.82 -5.24
N ASP A 72 1.03 11.39 -5.57
CA ASP A 72 1.39 11.80 -6.93
C ASP A 72 1.54 10.59 -7.83
N ILE A 73 2.22 9.56 -7.33
CA ILE A 73 2.36 8.29 -8.03
C ILE A 73 0.96 7.74 -8.32
N LEU A 74 0.10 7.68 -7.30
CA LEU A 74 -1.25 7.17 -7.43
C LEU A 74 -2.15 8.07 -8.28
N LYS A 75 -1.76 9.32 -8.58
CA LYS A 75 -2.44 10.18 -9.55
C LYS A 75 -1.96 9.88 -10.97
N ASP A 76 -0.70 9.51 -11.15
CA ASP A 76 -0.16 9.15 -12.47
C ASP A 76 -0.73 7.79 -12.90
N CYS A 77 -0.90 6.87 -11.94
CA CYS A 77 -1.42 5.52 -12.16
C CYS A 77 -2.68 5.51 -13.04
N PRO A 78 -2.78 4.57 -13.98
CA PRO A 78 -3.81 4.53 -15.00
C PRO A 78 -5.19 4.25 -14.39
N ILE A 79 -6.14 5.10 -14.72
CA ILE A 79 -7.53 4.93 -14.39
C ILE A 79 -8.05 3.72 -15.17
N GLY A 80 -8.79 2.84 -14.49
CA GLY A 80 -9.42 1.68 -15.09
C GLY A 80 -8.43 0.55 -15.34
N SER A 81 -7.21 0.64 -14.80
CA SER A 81 -6.23 -0.43 -14.78
C SER A 81 -6.01 -0.85 -13.33
N GLU A 82 -5.49 -2.06 -13.17
CA GLU A 82 -4.88 -2.49 -11.92
C GLU A 82 -3.64 -1.62 -11.66
N THR A 83 -3.31 -1.41 -10.40
CA THR A 83 -2.11 -0.76 -9.88
C THR A 83 -1.56 -1.70 -8.79
N SER A 84 -0.23 -1.76 -8.64
CA SER A 84 0.47 -2.74 -7.84
C SER A 84 0.89 -2.04 -6.57
N LEU A 85 0.50 -2.52 -5.40
CA LEU A 85 1.00 -1.97 -4.14
C LEU A 85 1.64 -3.10 -3.32
N ILE A 86 2.53 -2.73 -2.40
CA ILE A 86 3.06 -3.61 -1.36
C ILE A 86 2.91 -2.85 -0.04
N ILE A 87 2.54 -3.55 1.02
CA ILE A 87 2.34 -2.99 2.36
C ILE A 87 2.98 -3.91 3.41
N HIS A 88 3.34 -3.36 4.58
CA HIS A 88 4.17 -4.06 5.57
C HIS A 88 3.31 -4.82 6.56
N ARG A 89 2.92 -6.04 6.20
CA ARG A 89 2.40 -7.08 7.09
C ARG A 89 3.09 -8.37 6.68
N GLY A 90 3.22 -9.32 7.61
CA GLY A 90 3.40 -10.71 7.27
C GLY A 90 2.18 -11.44 7.81
N SER A 91 2.31 -12.05 8.99
CA SER A 91 1.19 -12.63 9.71
C SER A 91 1.42 -12.49 11.21
N GLY A 92 0.35 -12.47 11.99
CA GLY A 92 0.39 -12.57 13.44
C GLY A 92 -1.02 -12.45 14.01
N PRO A 93 -1.19 -12.79 15.30
CA PRO A 93 -2.48 -12.77 15.95
C PRO A 93 -2.91 -11.31 16.18
N SER A 94 -3.75 -10.83 15.28
CA SER A 94 -4.56 -9.63 15.40
C SER A 94 -6.00 -10.03 15.09
N SER A 95 -6.94 -9.23 15.60
CA SER A 95 -8.37 -9.47 15.57
C SER A 95 -8.70 -10.60 16.54
N GLY A 96 -9.26 -10.24 17.69
CA GLY A 96 -9.75 -11.13 18.72
C GLY A 96 -10.29 -10.23 19.81
N GLY A 1 25.66 -14.23 11.10
CA GLY A 1 24.58 -13.48 11.76
C GLY A 1 23.82 -12.65 10.74
N SER A 2 22.57 -12.32 11.02
CA SER A 2 21.81 -11.33 10.26
C SER A 2 22.46 -9.95 10.42
N SER A 3 23.43 -9.62 9.56
CA SER A 3 24.24 -8.41 9.65
C SER A 3 24.40 -7.72 8.29
N GLY A 4 23.89 -8.31 7.21
CA GLY A 4 23.77 -7.68 5.91
C GLY A 4 22.33 -7.84 5.46
N SER A 5 21.99 -9.03 4.95
CA SER A 5 20.62 -9.45 4.68
C SER A 5 19.79 -9.30 5.96
N SER A 6 18.94 -8.27 6.01
CA SER A 6 18.02 -7.94 7.09
C SER A 6 16.93 -7.03 6.50
N GLY A 7 15.87 -6.76 7.26
CA GLY A 7 14.81 -5.83 6.91
C GLY A 7 13.86 -6.46 5.89
N GLN A 8 14.38 -6.70 4.70
CA GLN A 8 13.64 -7.25 3.58
C GLN A 8 13.11 -8.64 3.93
N ALA A 9 11.87 -8.90 3.53
CA ALA A 9 11.23 -10.21 3.48
C ALA A 9 10.29 -10.23 2.28
N GLU A 10 9.47 -11.28 2.18
CA GLU A 10 8.20 -11.23 1.46
C GLU A 10 7.27 -10.43 2.36
N LEU A 11 6.99 -9.21 1.91
CA LEU A 11 5.90 -8.36 2.37
C LEU A 11 4.55 -8.98 1.93
N MET A 12 3.43 -8.32 2.20
CA MET A 12 2.17 -8.64 1.52
C MET A 12 2.10 -7.77 0.27
N THR A 13 1.71 -8.36 -0.85
CA THR A 13 1.56 -7.68 -2.12
C THR A 13 0.07 -7.68 -2.45
N LEU A 14 -0.41 -6.59 -3.05
CA LEU A 14 -1.81 -6.30 -3.33
C LEU A 14 -1.95 -5.81 -4.77
N THR A 15 -3.19 -5.74 -5.25
CA THR A 15 -3.55 -5.07 -6.49
C THR A 15 -4.83 -4.25 -6.24
N ILE A 16 -5.04 -3.17 -7.00
CA ILE A 16 -6.26 -2.35 -6.97
C ILE A 16 -6.57 -1.85 -8.38
N VAL A 17 -7.82 -1.41 -8.63
CA VAL A 17 -8.24 -0.84 -9.91
C VAL A 17 -8.83 0.55 -9.66
N LYS A 18 -8.15 1.55 -10.19
CA LYS A 18 -8.47 2.97 -10.05
C LYS A 18 -9.79 3.28 -10.77
N GLY A 19 -10.82 3.66 -10.01
CA GLY A 19 -12.18 3.84 -10.52
C GLY A 19 -12.35 5.07 -11.38
N ALA A 20 -12.54 6.27 -10.79
CA ALA A 20 -12.82 7.48 -11.55
C ALA A 20 -12.36 8.72 -10.80
N GLN A 21 -11.77 9.69 -11.52
CA GLN A 21 -11.01 10.83 -11.00
C GLN A 21 -9.77 10.40 -10.20
N GLY A 22 -9.81 9.29 -9.46
CA GLY A 22 -8.67 8.64 -8.87
C GLY A 22 -9.11 7.31 -8.27
N PHE A 23 -8.57 6.94 -7.11
CA PHE A 23 -9.05 5.78 -6.34
C PHE A 23 -10.05 6.31 -5.33
N GLY A 24 -11.00 5.47 -4.91
CA GLY A 24 -11.96 5.89 -3.90
C GLY A 24 -11.33 6.04 -2.52
N PHE A 25 -10.47 5.09 -2.14
CA PHE A 25 -9.89 5.05 -0.79
C PHE A 25 -9.02 6.28 -0.51
N THR A 26 -8.68 6.45 0.76
CA THR A 26 -7.90 7.57 1.27
C THR A 26 -6.70 7.04 2.04
N ILE A 27 -5.62 7.81 2.11
CA ILE A 27 -4.42 7.48 2.87
C ILE A 27 -4.13 8.56 3.91
N ALA A 28 -3.19 8.31 4.79
CA ALA A 28 -2.71 9.19 5.84
C ALA A 28 -1.20 9.04 5.96
N ASP A 29 -0.54 10.11 6.36
CA ASP A 29 0.82 10.06 6.88
C ASP A 29 0.77 9.40 8.28
N SER A 30 1.84 8.70 8.63
CA SER A 30 2.00 7.93 9.86
C SER A 30 3.50 8.00 10.23
N PRO A 31 3.89 7.69 11.47
CA PRO A 31 5.27 7.73 11.97
C PRO A 31 6.19 6.66 11.35
N THR A 32 5.72 6.02 10.28
CA THR A 32 6.21 4.79 9.73
C THR A 32 6.14 4.80 8.19
N GLY A 33 5.59 5.84 7.56
CA GLY A 33 5.27 5.87 6.13
C GLY A 33 3.80 6.19 5.94
N GLN A 34 3.23 5.96 4.76
CA GLN A 34 1.79 6.16 4.52
C GLN A 34 1.00 4.95 4.99
N ARG A 35 -0.22 5.18 5.46
CA ARG A 35 -1.20 4.15 5.84
C ARG A 35 -2.51 4.43 5.15
N VAL A 36 -3.37 3.43 5.13
CA VAL A 36 -4.72 3.58 4.62
C VAL A 36 -5.54 4.23 5.73
N LYS A 37 -6.05 5.43 5.44
CA LYS A 37 -6.94 6.20 6.31
C LYS A 37 -8.29 5.49 6.38
N GLN A 38 -8.95 5.38 5.22
CA GLN A 38 -10.26 4.76 5.10
C GLN A 38 -10.40 4.16 3.71
N ILE A 39 -11.26 3.15 3.60
CA ILE A 39 -11.65 2.44 2.40
C ILE A 39 -13.08 2.90 2.08
N LEU A 40 -13.22 3.66 0.99
CA LEU A 40 -14.46 4.28 0.58
C LEU A 40 -15.09 3.53 -0.61
N ASP A 41 -14.41 2.53 -1.17
CA ASP A 41 -14.64 1.97 -2.50
C ASP A 41 -14.14 0.53 -2.53
N ILE A 42 -14.86 -0.35 -1.83
CA ILE A 42 -14.37 -1.64 -1.35
C ILE A 42 -13.97 -2.53 -2.54
N GLN A 43 -14.90 -2.89 -3.42
CA GLN A 43 -14.63 -3.77 -4.56
C GLN A 43 -13.71 -3.12 -5.60
N GLY A 44 -13.50 -1.80 -5.50
CA GLY A 44 -12.52 -1.07 -6.30
C GLY A 44 -11.10 -1.28 -5.79
N CYS A 45 -10.94 -1.60 -4.50
CA CYS A 45 -9.65 -1.84 -3.87
C CYS A 45 -9.69 -3.19 -3.13
N PRO A 46 -9.61 -4.32 -3.85
CA PRO A 46 -9.56 -5.64 -3.25
C PRO A 46 -8.31 -5.79 -2.36
N GLY A 47 -8.36 -6.75 -1.44
CA GLY A 47 -7.33 -7.03 -0.43
C GLY A 47 -7.21 -5.97 0.66
N LEU A 48 -7.13 -4.70 0.26
CA LEU A 48 -6.83 -3.51 1.05
C LEU A 48 -7.59 -3.48 2.38
N CYS A 49 -6.92 -3.03 3.44
CA CYS A 49 -7.52 -2.74 4.75
C CYS A 49 -7.04 -1.37 5.26
N GLU A 50 -7.78 -0.78 6.19
CA GLU A 50 -7.29 0.35 6.96
C GLU A 50 -6.03 -0.08 7.71
N GLY A 51 -5.08 0.83 7.89
CA GLY A 51 -3.85 0.55 8.61
C GLY A 51 -2.86 -0.33 7.83
N ASP A 52 -3.18 -0.71 6.58
CA ASP A 52 -2.16 -1.23 5.67
C ASP A 52 -1.17 -0.09 5.45
N LEU A 53 0.06 -0.26 5.93
CA LEU A 53 1.15 0.68 5.70
C LEU A 53 1.71 0.37 4.31
N ILE A 54 1.86 1.38 3.46
CA ILE A 54 2.14 1.18 2.05
C ILE A 54 3.65 1.27 1.82
N VAL A 55 4.21 0.29 1.12
CA VAL A 55 5.65 0.07 0.95
C VAL A 55 6.06 0.42 -0.47
N GLU A 56 5.37 -0.12 -1.47
CA GLU A 56 5.69 0.05 -2.88
C GLU A 56 4.39 0.26 -3.66
N ILE A 57 4.48 1.01 -4.77
CA ILE A 57 3.44 1.15 -5.77
C ILE A 57 4.15 0.94 -7.11
N ASN A 58 3.68 0.00 -7.92
CA ASN A 58 4.25 -0.36 -9.23
C ASN A 58 5.80 -0.34 -9.18
N GLN A 59 6.39 -1.09 -8.24
CA GLN A 59 7.82 -1.22 -7.94
C GLN A 59 8.54 0.06 -7.48
N GLN A 60 7.91 1.24 -7.52
CA GLN A 60 8.47 2.44 -6.95
C GLN A 60 8.41 2.32 -5.43
N ASN A 61 9.56 2.48 -4.77
CA ASN A 61 9.62 2.54 -3.31
C ASN A 61 8.84 3.75 -2.83
N VAL A 62 7.94 3.55 -1.88
CA VAL A 62 7.21 4.62 -1.21
C VAL A 62 7.32 4.51 0.31
N GLN A 63 8.09 3.55 0.86
CA GLN A 63 8.52 3.52 2.26
C GLN A 63 9.13 4.86 2.67
N ASN A 64 9.90 5.47 1.76
CA ASN A 64 10.76 6.61 2.07
C ASN A 64 10.16 7.91 1.52
N LEU A 65 8.84 7.98 1.25
CA LEU A 65 8.20 9.10 0.56
C LEU A 65 7.18 9.84 1.42
N SER A 66 7.05 11.14 1.12
CA SER A 66 6.11 12.05 1.71
C SER A 66 4.69 11.69 1.26
N HIS A 67 3.69 12.04 2.06
CA HIS A 67 2.29 11.75 1.75
C HIS A 67 1.92 12.21 0.35
N THR A 68 2.18 13.47 0.01
CA THR A 68 1.78 13.99 -1.28
C THR A 68 2.48 13.28 -2.43
N GLU A 69 3.66 12.69 -2.23
CA GLU A 69 4.39 11.97 -3.27
C GLU A 69 3.71 10.64 -3.55
N VAL A 70 3.26 9.95 -2.50
CA VAL A 70 2.51 8.70 -2.62
C VAL A 70 1.16 8.99 -3.30
N VAL A 71 0.51 10.09 -2.94
CA VAL A 71 -0.67 10.60 -3.67
C VAL A 71 -0.31 10.80 -5.14
N ASP A 72 0.85 11.42 -5.41
CA ASP A 72 1.28 11.81 -6.76
C ASP A 72 1.46 10.58 -7.65
N ILE A 73 2.04 9.51 -7.10
CA ILE A 73 2.24 8.25 -7.82
C ILE A 73 0.87 7.63 -8.10
N LEU A 74 -0.02 7.62 -7.11
CA LEU A 74 -1.38 7.15 -7.33
C LEU A 74 -2.10 8.03 -8.37
N LYS A 75 -1.82 9.34 -8.49
CA LYS A 75 -2.40 10.15 -9.56
C LYS A 75 -1.80 9.76 -10.91
N ASP A 76 -0.50 9.47 -10.97
CA ASP A 76 0.20 9.05 -12.19
C ASP A 76 -0.41 7.74 -12.72
N CYS A 77 -0.83 6.83 -11.84
CA CYS A 77 -1.43 5.55 -12.21
C CYS A 77 -2.66 5.75 -13.11
N PRO A 78 -2.80 4.94 -14.17
CA PRO A 78 -3.93 4.97 -15.08
C PRO A 78 -5.23 4.62 -14.37
N ILE A 79 -6.31 5.28 -14.79
CA ILE A 79 -7.67 4.95 -14.42
C ILE A 79 -8.07 3.73 -15.26
N GLY A 80 -8.68 2.74 -14.59
CA GLY A 80 -9.16 1.53 -15.24
C GLY A 80 -8.02 0.60 -15.66
N SER A 81 -6.90 0.64 -14.95
CA SER A 81 -5.84 -0.35 -15.05
C SER A 81 -5.49 -0.80 -13.64
N GLU A 82 -4.87 -1.98 -13.53
CA GLU A 82 -4.44 -2.52 -12.26
C GLU A 82 -3.20 -1.76 -11.81
N THR A 83 -3.19 -1.38 -10.54
CA THR A 83 -2.04 -0.87 -9.83
C THR A 83 -1.54 -1.98 -8.91
N SER A 84 -0.24 -2.28 -8.96
CA SER A 84 0.41 -3.24 -8.09
C SER A 84 0.82 -2.43 -6.86
N LEU A 85 0.61 -2.95 -5.66
CA LEU A 85 1.12 -2.32 -4.45
C LEU A 85 1.72 -3.38 -3.55
N ILE A 86 2.45 -2.94 -2.52
CA ILE A 86 2.97 -3.77 -1.44
C ILE A 86 2.64 -3.06 -0.14
N ILE A 87 2.27 -3.81 0.90
CA ILE A 87 1.96 -3.29 2.22
C ILE A 87 2.72 -4.07 3.30
N HIS A 88 3.01 -3.38 4.40
CA HIS A 88 3.77 -3.87 5.54
C HIS A 88 2.82 -4.64 6.45
N ARG A 89 2.81 -5.96 6.28
CA ARG A 89 2.18 -6.92 7.19
C ARG A 89 2.96 -8.22 7.08
N GLY A 90 2.84 -8.90 5.95
CA GLY A 90 3.48 -10.19 5.73
C GLY A 90 2.93 -11.23 6.71
N SER A 91 3.60 -12.37 6.81
CA SER A 91 3.33 -13.41 7.78
C SER A 91 3.65 -12.89 9.18
N GLY A 92 2.69 -12.93 10.10
CA GLY A 92 2.88 -12.67 11.52
C GLY A 92 1.58 -12.89 12.29
N PRO A 93 1.65 -12.90 13.63
CA PRO A 93 0.53 -13.29 14.47
C PRO A 93 -0.61 -12.28 14.37
N SER A 94 -1.82 -12.82 14.27
CA SER A 94 -3.05 -12.14 14.61
C SER A 94 -3.00 -11.83 16.10
N SER A 95 -3.58 -10.69 16.52
CA SER A 95 -3.21 -10.01 17.76
C SER A 95 -1.69 -9.91 17.89
N GLY A 96 -1.14 -8.94 17.17
CA GLY A 96 0.25 -8.54 17.34
C GLY A 96 0.43 -7.77 18.64
N GLY A 1 23.49 -15.51 8.85
CA GLY A 1 24.43 -14.46 9.27
C GLY A 1 24.17 -13.19 8.46
N SER A 2 25.06 -12.21 8.59
CA SER A 2 25.02 -10.97 7.81
C SER A 2 25.49 -11.28 6.38
N SER A 3 24.59 -11.21 5.40
CA SER A 3 24.94 -11.27 3.98
C SER A 3 23.94 -10.43 3.21
N GLY A 4 24.33 -9.87 2.07
CA GLY A 4 23.57 -8.77 1.47
C GLY A 4 23.53 -7.62 2.47
N SER A 5 22.50 -6.77 2.40
CA SER A 5 22.25 -5.78 3.44
C SER A 5 20.74 -5.65 3.63
N SER A 6 20.17 -6.52 4.46
CA SER A 6 18.75 -6.86 4.52
C SER A 6 18.26 -7.48 3.21
N GLY A 7 17.74 -8.70 3.28
CA GLY A 7 17.20 -9.44 2.16
C GLY A 7 16.54 -10.71 2.68
N GLN A 8 15.44 -10.57 3.42
CA GLN A 8 14.66 -11.67 3.96
C GLN A 8 13.28 -11.14 4.34
N ALA A 9 12.32 -11.07 3.41
CA ALA A 9 10.89 -11.00 3.72
C ALA A 9 10.02 -11.31 2.50
N GLU A 10 8.76 -11.64 2.77
CA GLU A 10 7.64 -11.71 1.83
C GLU A 10 6.52 -10.88 2.46
N LEU A 11 6.31 -9.66 2.00
CA LEU A 11 5.21 -8.81 2.45
C LEU A 11 3.94 -9.21 1.67
N MET A 12 2.79 -8.55 1.93
CA MET A 12 1.56 -8.82 1.19
C MET A 12 1.57 -7.91 -0.03
N THR A 13 1.21 -8.42 -1.20
CA THR A 13 1.31 -7.71 -2.47
C THR A 13 0.02 -7.93 -3.21
N LEU A 14 -0.80 -6.90 -3.19
CA LEU A 14 -2.16 -6.89 -3.68
C LEU A 14 -2.22 -6.05 -4.96
N THR A 15 -3.34 -6.13 -5.67
CA THR A 15 -3.60 -5.30 -6.83
C THR A 15 -4.95 -4.63 -6.61
N ILE A 16 -5.05 -3.38 -7.06
CA ILE A 16 -6.23 -2.54 -6.97
C ILE A 16 -6.56 -1.99 -8.35
N VAL A 17 -7.75 -1.41 -8.50
CA VAL A 17 -8.22 -0.72 -9.70
C VAL A 17 -8.73 0.66 -9.24
N LYS A 18 -8.64 1.65 -10.13
CA LYS A 18 -8.77 3.07 -9.80
C LYS A 18 -10.01 3.68 -10.42
N GLY A 19 -11.08 3.83 -9.64
CA GLY A 19 -12.41 4.24 -10.07
C GLY A 19 -12.56 5.74 -10.33
N ALA A 20 -11.69 6.30 -11.18
CA ALA A 20 -11.71 7.65 -11.74
C ALA A 20 -11.39 8.80 -10.79
N GLN A 21 -11.88 8.83 -9.54
CA GLN A 21 -11.57 9.89 -8.59
C GLN A 21 -10.20 9.71 -7.90
N GLY A 22 -9.59 8.54 -8.06
CA GLY A 22 -8.26 8.25 -7.55
C GLY A 22 -8.36 7.30 -6.37
N PHE A 23 -8.97 6.13 -6.62
CA PHE A 23 -9.28 5.06 -5.69
C PHE A 23 -10.31 5.53 -4.66
N GLY A 24 -11.15 4.63 -4.15
CA GLY A 24 -12.13 4.97 -3.13
C GLY A 24 -11.41 5.30 -1.84
N PHE A 25 -10.57 4.36 -1.40
CA PHE A 25 -9.79 4.43 -0.18
C PHE A 25 -9.00 5.72 -0.10
N THR A 26 -8.74 6.11 1.14
CA THR A 26 -8.02 7.31 1.48
C THR A 26 -6.76 6.88 2.21
N ILE A 27 -5.70 7.67 2.05
CA ILE A 27 -4.47 7.53 2.81
C ILE A 27 -4.35 8.73 3.75
N ALA A 28 -3.65 8.53 4.85
CA ALA A 28 -3.29 9.54 5.81
C ALA A 28 -1.80 9.42 6.11
N ASP A 29 -1.26 10.54 6.57
CA ASP A 29 0.16 10.71 6.89
C ASP A 29 0.41 10.06 8.26
N SER A 30 1.55 9.37 8.42
CA SER A 30 1.89 8.57 9.59
C SER A 30 3.40 8.73 9.88
N PRO A 31 3.92 8.15 10.96
CA PRO A 31 5.35 8.09 11.25
C PRO A 31 6.10 7.03 10.42
N THR A 32 5.41 6.03 9.89
CA THR A 32 6.02 4.79 9.40
C THR A 32 6.09 4.71 7.88
N GLY A 33 5.55 5.68 7.15
CA GLY A 33 5.24 5.57 5.73
C GLY A 33 3.76 5.94 5.56
N GLN A 34 3.25 5.97 4.33
CA GLN A 34 1.84 6.29 4.13
C GLN A 34 1.00 5.13 4.62
N ARG A 35 -0.21 5.41 5.12
CA ARG A 35 -1.12 4.39 5.62
C ARG A 35 -2.50 4.64 5.08
N VAL A 36 -3.29 3.60 4.99
CA VAL A 36 -4.67 3.65 4.56
C VAL A 36 -5.49 4.08 5.75
N LYS A 37 -6.11 5.24 5.63
CA LYS A 37 -7.11 5.70 6.58
C LYS A 37 -8.31 4.76 6.52
N GLN A 38 -8.93 4.63 5.35
CA GLN A 38 -10.17 3.88 5.19
C GLN A 38 -10.25 3.37 3.76
N ILE A 39 -10.80 2.17 3.55
CA ILE A 39 -11.21 1.69 2.23
C ILE A 39 -12.68 2.09 2.04
N LEU A 40 -12.98 2.81 0.96
CA LEU A 40 -14.32 3.32 0.65
C LEU A 40 -14.87 2.77 -0.67
N ASP A 41 -14.08 1.99 -1.39
CA ASP A 41 -14.48 1.24 -2.58
C ASP A 41 -13.87 -0.13 -2.40
N ILE A 42 -14.64 -1.04 -1.79
CA ILE A 42 -14.13 -2.33 -1.35
C ILE A 42 -13.74 -3.13 -2.59
N GLN A 43 -14.66 -3.31 -3.54
CA GLN A 43 -14.40 -4.08 -4.74
C GLN A 43 -13.31 -3.46 -5.61
N GLY A 44 -13.14 -2.13 -5.61
CA GLY A 44 -12.05 -1.50 -6.34
C GLY A 44 -10.67 -1.87 -5.79
N CYS A 45 -10.56 -2.41 -4.57
CA CYS A 45 -9.28 -2.63 -3.91
C CYS A 45 -9.23 -4.02 -3.23
N PRO A 46 -9.23 -5.12 -3.99
CA PRO A 46 -9.35 -6.49 -3.45
C PRO A 46 -8.12 -6.87 -2.60
N GLY A 47 -8.34 -7.15 -1.32
CA GLY A 47 -7.29 -7.62 -0.41
C GLY A 47 -6.54 -6.49 0.30
N LEU A 48 -6.78 -5.24 -0.08
CA LEU A 48 -6.22 -4.08 0.59
C LEU A 48 -6.82 -4.03 2.01
N CYS A 49 -6.12 -3.44 2.98
CA CYS A 49 -6.51 -3.39 4.38
C CYS A 49 -6.56 -1.95 4.88
N GLU A 50 -7.28 -1.71 5.98
CA GLU A 50 -7.29 -0.42 6.66
C GLU A 50 -6.18 -0.41 7.70
N GLY A 51 -5.55 0.75 7.94
CA GLY A 51 -4.30 0.84 8.70
C GLY A 51 -3.29 -0.19 8.20
N ASP A 52 -3.19 -0.32 6.88
CA ASP A 52 -2.07 -0.95 6.20
C ASP A 52 -0.81 -0.08 6.42
N LEU A 53 0.28 -0.38 5.72
CA LEU A 53 1.46 0.48 5.65
C LEU A 53 1.97 0.29 4.25
N ILE A 54 2.03 1.36 3.46
CA ILE A 54 2.33 1.31 2.04
C ILE A 54 3.83 1.43 1.89
N VAL A 55 4.40 0.48 1.15
CA VAL A 55 5.82 0.20 1.14
C VAL A 55 6.36 0.28 -0.27
N GLU A 56 5.68 -0.39 -1.20
CA GLU A 56 6.01 -0.33 -2.61
C GLU A 56 4.72 -0.14 -3.38
N ILE A 57 4.77 0.81 -4.29
CA ILE A 57 3.80 1.07 -5.34
C ILE A 57 4.62 0.79 -6.60
N ASN A 58 4.09 -0.03 -7.50
CA ASN A 58 4.50 -0.19 -8.89
C ASN A 58 5.97 -0.67 -9.08
N GLN A 59 6.63 -1.22 -8.05
CA GLN A 59 8.08 -1.43 -8.01
C GLN A 59 8.86 -0.11 -8.16
N GLN A 60 8.51 0.91 -7.37
CA GLN A 60 9.20 2.21 -7.31
C GLN A 60 9.85 2.55 -5.97
N ASN A 61 9.44 1.82 -4.95
CA ASN A 61 9.59 2.01 -3.51
C ASN A 61 9.09 3.36 -3.01
N VAL A 62 8.31 3.33 -1.91
CA VAL A 62 7.61 4.50 -1.39
C VAL A 62 7.68 4.60 0.15
N GLN A 63 8.46 3.75 0.85
CA GLN A 63 8.56 3.78 2.31
C GLN A 63 9.18 5.08 2.84
N ASN A 64 9.88 5.86 2.02
CA ASN A 64 10.55 7.08 2.43
C ASN A 64 9.84 8.30 1.82
N LEU A 65 9.08 8.14 0.73
CA LEU A 65 8.40 9.24 0.07
C LEU A 65 7.36 9.90 0.99
N SER A 66 7.32 11.22 0.91
CA SER A 66 6.34 12.07 1.58
C SER A 66 4.95 11.81 1.04
N HIS A 67 3.92 12.15 1.82
CA HIS A 67 2.52 11.91 1.51
C HIS A 67 2.21 12.42 0.10
N THR A 68 2.52 13.68 -0.15
CA THR A 68 2.23 14.40 -1.38
C THR A 68 2.97 13.83 -2.60
N GLU A 69 4.01 13.04 -2.38
CA GLU A 69 4.80 12.40 -3.42
C GLU A 69 4.15 11.06 -3.79
N VAL A 70 3.60 10.36 -2.79
CA VAL A 70 2.93 9.10 -2.96
C VAL A 70 1.56 9.34 -3.60
N VAL A 71 0.83 10.35 -3.14
CA VAL A 71 -0.39 10.83 -3.77
C VAL A 71 -0.11 11.09 -5.25
N ASP A 72 1.02 11.71 -5.56
CA ASP A 72 1.33 12.08 -6.95
C ASP A 72 1.51 10.88 -7.86
N ILE A 73 2.22 9.86 -7.38
CA ILE A 73 2.36 8.59 -8.11
C ILE A 73 0.97 7.98 -8.31
N LEU A 74 0.14 7.98 -7.28
CA LEU A 74 -1.19 7.40 -7.38
C LEU A 74 -2.07 8.18 -8.36
N LYS A 75 -1.91 9.50 -8.55
CA LYS A 75 -2.51 10.21 -9.68
C LYS A 75 -1.96 9.70 -11.01
N ASP A 76 -0.65 9.48 -11.11
CA ASP A 76 0.03 9.00 -12.31
C ASP A 76 -0.47 7.63 -12.77
N CYS A 77 -0.86 6.77 -11.82
CA CYS A 77 -1.43 5.44 -12.06
C CYS A 77 -2.63 5.50 -13.02
N PRO A 78 -2.74 4.55 -13.95
CA PRO A 78 -3.77 4.51 -14.96
C PRO A 78 -5.13 4.25 -14.32
N ILE A 79 -6.06 5.17 -14.54
CA ILE A 79 -7.45 5.03 -14.13
C ILE A 79 -8.04 3.81 -14.84
N GLY A 80 -8.96 3.15 -14.14
CA GLY A 80 -9.67 1.97 -14.63
C GLY A 80 -8.76 0.79 -14.96
N SER A 81 -7.47 0.85 -14.59
CA SER A 81 -6.46 -0.16 -14.86
C SER A 81 -5.90 -0.62 -13.52
N GLU A 82 -5.04 -1.65 -13.53
CA GLU A 82 -4.52 -2.24 -12.31
C GLU A 82 -3.33 -1.44 -11.75
N THR A 83 -3.11 -1.51 -10.43
CA THR A 83 -2.01 -0.87 -9.73
C THR A 83 -1.52 -1.82 -8.61
N SER A 84 -0.22 -1.86 -8.33
CA SER A 84 0.52 -2.94 -7.68
C SER A 84 0.98 -2.48 -6.29
N LEU A 85 0.38 -2.95 -5.18
CA LEU A 85 0.66 -2.35 -3.86
C LEU A 85 1.13 -3.41 -2.86
N ILE A 86 2.41 -3.32 -2.45
CA ILE A 86 3.02 -4.11 -1.37
C ILE A 86 2.76 -3.39 -0.04
N ILE A 87 2.26 -4.09 0.99
CA ILE A 87 1.87 -3.53 2.27
C ILE A 87 2.40 -4.39 3.43
N HIS A 88 2.67 -3.76 4.58
CA HIS A 88 3.40 -4.37 5.69
C HIS A 88 2.50 -5.31 6.50
N ARG A 89 2.25 -6.52 5.97
CA ARG A 89 1.53 -7.62 6.61
C ARG A 89 2.06 -8.94 6.03
N GLY A 90 1.49 -10.07 6.45
CA GLY A 90 1.67 -11.43 5.96
C GLY A 90 0.54 -12.28 6.57
N SER A 91 0.46 -13.58 6.28
CA SER A 91 -0.52 -14.47 6.92
C SER A 91 -0.43 -14.42 8.46
N GLY A 92 -1.54 -14.79 9.12
CA GLY A 92 -1.65 -14.90 10.56
C GLY A 92 -3.00 -15.52 10.93
N PRO A 93 -3.33 -15.64 12.22
CA PRO A 93 -4.61 -16.18 12.66
C PRO A 93 -5.74 -15.19 12.37
N SER A 94 -5.61 -13.93 12.83
CA SER A 94 -6.71 -12.98 13.03
C SER A 94 -7.67 -13.50 14.13
N SER A 95 -8.75 -12.77 14.42
CA SER A 95 -9.72 -13.07 15.47
C SER A 95 -9.05 -13.23 16.85
N GLY A 96 -8.20 -12.26 17.18
CA GLY A 96 -7.51 -12.10 18.44
C GLY A 96 -6.77 -10.78 18.36
N GLY A 1 25.34 -18.16 18.06
CA GLY A 1 26.64 -17.58 17.67
C GLY A 1 26.40 -16.55 16.59
N SER A 2 27.47 -15.95 16.05
CA SER A 2 27.41 -14.82 15.13
C SER A 2 26.70 -13.61 15.80
N SER A 3 26.45 -12.54 15.05
CA SER A 3 25.65 -11.39 15.48
C SER A 3 24.47 -11.17 14.48
N GLY A 4 24.34 -12.02 13.47
CA GLY A 4 23.27 -12.04 12.49
C GLY A 4 23.19 -13.45 11.91
N SER A 5 22.10 -13.72 11.20
CA SER A 5 21.81 -15.02 10.59
C SER A 5 20.83 -14.79 9.44
N SER A 6 19.65 -14.25 9.76
CA SER A 6 18.61 -13.81 8.84
C SER A 6 17.78 -12.75 9.53
N GLY A 7 17.07 -11.92 8.77
CA GLY A 7 15.93 -11.15 9.22
C GLY A 7 14.66 -11.72 8.58
N GLN A 8 13.50 -11.23 9.04
CA GLN A 8 12.24 -11.43 8.36
C GLN A 8 12.28 -10.76 6.97
N ALA A 9 11.28 -11.04 6.15
CA ALA A 9 11.07 -10.36 4.87
C ALA A 9 9.62 -9.86 4.73
N GLU A 10 8.76 -10.18 5.69
CA GLU A 10 7.31 -10.06 5.71
C GLU A 10 6.81 -8.72 5.16
N LEU A 11 6.40 -8.76 3.90
CA LEU A 11 5.59 -7.78 3.19
C LEU A 11 4.37 -8.51 2.62
N MET A 12 3.40 -7.76 2.12
CA MET A 12 2.17 -8.27 1.52
C MET A 12 1.92 -7.48 0.25
N THR A 13 1.53 -8.17 -0.81
CA THR A 13 1.46 -7.65 -2.16
C THR A 13 0.04 -7.91 -2.65
N LEU A 14 -0.68 -6.84 -2.99
CA LEU A 14 -2.10 -6.86 -3.29
C LEU A 14 -2.35 -5.98 -4.53
N THR A 15 -3.54 -6.08 -5.12
CA THR A 15 -3.85 -5.42 -6.38
C THR A 15 -5.12 -4.59 -6.21
N ILE A 16 -5.17 -3.43 -6.86
CA ILE A 16 -6.27 -2.49 -6.79
C ILE A 16 -6.59 -1.95 -8.18
N VAL A 17 -7.76 -1.38 -8.40
CA VAL A 17 -8.10 -0.66 -9.64
C VAL A 17 -8.38 0.80 -9.27
N LYS A 18 -8.06 1.71 -10.18
CA LYS A 18 -8.10 3.14 -9.91
C LYS A 18 -9.41 3.75 -10.40
N GLY A 19 -10.44 3.71 -9.57
CA GLY A 19 -11.83 3.85 -9.98
C GLY A 19 -12.38 5.26 -9.80
N ALA A 20 -11.94 6.21 -10.64
CA ALA A 20 -12.36 7.62 -10.74
C ALA A 20 -12.13 8.46 -9.46
N GLN A 21 -11.99 9.78 -9.65
CA GLN A 21 -11.35 10.73 -8.73
C GLN A 21 -9.98 10.31 -8.16
N GLY A 22 -9.47 9.15 -8.52
CA GLY A 22 -8.29 8.52 -7.98
C GLY A 22 -8.70 7.09 -7.75
N PHE A 23 -8.42 6.58 -6.55
CA PHE A 23 -9.01 5.34 -6.07
C PHE A 23 -10.21 5.68 -5.19
N GLY A 24 -11.03 4.68 -4.86
CA GLY A 24 -12.19 4.87 -3.98
C GLY A 24 -11.78 5.14 -2.53
N PHE A 25 -10.81 4.37 -2.01
CA PHE A 25 -10.25 4.46 -0.66
C PHE A 25 -9.51 5.76 -0.40
N THR A 26 -8.97 5.87 0.81
CA THR A 26 -8.24 7.03 1.29
C THR A 26 -6.94 6.58 1.95
N ILE A 27 -5.88 7.39 1.85
CA ILE A 27 -4.67 7.27 2.65
C ILE A 27 -4.58 8.44 3.62
N ALA A 28 -3.67 8.32 4.57
CA ALA A 28 -3.23 9.37 5.47
C ALA A 28 -1.71 9.25 5.60
N ASP A 29 -1.09 10.32 6.06
CA ASP A 29 0.28 10.32 6.58
C ASP A 29 0.26 9.66 7.97
N SER A 30 1.35 8.99 8.37
CA SER A 30 1.44 8.26 9.62
C SER A 30 2.92 8.20 10.04
N PRO A 31 3.21 7.88 11.32
CA PRO A 31 4.53 7.98 11.96
C PRO A 31 5.64 7.10 11.39
N THR A 32 5.37 6.28 10.38
CA THR A 32 6.31 5.35 9.78
C THR A 32 6.31 5.43 8.26
N GLY A 33 5.32 6.09 7.67
CA GLY A 33 5.00 5.98 6.26
C GLY A 33 3.49 6.12 6.06
N GLN A 34 3.06 6.20 4.82
CA GLN A 34 1.67 6.41 4.45
C GLN A 34 0.86 5.18 4.82
N ARG A 35 -0.20 5.40 5.61
CA ARG A 35 -1.17 4.36 5.90
C ARG A 35 -2.41 4.58 5.08
N VAL A 36 -3.21 3.53 5.01
CA VAL A 36 -4.58 3.62 4.57
C VAL A 36 -5.33 4.30 5.70
N LYS A 37 -6.07 5.36 5.36
CA LYS A 37 -7.05 5.99 6.23
C LYS A 37 -8.21 5.02 6.33
N GLN A 38 -8.96 4.85 5.25
CA GLN A 38 -10.17 4.03 5.22
C GLN A 38 -10.37 3.53 3.78
N ILE A 39 -10.83 2.29 3.62
CA ILE A 39 -11.27 1.74 2.34
C ILE A 39 -12.76 2.02 2.22
N LEU A 40 -13.18 2.49 1.04
CA LEU A 40 -14.53 2.98 0.79
C LEU A 40 -15.20 2.17 -0.31
N ASP A 41 -14.43 1.66 -1.28
CA ASP A 41 -14.90 0.80 -2.35
C ASP A 41 -13.99 -0.41 -2.42
N ILE A 42 -14.40 -1.50 -1.78
CA ILE A 42 -13.57 -2.69 -1.59
C ILE A 42 -13.38 -3.42 -2.93
N GLN A 43 -14.43 -3.53 -3.74
CA GLN A 43 -14.29 -4.12 -5.06
C GLN A 43 -13.53 -3.21 -6.02
N GLY A 44 -13.44 -1.91 -5.72
CA GLY A 44 -12.52 -1.03 -6.41
C GLY A 44 -11.06 -1.37 -6.07
N CYS A 45 -10.79 -2.00 -4.93
CA CYS A 45 -9.44 -2.22 -4.40
C CYS A 45 -9.39 -3.55 -3.63
N PRO A 46 -9.39 -4.71 -4.31
CA PRO A 46 -9.33 -5.99 -3.63
C PRO A 46 -8.10 -6.14 -2.75
N GLY A 47 -8.18 -7.05 -1.79
CA GLY A 47 -7.06 -7.38 -0.91
C GLY A 47 -6.79 -6.32 0.15
N LEU A 48 -6.76 -5.04 -0.22
CA LEU A 48 -6.27 -3.90 0.54
C LEU A 48 -6.95 -3.86 1.91
N CYS A 49 -6.25 -3.43 2.97
CA CYS A 49 -6.80 -3.35 4.33
C CYS A 49 -6.51 -1.99 4.97
N GLU A 50 -7.26 -1.66 6.03
CA GLU A 50 -7.00 -0.45 6.80
C GLU A 50 -5.68 -0.59 7.55
N GLY A 51 -4.98 0.53 7.74
CA GLY A 51 -3.69 0.58 8.40
C GLY A 51 -2.58 -0.16 7.63
N ASP A 52 -2.83 -0.64 6.40
CA ASP A 52 -1.78 -1.11 5.49
C ASP A 52 -0.75 0.02 5.40
N LEU A 53 0.53 -0.30 5.64
CA LEU A 53 1.65 0.65 5.60
C LEU A 53 2.26 0.50 4.21
N ILE A 54 2.15 1.48 3.32
CA ILE A 54 2.54 1.30 1.93
C ILE A 54 4.07 1.19 1.84
N VAL A 55 4.58 0.30 0.97
CA VAL A 55 6.00 0.01 0.79
C VAL A 55 6.39 0.14 -0.66
N GLU A 56 5.57 -0.38 -1.58
CA GLU A 56 5.75 -0.15 -3.00
C GLU A 56 4.41 0.17 -3.64
N ILE A 57 4.49 0.85 -4.77
CA ILE A 57 3.42 1.01 -5.75
C ILE A 57 4.10 0.68 -7.07
N ASN A 58 3.54 -0.26 -7.84
CA ASN A 58 3.91 -0.56 -9.22
C ASN A 58 5.43 -0.65 -9.49
N GLN A 59 6.21 -1.21 -8.55
CA GLN A 59 7.68 -1.18 -8.53
C GLN A 59 8.25 0.24 -8.59
N GLN A 60 7.88 1.04 -7.60
CA GLN A 60 8.62 2.15 -7.06
C GLN A 60 8.51 1.98 -5.55
N ASN A 61 9.63 2.11 -4.84
CA ASN A 61 9.72 1.90 -3.40
C ASN A 61 9.49 3.21 -2.69
N VAL A 62 8.49 3.25 -1.81
CA VAL A 62 7.90 4.49 -1.33
C VAL A 62 8.04 4.67 0.19
N GLN A 63 8.61 3.73 0.94
CA GLN A 63 8.81 3.88 2.39
C GLN A 63 9.60 5.14 2.77
N ASN A 64 10.42 5.66 1.85
CA ASN A 64 11.31 6.79 2.04
C ASN A 64 10.64 8.13 1.66
N LEU A 65 9.37 8.08 1.23
CA LEU A 65 8.63 9.20 0.68
C LEU A 65 7.72 9.84 1.72
N SER A 66 7.12 10.96 1.32
CA SER A 66 6.13 11.71 2.07
C SER A 66 4.79 11.54 1.39
N HIS A 67 3.72 11.80 2.14
CA HIS A 67 2.36 11.54 1.71
C HIS A 67 2.08 12.11 0.33
N THR A 68 2.40 13.38 0.11
CA THR A 68 2.09 14.08 -1.12
C THR A 68 2.84 13.48 -2.30
N GLU A 69 4.04 12.93 -2.09
CA GLU A 69 4.81 12.23 -3.12
C GLU A 69 4.05 10.95 -3.52
N VAL A 70 3.55 10.20 -2.55
CA VAL A 70 2.87 8.92 -2.75
C VAL A 70 1.53 9.18 -3.43
N VAL A 71 0.86 10.27 -3.07
CA VAL A 71 -0.34 10.75 -3.74
C VAL A 71 -0.02 11.02 -5.20
N ASP A 72 1.10 11.68 -5.48
CA ASP A 72 1.46 12.11 -6.84
C ASP A 72 1.83 10.93 -7.75
N ILE A 73 2.46 9.91 -7.16
CA ILE A 73 2.70 8.60 -7.76
C ILE A 73 1.35 7.99 -8.09
N LEU A 74 0.46 7.86 -7.11
CA LEU A 74 -0.89 7.29 -7.33
C LEU A 74 -1.71 8.13 -8.31
N LYS A 75 -1.46 9.44 -8.44
CA LYS A 75 -2.09 10.30 -9.45
C LYS A 75 -1.63 9.88 -10.84
N ASP A 76 -0.33 9.56 -11.01
CA ASP A 76 0.26 9.13 -12.28
C ASP A 76 -0.42 7.87 -12.80
N CYS A 77 -0.71 6.94 -11.88
CA CYS A 77 -1.32 5.63 -12.19
C CYS A 77 -2.56 5.77 -13.08
N PRO A 78 -2.73 4.86 -14.06
CA PRO A 78 -3.83 4.90 -15.02
C PRO A 78 -5.16 4.63 -14.33
N ILE A 79 -6.06 5.60 -14.41
CA ILE A 79 -7.46 5.46 -14.01
C ILE A 79 -8.04 4.29 -14.81
N GLY A 80 -8.82 3.44 -14.12
CA GLY A 80 -9.51 2.30 -14.69
C GLY A 80 -8.58 1.19 -15.15
N SER A 81 -7.34 1.18 -14.67
CA SER A 81 -6.40 0.08 -14.80
C SER A 81 -6.15 -0.48 -13.40
N GLU A 82 -5.59 -1.69 -13.33
CA GLU A 82 -4.97 -2.22 -12.12
C GLU A 82 -3.75 -1.36 -11.72
N THR A 83 -3.44 -1.38 -10.43
CA THR A 83 -2.21 -0.97 -9.81
C THR A 83 -1.85 -2.11 -8.84
N SER A 84 -0.57 -2.45 -8.74
CA SER A 84 0.01 -3.30 -7.73
C SER A 84 0.40 -2.40 -6.58
N LEU A 85 0.11 -2.81 -5.35
CA LEU A 85 0.75 -2.25 -4.18
C LEU A 85 1.53 -3.35 -3.47
N ILE A 86 2.42 -2.92 -2.57
CA ILE A 86 3.05 -3.76 -1.56
C ILE A 86 2.92 -2.97 -0.25
N ILE A 87 2.58 -3.62 0.84
CA ILE A 87 2.32 -3.03 2.15
C ILE A 87 3.04 -3.86 3.23
N HIS A 88 3.32 -3.26 4.39
CA HIS A 88 4.15 -3.85 5.43
C HIS A 88 3.24 -4.60 6.42
N ARG A 89 3.12 -5.93 6.29
CA ARG A 89 2.50 -6.78 7.31
C ARG A 89 3.04 -8.21 7.20
N GLY A 90 2.84 -8.99 8.25
CA GLY A 90 3.29 -10.36 8.39
C GLY A 90 2.21 -11.16 9.09
N SER A 91 1.91 -10.83 10.35
CA SER A 91 0.78 -11.40 11.07
C SER A 91 0.21 -10.38 12.06
N GLY A 92 -0.57 -10.86 13.03
CA GLY A 92 -1.07 -10.10 14.17
C GLY A 92 -0.38 -10.54 15.47
N PRO A 93 -0.71 -9.88 16.60
CA PRO A 93 -0.05 -10.12 17.87
C PRO A 93 -0.53 -11.40 18.57
N SER A 94 -1.81 -11.73 18.41
CA SER A 94 -2.55 -12.62 19.31
C SER A 94 -2.37 -14.09 18.90
N SER A 95 -1.61 -14.85 19.69
CA SER A 95 -1.23 -16.24 19.47
C SER A 95 -0.20 -16.37 18.34
N GLY A 96 0.18 -17.59 17.99
CA GLY A 96 1.23 -17.89 17.02
C GLY A 96 1.60 -19.33 17.18
N GLY A 1 13.44 -4.36 18.25
CA GLY A 1 14.61 -4.79 17.47
C GLY A 1 15.13 -3.60 16.70
N SER A 2 16.46 -3.46 16.60
CA SER A 2 17.09 -2.35 15.90
C SER A 2 18.51 -2.75 15.51
N SER A 3 19.16 -1.92 14.68
CA SER A 3 20.39 -2.24 13.96
C SER A 3 20.24 -3.57 13.21
N GLY A 4 21.33 -4.15 12.71
CA GLY A 4 21.33 -5.40 11.97
C GLY A 4 20.35 -5.37 10.80
N SER A 5 19.86 -6.54 10.40
CA SER A 5 18.81 -6.68 9.41
C SER A 5 17.86 -7.79 9.82
N SER A 6 16.56 -7.55 9.64
CA SER A 6 15.53 -8.56 9.81
C SER A 6 15.73 -9.66 8.76
N GLY A 7 15.25 -10.87 9.06
CA GLY A 7 15.13 -11.95 8.09
C GLY A 7 13.93 -11.69 7.17
N GLN A 8 13.47 -12.76 6.51
CA GLN A 8 12.36 -12.82 5.55
C GLN A 8 11.27 -11.81 5.87
N ALA A 9 11.29 -10.70 5.13
CA ALA A 9 10.55 -9.49 5.50
C ALA A 9 9.03 -9.68 5.46
N GLU A 10 8.54 -10.72 4.77
CA GLU A 10 7.14 -11.16 4.70
C GLU A 10 6.20 -9.97 4.51
N LEU A 11 6.13 -9.44 3.29
CA LEU A 11 5.19 -8.37 2.95
C LEU A 11 3.95 -8.96 2.30
N MET A 12 2.90 -8.16 2.17
CA MET A 12 1.73 -8.52 1.36
C MET A 12 1.80 -7.72 0.09
N THR A 13 1.96 -8.39 -1.04
CA THR A 13 1.56 -7.82 -2.32
C THR A 13 0.03 -7.92 -2.42
N LEU A 14 -0.60 -6.89 -2.98
CA LEU A 14 -2.03 -6.80 -3.27
C LEU A 14 -2.16 -6.09 -4.62
N THR A 15 -3.35 -6.09 -5.21
CA THR A 15 -3.61 -5.31 -6.42
C THR A 15 -4.84 -4.42 -6.16
N ILE A 16 -4.87 -3.23 -6.78
CA ILE A 16 -6.02 -2.34 -6.79
C ILE A 16 -6.28 -1.87 -8.22
N VAL A 17 -7.47 -1.34 -8.49
CA VAL A 17 -7.93 -0.96 -9.82
C VAL A 17 -8.59 0.41 -9.71
N LYS A 18 -8.32 1.30 -10.67
CA LYS A 18 -8.39 2.73 -10.40
C LYS A 18 -9.58 3.42 -11.05
N GLY A 19 -10.75 3.32 -10.43
CA GLY A 19 -12.04 3.65 -11.03
C GLY A 19 -12.10 4.98 -11.78
N ALA A 20 -12.22 6.12 -11.08
CA ALA A 20 -12.20 7.43 -11.75
C ALA A 20 -11.58 8.51 -10.87
N GLN A 21 -12.15 8.79 -9.69
CA GLN A 21 -11.64 9.81 -8.77
C GLN A 21 -10.49 9.25 -7.91
N GLY A 22 -9.57 8.55 -8.56
CA GLY A 22 -8.38 7.98 -7.95
C GLY A 22 -8.73 6.93 -6.92
N PHE A 23 -9.13 5.74 -7.40
CA PHE A 23 -9.59 4.61 -6.61
C PHE A 23 -10.84 5.03 -5.83
N GLY A 24 -10.69 5.61 -4.65
CA GLY A 24 -11.74 6.23 -3.86
C GLY A 24 -11.37 6.28 -2.38
N PHE A 25 -10.60 5.28 -1.92
CA PHE A 25 -10.09 5.18 -0.55
C PHE A 25 -9.20 6.39 -0.21
N THR A 26 -8.92 6.55 1.09
CA THR A 26 -8.16 7.68 1.60
C THR A 26 -6.92 7.14 2.32
N ILE A 27 -5.82 7.90 2.27
CA ILE A 27 -4.65 7.65 3.11
C ILE A 27 -4.48 8.80 4.11
N ALA A 28 -3.69 8.56 5.15
CA ALA A 28 -3.19 9.50 6.12
C ALA A 28 -1.68 9.26 6.22
N ASP A 29 -0.97 10.28 6.67
CA ASP A 29 0.45 10.18 6.97
C ASP A 29 0.62 9.40 8.28
N SER A 30 1.71 8.64 8.44
CA SER A 30 2.05 7.99 9.69
C SER A 30 3.57 8.17 9.91
N PRO A 31 4.07 7.97 11.14
CA PRO A 31 5.50 8.03 11.46
C PRO A 31 6.37 6.98 10.75
N THR A 32 5.77 6.15 9.90
CA THR A 32 6.38 4.94 9.36
C THR A 32 6.23 4.84 7.83
N GLY A 33 5.58 5.80 7.17
CA GLY A 33 5.17 5.70 5.77
C GLY A 33 3.67 6.04 5.67
N GLN A 34 3.11 6.02 4.47
CA GLN A 34 1.68 6.30 4.32
C GLN A 34 0.83 5.11 4.73
N ARG A 35 -0.43 5.36 5.14
CA ARG A 35 -1.35 4.34 5.60
C ARG A 35 -2.81 4.68 5.28
N VAL A 36 -3.66 3.67 5.27
CA VAL A 36 -5.06 3.74 4.85
C VAL A 36 -5.85 4.31 6.02
N LYS A 37 -6.40 5.50 5.79
CA LYS A 37 -7.35 6.14 6.68
C LYS A 37 -8.70 5.43 6.62
N GLN A 38 -9.20 5.09 5.42
CA GLN A 38 -10.54 4.59 5.22
C GLN A 38 -10.57 3.95 3.85
N ILE A 39 -11.55 3.08 3.57
CA ILE A 39 -11.70 2.40 2.29
C ILE A 39 -13.09 2.68 1.77
N LEU A 40 -13.16 3.57 0.79
CA LEU A 40 -14.37 4.14 0.24
C LEU A 40 -14.70 3.56 -1.13
N ASP A 41 -13.84 2.70 -1.68
CA ASP A 41 -14.24 1.74 -2.71
C ASP A 41 -13.46 0.46 -2.46
N ILE A 42 -14.11 -0.47 -1.78
CA ILE A 42 -13.59 -1.78 -1.40
C ILE A 42 -13.44 -2.64 -2.65
N GLN A 43 -14.41 -2.60 -3.57
CA GLN A 43 -14.39 -3.39 -4.79
C GLN A 43 -13.27 -2.95 -5.73
N GLY A 44 -12.94 -1.65 -5.76
CA GLY A 44 -11.78 -1.14 -6.47
C GLY A 44 -10.46 -1.51 -5.77
N CYS A 45 -10.49 -1.83 -4.47
CA CYS A 45 -9.29 -2.07 -3.67
C CYS A 45 -9.42 -3.40 -2.90
N PRO A 46 -9.42 -4.55 -3.60
CA PRO A 46 -9.58 -5.84 -2.96
C PRO A 46 -8.39 -6.12 -2.04
N GLY A 47 -8.64 -6.88 -0.97
CA GLY A 47 -7.66 -7.27 0.03
C GLY A 47 -7.15 -6.13 0.91
N LEU A 48 -7.26 -4.87 0.48
CA LEU A 48 -6.84 -3.69 1.22
C LEU A 48 -7.56 -3.63 2.57
N CYS A 49 -6.83 -3.32 3.64
CA CYS A 49 -7.37 -3.06 4.97
C CYS A 49 -6.85 -1.72 5.49
N GLU A 50 -7.54 -1.16 6.48
CA GLU A 50 -7.17 0.09 7.14
C GLU A 50 -5.94 -0.15 8.02
N GLY A 51 -5.00 0.80 8.03
CA GLY A 51 -3.73 0.65 8.72
C GLY A 51 -2.91 -0.49 8.13
N ASP A 52 -2.74 -0.50 6.82
CA ASP A 52 -1.61 -1.07 6.08
C ASP A 52 -0.32 -0.29 6.42
N LEU A 53 0.76 -0.49 5.65
CA LEU A 53 1.91 0.39 5.61
C LEU A 53 2.48 0.37 4.19
N ILE A 54 2.45 1.50 3.48
CA ILE A 54 2.79 1.61 2.06
C ILE A 54 4.29 1.41 1.83
N VAL A 55 4.67 0.47 0.96
CA VAL A 55 6.05 0.07 0.69
C VAL A 55 6.40 0.23 -0.77
N GLU A 56 5.67 -0.41 -1.68
CA GLU A 56 5.95 -0.35 -3.11
C GLU A 56 4.65 -0.09 -3.86
N ILE A 57 4.76 0.65 -4.96
CA ILE A 57 3.70 0.97 -5.90
C ILE A 57 4.30 0.76 -7.27
N ASN A 58 3.67 -0.08 -8.09
CA ASN A 58 4.07 -0.37 -9.46
C ASN A 58 5.56 -0.72 -9.58
N GLN A 59 6.11 -1.39 -8.56
CA GLN A 59 7.50 -1.78 -8.38
C GLN A 59 8.48 -0.62 -8.15
N GLN A 60 8.00 0.60 -7.91
CA GLN A 60 8.78 1.70 -7.35
C GLN A 60 8.66 1.63 -5.83
N ASN A 61 9.78 1.73 -5.10
CA ASN A 61 9.77 1.78 -3.64
C ASN A 61 9.43 3.19 -3.19
N VAL A 62 8.59 3.27 -2.15
CA VAL A 62 8.00 4.50 -1.64
C VAL A 62 8.05 4.56 -0.10
N GLN A 63 8.83 3.69 0.55
CA GLN A 63 8.88 3.63 2.02
C GLN A 63 9.39 4.92 2.66
N ASN A 64 10.16 5.74 1.94
CA ASN A 64 10.81 6.94 2.50
C ASN A 64 10.33 8.18 1.74
N LEU A 65 9.10 8.15 1.21
CA LEU A 65 8.45 9.27 0.57
C LEU A 65 7.52 9.99 1.53
N SER A 66 7.12 11.19 1.15
CA SER A 66 6.09 11.99 1.81
C SER A 66 4.72 11.58 1.27
N HIS A 67 3.68 11.95 2.02
CA HIS A 67 2.28 11.79 1.69
C HIS A 67 2.02 12.24 0.27
N THR A 68 2.33 13.49 -0.03
CA THR A 68 2.02 14.13 -1.28
C THR A 68 2.65 13.37 -2.46
N GLU A 69 3.87 12.87 -2.30
CA GLU A 69 4.60 12.12 -3.31
C GLU A 69 3.90 10.79 -3.59
N VAL A 70 3.48 10.08 -2.53
CA VAL A 70 2.75 8.82 -2.67
C VAL A 70 1.39 9.07 -3.35
N VAL A 71 0.71 10.16 -3.00
CA VAL A 71 -0.51 10.59 -3.67
C VAL A 71 -0.21 10.89 -5.14
N ASP A 72 0.91 11.52 -5.42
CA ASP A 72 1.35 11.93 -6.76
C ASP A 72 1.55 10.70 -7.65
N ILE A 73 2.25 9.70 -7.14
CA ILE A 73 2.50 8.42 -7.81
C ILE A 73 1.16 7.73 -8.09
N LEU A 74 0.24 7.73 -7.11
CA LEU A 74 -1.09 7.19 -7.31
C LEU A 74 -1.92 8.05 -8.27
N LYS A 75 -1.68 9.36 -8.41
CA LYS A 75 -2.34 10.17 -9.44
C LYS A 75 -1.89 9.69 -10.80
N ASP A 76 -0.58 9.44 -10.99
CA ASP A 76 -0.03 9.02 -12.26
C ASP A 76 -0.55 7.65 -12.71
N CYS A 77 -0.96 6.79 -11.76
CA CYS A 77 -1.49 5.46 -12.07
C CYS A 77 -2.65 5.57 -13.07
N PRO A 78 -2.65 4.71 -14.10
CA PRO A 78 -3.63 4.73 -15.16
C PRO A 78 -5.01 4.32 -14.64
N ILE A 79 -6.01 5.08 -15.06
CA ILE A 79 -7.39 4.98 -14.64
C ILE A 79 -7.98 3.70 -15.25
N GLY A 80 -8.57 2.88 -14.39
CA GLY A 80 -9.21 1.62 -14.71
C GLY A 80 -8.25 0.55 -15.19
N SER A 81 -6.96 0.77 -15.05
CA SER A 81 -5.95 -0.26 -15.17
C SER A 81 -5.69 -0.82 -13.78
N GLU A 82 -4.99 -1.95 -13.72
CA GLU A 82 -4.55 -2.53 -12.48
C GLU A 82 -3.32 -1.75 -11.99
N THR A 83 -3.15 -1.67 -10.68
CA THR A 83 -2.05 -1.01 -10.00
C THR A 83 -1.53 -2.01 -8.96
N SER A 84 -0.23 -2.31 -8.98
CA SER A 84 0.35 -3.42 -8.24
C SER A 84 1.00 -2.84 -6.99
N LEU A 85 0.50 -3.14 -5.80
CA LEU A 85 0.95 -2.48 -4.58
C LEU A 85 1.53 -3.51 -3.62
N ILE A 86 2.44 -3.08 -2.76
CA ILE A 86 2.98 -3.91 -1.68
C ILE A 86 2.85 -3.10 -0.39
N ILE A 87 2.41 -3.75 0.69
CA ILE A 87 2.31 -3.17 2.02
C ILE A 87 2.99 -4.08 3.06
N HIS A 88 3.45 -3.47 4.15
CA HIS A 88 4.17 -4.08 5.26
C HIS A 88 3.11 -4.58 6.25
N ARG A 89 2.88 -5.90 6.32
CA ARG A 89 2.07 -6.59 7.34
C ARG A 89 2.47 -8.06 7.40
N GLY A 90 2.48 -8.72 6.24
CA GLY A 90 2.71 -10.15 6.16
C GLY A 90 1.52 -10.94 6.69
N SER A 91 1.78 -12.11 7.28
CA SER A 91 0.75 -12.92 7.90
C SER A 91 0.27 -12.24 9.19
N GLY A 92 1.10 -12.18 10.24
CA GLY A 92 0.62 -11.74 11.54
C GLY A 92 -0.49 -12.65 12.07
N PRO A 93 -1.22 -12.26 13.12
CA PRO A 93 -2.21 -13.07 13.81
C PRO A 93 -3.54 -13.10 13.03
N SER A 94 -3.50 -13.58 11.79
CA SER A 94 -4.66 -13.75 10.94
C SER A 94 -5.48 -14.90 11.52
N SER A 95 -6.63 -14.59 12.12
CA SER A 95 -7.37 -15.49 13.01
C SER A 95 -6.59 -15.80 14.29
N GLY A 96 -7.29 -16.43 15.24
CA GLY A 96 -6.84 -16.56 16.61
C GLY A 96 -6.64 -15.17 17.18
N GLY A 1 26.21 -23.54 -5.40
CA GLY A 1 25.50 -22.62 -4.51
C GLY A 1 25.82 -21.20 -4.93
N SER A 2 24.84 -20.29 -4.87
CA SER A 2 25.07 -18.85 -4.94
C SER A 2 24.04 -18.16 -4.05
N SER A 3 24.27 -18.23 -2.73
CA SER A 3 23.40 -17.81 -1.64
C SER A 3 22.05 -18.56 -1.62
N GLY A 4 21.31 -18.40 -0.52
CA GLY A 4 20.05 -19.07 -0.27
C GLY A 4 19.43 -18.53 1.01
N SER A 5 18.47 -19.29 1.56
CA SER A 5 17.75 -19.06 2.80
C SER A 5 16.70 -17.96 2.68
N SER A 6 15.47 -18.31 3.02
CA SER A 6 14.32 -17.44 3.14
C SER A 6 14.25 -16.91 4.57
N GLY A 7 13.33 -15.97 4.82
CA GLY A 7 13.04 -15.39 6.11
C GLY A 7 12.58 -13.96 5.90
N GLN A 8 12.92 -13.08 6.83
CA GLN A 8 12.52 -11.67 6.84
C GLN A 8 10.99 -11.57 7.05
N ALA A 9 10.44 -10.36 7.00
CA ALA A 9 9.02 -10.14 7.11
C ALA A 9 8.35 -10.62 5.82
N GLU A 10 7.15 -11.17 5.94
CA GLU A 10 6.37 -11.59 4.78
C GLU A 10 5.55 -10.41 4.28
N LEU A 11 6.13 -9.61 3.37
CA LEU A 11 5.44 -8.53 2.68
C LEU A 11 4.24 -9.12 1.92
N MET A 12 3.17 -8.33 1.75
CA MET A 12 1.97 -8.70 0.98
C MET A 12 1.93 -7.78 -0.23
N THR A 13 1.44 -8.25 -1.38
CA THR A 13 1.45 -7.55 -2.65
C THR A 13 0.08 -7.70 -3.29
N LEU A 14 -0.74 -6.68 -3.13
CA LEU A 14 -2.13 -6.66 -3.52
C LEU A 14 -2.31 -5.85 -4.79
N THR A 15 -3.49 -5.95 -5.39
CA THR A 15 -3.84 -5.29 -6.63
C THR A 15 -5.08 -4.40 -6.43
N ILE A 16 -5.14 -3.27 -7.13
CA ILE A 16 -6.28 -2.36 -7.19
C ILE A 16 -6.44 -1.85 -8.62
N VAL A 17 -7.65 -1.82 -9.19
CA VAL A 17 -7.91 -1.19 -10.49
C VAL A 17 -8.56 0.15 -10.21
N LYS A 18 -7.93 1.22 -10.69
CA LYS A 18 -8.29 2.60 -10.38
C LYS A 18 -9.61 2.94 -11.06
N GLY A 19 -10.65 3.24 -10.29
CA GLY A 19 -12.01 3.35 -10.80
C GLY A 19 -12.29 4.69 -11.44
N ALA A 20 -12.35 5.78 -10.67
CA ALA A 20 -12.71 7.10 -11.20
C ALA A 20 -12.11 8.23 -10.38
N GLN A 21 -12.61 8.50 -9.17
CA GLN A 21 -12.21 9.65 -8.35
C GLN A 21 -10.84 9.42 -7.69
N GLY A 22 -9.93 8.75 -8.39
CA GLY A 22 -8.79 8.04 -7.87
C GLY A 22 -9.24 6.63 -7.55
N PHE A 23 -8.98 6.20 -6.31
CA PHE A 23 -9.30 4.88 -5.81
C PHE A 23 -10.37 5.00 -4.72
N GLY A 24 -10.96 3.85 -4.37
CA GLY A 24 -12.03 3.71 -3.40
C GLY A 24 -11.56 3.72 -1.95
N PHE A 25 -10.42 4.33 -1.65
CA PHE A 25 -9.87 4.44 -0.30
C PHE A 25 -9.06 5.72 -0.21
N THR A 26 -8.69 6.13 1.00
CA THR A 26 -7.93 7.36 1.22
C THR A 26 -6.71 7.05 2.10
N ILE A 27 -5.70 7.94 2.08
CA ILE A 27 -4.48 7.79 2.87
C ILE A 27 -4.24 9.03 3.72
N ALA A 28 -3.57 8.86 4.85
CA ALA A 28 -3.15 9.93 5.73
C ALA A 28 -1.82 9.55 6.35
N ASP A 29 -0.96 10.54 6.56
CA ASP A 29 0.41 10.32 6.94
C ASP A 29 0.52 9.80 8.36
N SER A 30 1.54 8.98 8.59
CA SER A 30 1.86 8.33 9.84
C SER A 30 3.38 8.46 10.00
N PRO A 31 3.90 8.19 11.20
CA PRO A 31 5.33 8.25 11.47
C PRO A 31 6.11 7.13 10.80
N THR A 32 5.45 6.18 10.14
CA THR A 32 6.08 4.96 9.67
C THR A 32 5.79 4.69 8.20
N GLY A 33 4.90 5.46 7.56
CA GLY A 33 4.50 5.28 6.17
C GLY A 33 3.16 5.97 5.92
N GLN A 34 2.63 5.85 4.71
CA GLN A 34 1.41 6.53 4.28
C GLN A 34 0.20 5.62 4.47
N ARG A 35 -0.51 5.69 5.60
CA ARG A 35 -1.42 4.61 5.99
C ARG A 35 -2.79 4.80 5.39
N VAL A 36 -3.54 3.70 5.37
CA VAL A 36 -4.93 3.69 4.95
C VAL A 36 -5.71 4.42 6.03
N LYS A 37 -6.28 5.56 5.68
CA LYS A 37 -7.22 6.26 6.53
C LYS A 37 -8.51 5.47 6.57
N GLN A 38 -9.17 5.28 5.43
CA GLN A 38 -10.41 4.53 5.34
C GLN A 38 -10.51 3.89 3.97
N ILE A 39 -11.05 2.68 3.91
CA ILE A 39 -11.43 1.98 2.70
C ILE A 39 -12.91 2.27 2.53
N LEU A 40 -13.28 3.06 1.52
CA LEU A 40 -14.66 3.40 1.21
C LEU A 40 -15.30 2.22 0.46
N ASP A 41 -14.53 1.54 -0.39
CA ASP A 41 -14.96 0.47 -1.28
C ASP A 41 -14.00 -0.70 -1.15
N ILE A 42 -14.31 -1.66 -0.27
CA ILE A 42 -13.47 -2.85 -0.08
C ILE A 42 -13.30 -3.60 -1.41
N GLN A 43 -14.37 -3.75 -2.18
CA GLN A 43 -14.33 -4.40 -3.48
C GLN A 43 -13.54 -3.59 -4.52
N GLY A 44 -13.22 -2.33 -4.26
CA GLY A 44 -12.36 -1.51 -5.09
C GLY A 44 -10.91 -1.56 -4.62
N CYS A 45 -10.65 -2.07 -3.41
CA CYS A 45 -9.33 -2.18 -2.83
C CYS A 45 -9.13 -3.58 -2.25
N PRO A 46 -9.32 -4.66 -3.04
CA PRO A 46 -9.49 -6.00 -2.50
C PRO A 46 -8.18 -6.52 -1.90
N GLY A 47 -8.20 -6.92 -0.64
CA GLY A 47 -7.04 -7.45 0.09
C GLY A 47 -6.34 -6.39 0.93
N LEU A 48 -6.59 -5.11 0.67
CA LEU A 48 -6.02 -4.01 1.42
C LEU A 48 -6.52 -4.08 2.86
N CYS A 49 -5.74 -3.57 3.82
CA CYS A 49 -6.10 -3.53 5.23
C CYS A 49 -6.02 -2.09 5.73
N GLU A 50 -6.82 -1.76 6.74
CA GLU A 50 -6.81 -0.43 7.33
C GLU A 50 -5.57 -0.36 8.22
N GLY A 51 -4.87 0.78 8.20
CA GLY A 51 -3.56 0.86 8.82
C GLY A 51 -2.59 -0.15 8.19
N ASP A 52 -2.56 -0.25 6.86
CA ASP A 52 -1.48 -0.88 6.10
C ASP A 52 -0.13 -0.21 6.39
N LEU A 53 0.93 -0.68 5.71
CA LEU A 53 2.20 0.02 5.70
C LEU A 53 2.82 -0.05 4.30
N ILE A 54 2.53 0.94 3.46
CA ILE A 54 3.00 1.02 2.06
C ILE A 54 4.53 0.94 2.04
N VAL A 55 5.09 0.15 1.12
CA VAL A 55 6.53 -0.01 0.88
C VAL A 55 6.86 0.21 -0.59
N GLU A 56 6.08 -0.39 -1.49
CA GLU A 56 6.16 -0.14 -2.93
C GLU A 56 4.77 0.17 -3.45
N ILE A 57 4.73 1.01 -4.47
CA ILE A 57 3.66 0.99 -5.46
C ILE A 57 4.35 0.55 -6.74
N ASN A 58 3.69 -0.32 -7.50
CA ASN A 58 3.96 -0.73 -8.88
C ASN A 58 5.24 -1.54 -9.11
N GLN A 59 6.35 -0.98 -8.65
CA GLN A 59 7.74 -1.16 -9.06
C GLN A 59 8.70 -0.06 -8.53
N GLN A 60 8.31 0.79 -7.57
CA GLN A 60 9.09 1.91 -7.05
C GLN A 60 9.06 1.87 -5.52
N ASN A 61 10.19 2.20 -4.86
CA ASN A 61 10.23 2.42 -3.41
C ASN A 61 9.48 3.70 -3.08
N VAL A 62 8.55 3.62 -2.13
CA VAL A 62 7.76 4.74 -1.61
C VAL A 62 7.77 4.64 -0.06
N GLN A 63 8.75 3.96 0.54
CA GLN A 63 8.89 3.85 1.99
C GLN A 63 9.11 5.24 2.61
N ASN A 64 10.19 5.93 2.23
CA ASN A 64 10.50 7.25 2.79
C ASN A 64 9.51 8.31 2.29
N LEU A 65 8.86 8.04 1.17
CA LEU A 65 8.09 8.98 0.38
C LEU A 65 7.06 9.71 1.23
N SER A 66 7.02 11.02 1.03
CA SER A 66 6.01 11.89 1.63
C SER A 66 4.61 11.40 1.24
N HIS A 67 3.61 11.86 1.98
CA HIS A 67 2.20 11.70 1.63
C HIS A 67 2.00 12.13 0.19
N THR A 68 2.46 13.33 -0.13
CA THR A 68 2.46 13.95 -1.44
C THR A 68 2.95 13.01 -2.53
N GLU A 69 4.12 12.40 -2.31
CA GLU A 69 4.83 11.62 -3.31
C GLU A 69 3.98 10.40 -3.67
N VAL A 70 3.46 9.70 -2.65
CA VAL A 70 2.59 8.54 -2.77
C VAL A 70 1.27 8.93 -3.47
N VAL A 71 0.64 10.04 -3.06
CA VAL A 71 -0.56 10.56 -3.69
C VAL A 71 -0.30 10.76 -5.17
N ASP A 72 0.84 11.37 -5.49
CA ASP A 72 1.20 11.78 -6.85
C ASP A 72 1.45 10.59 -7.76
N ILE A 73 2.12 9.56 -7.26
CA ILE A 73 2.30 8.29 -7.95
C ILE A 73 0.93 7.67 -8.25
N LEU A 74 0.06 7.61 -7.23
CA LEU A 74 -1.30 7.08 -7.39
C LEU A 74 -2.14 7.95 -8.33
N LYS A 75 -1.87 9.25 -8.45
CA LYS A 75 -2.53 10.14 -9.42
C LYS A 75 -2.08 9.81 -10.83
N ASP A 76 -0.79 9.55 -11.05
CA ASP A 76 -0.29 9.24 -12.38
C ASP A 76 -0.81 7.90 -12.88
N CYS A 77 -1.13 6.96 -11.97
CA CYS A 77 -1.75 5.68 -12.33
C CYS A 77 -2.96 5.90 -13.24
N PRO A 78 -3.01 5.21 -14.39
CA PRO A 78 -4.12 5.27 -15.32
C PRO A 78 -5.39 4.79 -14.65
N ILE A 79 -6.44 5.58 -14.86
CA ILE A 79 -7.80 5.21 -14.57
C ILE A 79 -8.13 4.03 -15.50
N GLY A 80 -8.63 2.93 -14.93
CA GLY A 80 -8.98 1.72 -15.65
C GLY A 80 -7.76 0.87 -15.98
N SER A 81 -6.64 1.10 -15.29
CA SER A 81 -5.57 0.13 -15.19
C SER A 81 -5.44 -0.30 -13.74
N GLU A 82 -4.83 -1.46 -13.59
CA GLU A 82 -4.34 -2.01 -12.36
C GLU A 82 -3.22 -1.13 -11.81
N THR A 83 -3.06 -1.18 -10.49
CA THR A 83 -1.93 -0.71 -9.75
C THR A 83 -1.62 -1.75 -8.66
N SER A 84 -0.34 -1.86 -8.32
CA SER A 84 0.28 -2.90 -7.52
C SER A 84 0.68 -2.24 -6.20
N LEU A 85 0.26 -2.75 -5.04
CA LEU A 85 0.58 -2.14 -3.76
C LEU A 85 1.19 -3.19 -2.83
N ILE A 86 2.45 -2.99 -2.45
CA ILE A 86 3.18 -3.85 -1.52
C ILE A 86 3.11 -3.20 -0.14
N ILE A 87 2.63 -3.94 0.86
CA ILE A 87 2.41 -3.43 2.22
C ILE A 87 3.05 -4.35 3.28
N HIS A 88 3.38 -3.78 4.44
CA HIS A 88 4.17 -4.38 5.52
C HIS A 88 3.26 -4.68 6.72
N ARG A 89 2.45 -5.74 6.59
CA ARG A 89 1.63 -6.33 7.64
C ARG A 89 2.30 -7.65 7.98
N GLY A 90 3.48 -7.60 8.59
CA GLY A 90 4.35 -8.75 8.81
C GLY A 90 5.34 -8.36 9.90
N SER A 91 4.99 -8.66 11.14
CA SER A 91 5.66 -8.14 12.32
C SER A 91 5.75 -9.25 13.37
N GLY A 92 5.96 -8.89 14.64
CA GLY A 92 6.23 -9.84 15.71
C GLY A 92 5.98 -9.24 17.08
N PRO A 93 6.51 -9.89 18.13
CA PRO A 93 6.42 -9.42 19.51
C PRO A 93 6.85 -7.96 19.68
N SER A 94 6.54 -7.42 20.85
CA SER A 94 6.86 -6.04 21.19
C SER A 94 7.03 -5.92 22.70
N SER A 95 7.91 -5.01 23.13
CA SER A 95 8.19 -4.70 24.52
C SER A 95 8.51 -3.21 24.60
N GLY A 96 7.50 -2.37 24.85
CA GLY A 96 7.61 -0.92 24.92
C GLY A 96 6.24 -0.32 25.15
N GLY A 1 29.64 -9.55 -2.61
CA GLY A 1 28.61 -9.62 -3.65
C GLY A 1 27.50 -8.65 -3.37
N SER A 2 26.40 -8.76 -4.11
CA SER A 2 25.12 -8.18 -3.76
C SER A 2 24.03 -9.14 -4.26
N SER A 3 24.22 -9.75 -5.43
CA SER A 3 23.54 -10.99 -5.76
C SER A 3 24.26 -12.11 -5.02
N GLY A 4 23.73 -12.54 -3.87
CA GLY A 4 24.14 -13.75 -3.17
C GLY A 4 22.92 -14.65 -3.04
N SER A 5 22.33 -15.03 -4.19
CA SER A 5 20.96 -15.51 -4.33
C SER A 5 19.95 -14.45 -3.89
N SER A 6 18.66 -14.74 -4.08
CA SER A 6 17.52 -13.98 -3.58
C SER A 6 16.34 -14.97 -3.59
N GLY A 7 15.11 -14.49 -3.50
CA GLY A 7 13.91 -15.33 -3.53
C GLY A 7 13.50 -15.69 -2.11
N GLN A 8 12.85 -14.74 -1.45
CA GLN A 8 12.09 -14.90 -0.22
C GLN A 8 10.86 -14.03 -0.36
N ALA A 9 9.80 -14.34 0.41
CA ALA A 9 8.51 -13.69 0.28
C ALA A 9 8.64 -12.17 0.44
N GLU A 10 8.36 -11.44 -0.62
CA GLU A 10 8.51 -9.99 -0.72
C GLU A 10 7.28 -9.29 -0.11
N LEU A 11 6.92 -9.68 1.11
CA LEU A 11 5.76 -9.23 1.88
C LEU A 11 4.45 -9.47 1.09
N MET A 12 3.33 -8.82 1.46
CA MET A 12 2.09 -8.93 0.71
C MET A 12 2.07 -7.84 -0.36
N THR A 13 1.88 -8.22 -1.63
CA THR A 13 1.41 -7.29 -2.65
C THR A 13 -0.10 -7.46 -2.80
N LEU A 14 -0.82 -6.37 -3.02
CA LEU A 14 -2.26 -6.31 -3.19
C LEU A 14 -2.56 -5.52 -4.45
N THR A 15 -3.61 -5.88 -5.18
CA THR A 15 -3.97 -5.26 -6.44
C THR A 15 -5.17 -4.31 -6.22
N ILE A 16 -5.11 -3.10 -6.78
CA ILE A 16 -6.19 -2.11 -6.70
C ILE A 16 -6.31 -1.31 -8.01
N VAL A 17 -7.51 -1.04 -8.50
CA VAL A 17 -7.75 -0.26 -9.72
C VAL A 17 -8.38 1.10 -9.42
N LYS A 18 -7.86 2.12 -10.08
CA LYS A 18 -8.13 3.54 -9.85
C LYS A 18 -9.46 3.97 -10.46
N GLY A 19 -10.41 4.40 -9.63
CA GLY A 19 -11.60 5.10 -10.08
C GLY A 19 -11.31 6.58 -10.30
N ALA A 20 -12.29 7.29 -10.86
CA ALA A 20 -12.17 8.65 -11.39
C ALA A 20 -11.50 9.65 -10.44
N GLN A 21 -12.08 9.84 -9.24
CA GLN A 21 -11.58 10.82 -8.28
C GLN A 21 -10.40 10.24 -7.47
N GLY A 22 -9.88 9.08 -7.89
CA GLY A 22 -8.65 8.48 -7.41
C GLY A 22 -9.01 7.38 -6.45
N PHE A 23 -9.34 6.20 -7.00
CA PHE A 23 -9.69 4.99 -6.26
C PHE A 23 -10.94 5.21 -5.40
N GLY A 24 -11.32 4.20 -4.62
CA GLY A 24 -12.31 4.38 -3.56
C GLY A 24 -11.64 4.84 -2.28
N PHE A 25 -10.76 4.02 -1.72
CA PHE A 25 -10.11 4.25 -0.42
C PHE A 25 -9.27 5.53 -0.38
N THR A 26 -8.82 5.87 0.84
CA THR A 26 -8.06 7.08 1.13
C THR A 26 -6.82 6.71 1.96
N ILE A 27 -5.80 7.57 1.96
CA ILE A 27 -4.62 7.48 2.83
C ILE A 27 -4.49 8.76 3.61
N ALA A 28 -3.71 8.70 4.70
CA ALA A 28 -3.33 9.85 5.49
C ALA A 28 -1.91 9.60 6.02
N ASP A 29 -1.22 10.67 6.37
CA ASP A 29 0.16 10.66 6.83
C ASP A 29 0.20 10.03 8.22
N SER A 30 0.84 8.87 8.35
CA SER A 30 1.02 8.16 9.61
C SER A 30 2.43 8.49 10.11
N PRO A 31 2.76 8.15 11.37
CA PRO A 31 4.06 8.44 11.93
C PRO A 31 5.24 7.69 11.28
N THR A 32 4.99 6.71 10.40
CA THR A 32 6.02 5.81 9.90
C THR A 32 6.07 5.69 8.38
N GLY A 33 5.14 6.34 7.67
CA GLY A 33 4.85 6.04 6.28
C GLY A 33 3.43 6.49 6.00
N GLN A 34 2.91 6.17 4.82
CA GLN A 34 1.51 6.32 4.52
C GLN A 34 0.78 5.09 5.01
N ARG A 35 -0.43 5.32 5.52
CA ARG A 35 -1.33 4.24 5.84
C ARG A 35 -2.70 4.55 5.33
N VAL A 36 -3.45 3.49 5.09
CA VAL A 36 -4.83 3.53 4.68
C VAL A 36 -5.62 4.20 5.82
N LYS A 37 -6.36 5.25 5.46
CA LYS A 37 -7.24 5.97 6.36
C LYS A 37 -8.55 5.20 6.48
N GLN A 38 -9.21 4.94 5.36
CA GLN A 38 -10.56 4.40 5.29
C GLN A 38 -10.69 3.75 3.92
N ILE A 39 -11.51 2.70 3.80
CA ILE A 39 -11.74 1.95 2.57
C ILE A 39 -13.23 1.99 2.29
N LEU A 40 -13.56 2.31 1.03
CA LEU A 40 -14.89 2.72 0.63
C LEU A 40 -15.39 1.79 -0.49
N ASP A 41 -14.66 1.69 -1.61
CA ASP A 41 -15.01 0.86 -2.76
C ASP A 41 -14.43 -0.55 -2.58
N ILE A 42 -15.18 -1.44 -1.93
CA ILE A 42 -14.72 -2.79 -1.57
C ILE A 42 -14.29 -3.60 -2.80
N GLN A 43 -15.01 -3.46 -3.92
CA GLN A 43 -14.68 -4.13 -5.16
C GLN A 43 -13.44 -3.50 -5.81
N GLY A 44 -13.29 -2.18 -5.72
CA GLY A 44 -12.18 -1.46 -6.34
C GLY A 44 -10.91 -1.46 -5.51
N CYS A 45 -10.95 -1.92 -4.25
CA CYS A 45 -9.76 -2.10 -3.42
C CYS A 45 -9.82 -3.51 -2.79
N PRO A 46 -9.76 -4.60 -3.58
CA PRO A 46 -10.10 -5.93 -3.09
C PRO A 46 -8.98 -6.55 -2.26
N GLY A 47 -9.26 -6.97 -1.03
CA GLY A 47 -8.24 -7.48 -0.12
C GLY A 47 -7.46 -6.35 0.56
N LEU A 48 -7.77 -5.08 0.27
CA LEU A 48 -7.12 -3.94 0.89
C LEU A 48 -7.52 -3.91 2.38
N CYS A 49 -6.59 -3.56 3.28
CA CYS A 49 -6.84 -3.52 4.71
C CYS A 49 -6.52 -2.14 5.28
N GLU A 50 -7.21 -1.78 6.35
CA GLU A 50 -7.08 -0.45 6.94
C GLU A 50 -5.79 -0.42 7.75
N GLY A 51 -5.16 0.77 7.83
CA GLY A 51 -3.89 0.91 8.54
C GLY A 51 -2.69 0.25 7.83
N ASP A 52 -2.85 -0.29 6.62
CA ASP A 52 -1.76 -0.98 5.92
C ASP A 52 -0.66 0.02 5.60
N LEU A 53 0.58 -0.31 5.99
CA LEU A 53 1.79 0.46 5.70
C LEU A 53 2.18 0.23 4.25
N ILE A 54 2.30 1.27 3.43
CA ILE A 54 2.60 1.10 2.01
C ILE A 54 4.13 1.09 1.84
N VAL A 55 4.64 0.32 0.88
CA VAL A 55 6.08 0.05 0.72
C VAL A 55 6.52 0.30 -0.72
N GLU A 56 5.85 -0.34 -1.66
CA GLU A 56 6.23 -0.33 -3.05
C GLU A 56 4.96 -0.25 -3.88
N ILE A 57 4.93 0.65 -4.85
CA ILE A 57 3.88 0.72 -5.84
C ILE A 57 4.52 0.45 -7.18
N ASN A 58 4.01 -0.54 -7.88
CA ASN A 58 4.39 -0.93 -9.24
C ASN A 58 5.92 -0.99 -9.43
N GLN A 59 6.65 -1.62 -8.51
CA GLN A 59 8.09 -1.74 -8.48
C GLN A 59 8.87 -0.41 -8.41
N GLN A 60 8.29 0.60 -7.74
CA GLN A 60 8.95 1.81 -7.29
C GLN A 60 8.80 1.85 -5.77
N ASN A 61 9.88 2.12 -5.05
CA ASN A 61 9.95 2.14 -3.59
C ASN A 61 9.49 3.50 -3.05
N VAL A 62 8.45 3.46 -2.22
CA VAL A 62 7.71 4.61 -1.71
C VAL A 62 7.76 4.60 -0.16
N GLN A 63 8.53 3.70 0.48
CA GLN A 63 8.53 3.52 1.94
C GLN A 63 8.70 4.84 2.69
N ASN A 64 9.54 5.74 2.15
CA ASN A 64 9.95 6.94 2.85
C ASN A 64 9.46 8.22 2.14
N LEU A 65 8.63 8.08 1.11
CA LEU A 65 8.00 9.14 0.38
C LEU A 65 7.10 9.94 1.29
N SER A 66 7.06 11.25 1.06
CA SER A 66 6.03 12.11 1.63
C SER A 66 4.64 11.57 1.29
N HIS A 67 3.62 11.95 2.06
CA HIS A 67 2.22 11.73 1.68
C HIS A 67 2.00 12.22 0.26
N THR A 68 2.44 13.45 0.01
CA THR A 68 2.33 14.10 -1.29
C THR A 68 2.97 13.28 -2.42
N GLU A 69 4.18 12.73 -2.20
CA GLU A 69 4.90 11.94 -3.19
C GLU A 69 4.12 10.68 -3.52
N VAL A 70 3.50 10.05 -2.52
CA VAL A 70 2.73 8.83 -2.69
C VAL A 70 1.46 9.13 -3.49
N VAL A 71 0.73 10.16 -3.09
CA VAL A 71 -0.47 10.66 -3.75
C VAL A 71 -0.17 11.00 -5.19
N ASP A 72 1.02 11.56 -5.45
CA ASP A 72 1.43 12.03 -6.78
C ASP A 72 1.56 10.87 -7.76
N ILE A 73 2.21 9.79 -7.33
CA ILE A 73 2.31 8.52 -8.05
C ILE A 73 0.91 7.96 -8.28
N LEU A 74 0.06 7.95 -7.25
CA LEU A 74 -1.32 7.49 -7.43
C LEU A 74 -2.08 8.32 -8.46
N LYS A 75 -1.64 9.54 -8.82
CA LYS A 75 -2.25 10.32 -9.89
C LYS A 75 -1.66 9.96 -11.25
N ASP A 76 -0.37 9.60 -11.32
CA ASP A 76 0.25 8.95 -12.48
C ASP A 76 -0.54 7.68 -12.83
N CYS A 77 -0.95 6.91 -11.82
CA CYS A 77 -1.61 5.62 -12.02
C CYS A 77 -2.81 5.73 -12.99
N PRO A 78 -2.95 4.78 -13.94
CA PRO A 78 -3.96 4.78 -14.98
C PRO A 78 -5.37 4.57 -14.41
N ILE A 79 -6.18 5.61 -14.53
CA ILE A 79 -7.61 5.59 -14.25
C ILE A 79 -8.21 4.42 -15.03
N GLY A 80 -8.78 3.46 -14.30
CA GLY A 80 -9.49 2.32 -14.83
C GLY A 80 -8.64 1.07 -14.95
N SER A 81 -7.42 1.08 -14.39
CA SER A 81 -6.48 -0.04 -14.51
C SER A 81 -5.90 -0.38 -13.13
N GLU A 82 -5.51 -1.64 -12.92
CA GLU A 82 -4.96 -2.16 -11.69
C GLU A 82 -3.54 -1.67 -11.44
N THR A 83 -3.20 -1.62 -10.15
CA THR A 83 -1.98 -1.15 -9.52
C THR A 83 -1.56 -2.25 -8.55
N SER A 84 -0.26 -2.51 -8.36
CA SER A 84 0.26 -3.50 -7.42
C SER A 84 0.93 -2.73 -6.28
N LEU A 85 0.40 -2.86 -5.05
CA LEU A 85 0.91 -2.17 -3.87
C LEU A 85 1.42 -3.21 -2.88
N ILE A 86 2.72 -3.21 -2.60
CA ILE A 86 3.29 -3.98 -1.51
C ILE A 86 3.02 -3.24 -0.21
N ILE A 87 2.57 -3.96 0.83
CA ILE A 87 2.26 -3.40 2.14
C ILE A 87 2.96 -4.20 3.25
N HIS A 88 3.25 -3.57 4.39
CA HIS A 88 4.08 -4.17 5.42
C HIS A 88 3.24 -5.00 6.39
N ARG A 89 2.67 -6.11 5.91
CA ARG A 89 1.88 -7.03 6.74
C ARG A 89 2.77 -7.59 7.85
N GLY A 90 3.93 -8.12 7.46
CA GLY A 90 4.90 -8.72 8.35
C GLY A 90 4.52 -10.17 8.55
N SER A 91 3.82 -10.49 9.63
CA SER A 91 3.29 -11.83 9.87
C SER A 91 1.93 -11.70 10.56
N GLY A 92 1.11 -12.74 10.43
CA GLY A 92 -0.15 -12.88 11.15
C GLY A 92 -0.94 -14.07 10.61
N PRO A 93 -2.01 -14.48 11.31
CA PRO A 93 -2.95 -15.47 10.83
C PRO A 93 -4.00 -14.80 9.93
N SER A 94 -4.44 -15.50 8.88
CA SER A 94 -5.43 -14.96 7.93
C SER A 94 -6.66 -15.88 7.80
N SER A 95 -6.53 -17.15 8.16
CA SER A 95 -7.63 -17.97 8.62
C SER A 95 -7.08 -18.89 9.73
N GLY A 96 -7.94 -19.22 10.69
CA GLY A 96 -7.83 -20.47 11.42
C GLY A 96 -8.16 -21.62 10.48
N GLY A 1 31.56 -17.71 15.96
CA GLY A 1 31.19 -18.83 15.09
C GLY A 1 29.70 -18.69 14.84
N SER A 2 29.32 -18.37 13.60
CA SER A 2 28.25 -17.40 13.36
C SER A 2 28.52 -16.08 14.11
N SER A 3 27.61 -15.11 14.01
CA SER A 3 27.64 -13.88 14.79
C SER A 3 26.22 -13.45 15.18
N GLY A 4 25.20 -13.88 14.43
CA GLY A 4 23.78 -13.69 14.70
C GLY A 4 23.00 -14.72 13.88
N SER A 5 21.68 -14.57 13.81
CA SER A 5 20.80 -15.43 13.02
C SER A 5 20.36 -14.71 11.75
N SER A 6 20.35 -15.46 10.63
CA SER A 6 19.78 -15.02 9.37
C SER A 6 18.26 -15.16 9.45
N GLY A 7 17.53 -14.05 9.52
CA GLY A 7 16.08 -14.04 9.61
C GLY A 7 15.41 -14.40 8.27
N GLN A 8 14.13 -14.07 8.15
CA GLN A 8 13.34 -14.18 6.92
C GLN A 8 12.69 -12.83 6.62
N ALA A 9 11.80 -12.77 5.62
CA ALA A 9 11.02 -11.60 5.27
C ALA A 9 9.60 -12.07 4.99
N GLU A 10 8.63 -11.19 5.22
CA GLU A 10 7.22 -11.46 5.11
C GLU A 10 6.50 -10.12 4.98
N LEU A 11 5.87 -9.89 3.82
CA LEU A 11 5.04 -8.73 3.48
C LEU A 11 3.78 -9.28 2.80
N MET A 12 2.79 -8.44 2.53
CA MET A 12 1.68 -8.78 1.63
C MET A 12 1.78 -7.94 0.36
N THR A 13 1.24 -8.45 -0.74
CA THR A 13 1.26 -7.84 -2.05
C THR A 13 -0.18 -7.94 -2.56
N LEU A 14 -0.79 -6.80 -2.84
CA LEU A 14 -2.19 -6.66 -3.24
C LEU A 14 -2.22 -5.86 -4.54
N THR A 15 -3.38 -5.82 -5.20
CA THR A 15 -3.55 -5.15 -6.47
C THR A 15 -4.84 -4.34 -6.41
N ILE A 16 -4.83 -3.14 -7.00
CA ILE A 16 -5.94 -2.20 -6.99
C ILE A 16 -6.13 -1.56 -8.36
N VAL A 17 -7.35 -1.16 -8.70
CA VAL A 17 -7.71 -0.45 -9.90
C VAL A 17 -8.73 0.64 -9.54
N LYS A 18 -8.74 1.68 -10.36
CA LYS A 18 -9.00 3.06 -9.97
C LYS A 18 -10.32 3.51 -10.59
N GLY A 19 -11.36 3.62 -9.78
CA GLY A 19 -12.76 3.74 -10.20
C GLY A 19 -13.18 5.19 -10.42
N ALA A 20 -12.52 5.88 -11.36
CA ALA A 20 -12.58 7.31 -11.63
C ALA A 20 -12.07 8.14 -10.44
N GLN A 21 -11.56 9.35 -10.72
CA GLN A 21 -11.07 10.35 -9.77
C GLN A 21 -9.83 9.94 -8.94
N GLY A 22 -9.60 8.66 -8.74
CA GLY A 22 -8.78 8.13 -7.69
C GLY A 22 -9.27 6.72 -7.40
N PHE A 23 -8.89 6.17 -6.26
CA PHE A 23 -9.19 4.78 -5.91
C PHE A 23 -10.35 4.69 -4.91
N GLY A 24 -11.08 5.77 -4.68
CA GLY A 24 -12.08 5.89 -3.63
C GLY A 24 -11.43 5.98 -2.26
N PHE A 25 -10.76 4.92 -1.82
CA PHE A 25 -10.08 4.85 -0.54
C PHE A 25 -9.10 6.02 -0.40
N THR A 26 -8.77 6.34 0.84
CA THR A 26 -7.95 7.49 1.21
C THR A 26 -6.64 7.00 1.82
N ILE A 27 -5.61 7.85 1.84
CA ILE A 27 -4.39 7.57 2.60
C ILE A 27 -4.18 8.64 3.67
N ALA A 28 -3.47 8.25 4.71
CA ALA A 28 -3.07 9.04 5.85
C ALA A 28 -1.55 9.06 5.92
N ASP A 29 -1.03 9.92 6.79
CA ASP A 29 0.37 10.04 7.14
C ASP A 29 0.54 9.53 8.57
N SER A 30 1.38 8.52 8.80
CA SER A 30 1.46 7.76 10.06
C SER A 30 2.90 7.77 10.59
N PRO A 31 3.19 7.29 11.81
CA PRO A 31 4.56 7.22 12.33
C PRO A 31 5.45 6.28 11.52
N THR A 32 4.83 5.43 10.69
CA THR A 32 5.47 4.33 10.00
C THR A 32 5.69 4.65 8.52
N GLY A 33 5.10 5.72 7.99
CA GLY A 33 5.03 6.00 6.56
C GLY A 33 3.61 6.34 6.16
N GLN A 34 3.29 6.27 4.88
CA GLN A 34 1.91 6.44 4.41
C GLN A 34 1.14 5.18 4.78
N ARG A 35 -0.15 5.34 5.07
CA ARG A 35 -1.03 4.21 5.35
C ARG A 35 -2.37 4.44 4.70
N VAL A 36 -3.14 3.39 4.62
CA VAL A 36 -4.53 3.41 4.19
C VAL A 36 -5.32 4.05 5.32
N LYS A 37 -5.93 5.20 5.06
CA LYS A 37 -6.78 5.92 6.00
C LYS A 37 -8.07 5.12 6.15
N GLN A 38 -8.93 5.17 5.14
CA GLN A 38 -10.25 4.56 5.16
C GLN A 38 -10.47 3.96 3.78
N ILE A 39 -11.29 2.93 3.71
CA ILE A 39 -11.75 2.29 2.48
C ILE A 39 -13.12 2.82 2.16
N LEU A 40 -13.17 3.66 1.12
CA LEU A 40 -14.37 4.22 0.56
C LEU A 40 -14.76 3.49 -0.73
N ASP A 41 -14.00 2.48 -1.16
CA ASP A 41 -14.23 1.67 -2.35
C ASP A 41 -13.67 0.27 -2.10
N ILE A 42 -14.58 -0.70 -2.06
CA ILE A 42 -14.29 -2.10 -1.83
C ILE A 42 -13.80 -2.74 -3.14
N GLN A 43 -14.62 -2.69 -4.19
CA GLN A 43 -14.40 -3.36 -5.46
C GLN A 43 -13.08 -2.94 -6.10
N GLY A 44 -12.69 -1.66 -5.99
CA GLY A 44 -11.46 -1.17 -6.59
C GLY A 44 -10.21 -1.64 -5.87
N CYS A 45 -10.30 -1.96 -4.57
CA CYS A 45 -9.13 -2.28 -3.74
C CYS A 45 -9.30 -3.63 -3.03
N PRO A 46 -9.33 -4.76 -3.74
CA PRO A 46 -9.54 -6.07 -3.15
C PRO A 46 -8.39 -6.44 -2.20
N GLY A 47 -8.73 -6.82 -0.97
CA GLY A 47 -7.78 -7.31 0.03
C GLY A 47 -7.24 -6.23 0.95
N LEU A 48 -7.54 -4.96 0.69
CA LEU A 48 -7.07 -3.85 1.51
C LEU A 48 -7.77 -3.95 2.89
N CYS A 49 -7.16 -3.42 3.96
CA CYS A 49 -7.64 -3.66 5.33
C CYS A 49 -7.66 -2.41 6.22
N GLU A 50 -7.28 -1.25 5.71
CA GLU A 50 -6.97 -0.03 6.43
C GLU A 50 -5.77 -0.19 7.36
N GLY A 51 -5.04 0.90 7.59
CA GLY A 51 -3.81 0.90 8.37
C GLY A 51 -2.68 0.09 7.72
N ASP A 52 -2.86 -0.40 6.49
CA ASP A 52 -1.87 -1.14 5.73
C ASP A 52 -0.68 -0.22 5.48
N LEU A 53 0.55 -0.67 5.78
CA LEU A 53 1.76 0.15 5.68
C LEU A 53 2.23 0.19 4.23
N ILE A 54 2.12 1.32 3.54
CA ILE A 54 2.47 1.45 2.13
C ILE A 54 3.99 1.34 2.01
N VAL A 55 4.45 0.40 1.18
CA VAL A 55 5.85 0.08 0.97
C VAL A 55 6.22 0.38 -0.47
N GLU A 56 5.53 -0.24 -1.42
CA GLU A 56 5.77 -0.11 -2.85
C GLU A 56 4.46 0.23 -3.56
N ILE A 57 4.56 0.96 -4.67
CA ILE A 57 3.53 1.15 -5.69
C ILE A 57 4.20 0.80 -7.01
N ASN A 58 3.61 -0.11 -7.80
CA ASN A 58 4.10 -0.52 -9.12
C ASN A 58 5.62 -0.74 -9.11
N GLN A 59 6.11 -1.55 -8.16
CA GLN A 59 7.50 -1.87 -7.89
C GLN A 59 8.42 -0.70 -7.52
N GLN A 60 7.96 0.56 -7.59
CA GLN A 60 8.68 1.69 -7.06
C GLN A 60 8.62 1.55 -5.53
N ASN A 61 9.78 1.38 -4.91
CA ASN A 61 9.92 1.58 -3.48
C ASN A 61 9.50 3.01 -3.12
N VAL A 62 8.43 3.13 -2.34
CA VAL A 62 7.94 4.43 -1.87
C VAL A 62 8.17 4.62 -0.35
N GLN A 63 8.78 3.66 0.35
CA GLN A 63 8.88 3.65 1.81
C GLN A 63 9.49 4.92 2.46
N ASN A 64 10.28 5.75 1.75
CA ASN A 64 10.85 7.00 2.29
C ASN A 64 10.26 8.24 1.63
N LEU A 65 9.37 8.09 0.64
CA LEU A 65 8.67 9.22 0.06
C LEU A 65 7.75 9.83 1.10
N SER A 66 7.36 11.07 0.86
CA SER A 66 6.38 11.79 1.66
C SER A 66 4.99 11.54 1.12
N HIS A 67 3.97 11.72 1.98
CA HIS A 67 2.57 11.52 1.70
C HIS A 67 2.17 12.02 0.32
N THR A 68 2.42 13.30 0.05
CA THR A 68 1.97 13.97 -1.15
C THR A 68 2.68 13.40 -2.40
N GLU A 69 3.88 12.84 -2.27
CA GLU A 69 4.57 12.18 -3.37
C GLU A 69 3.84 10.86 -3.70
N VAL A 70 3.49 10.09 -2.67
CA VAL A 70 2.78 8.82 -2.79
C VAL A 70 1.39 9.06 -3.40
N VAL A 71 0.72 10.13 -2.98
CA VAL A 71 -0.50 10.62 -3.62
C VAL A 71 -0.24 10.85 -5.10
N ASP A 72 0.80 11.62 -5.42
CA ASP A 72 1.08 12.07 -6.79
C ASP A 72 1.23 10.88 -7.74
N ILE A 73 2.01 9.88 -7.33
CA ILE A 73 2.21 8.64 -8.06
C ILE A 73 0.85 7.98 -8.34
N LEU A 74 -0.03 7.92 -7.35
CA LEU A 74 -1.36 7.36 -7.50
C LEU A 74 -2.23 8.21 -8.42
N LYS A 75 -2.15 9.55 -8.43
CA LYS A 75 -2.78 10.35 -9.48
C LYS A 75 -2.31 9.88 -10.84
N ASP A 76 -1.00 9.70 -11.01
CA ASP A 76 -0.38 9.36 -12.29
C ASP A 76 -0.85 8.01 -12.82
N CYS A 77 -1.13 7.05 -11.94
CA CYS A 77 -1.61 5.72 -12.28
C CYS A 77 -2.83 5.83 -13.19
N PRO A 78 -2.92 5.00 -14.24
CA PRO A 78 -4.07 4.94 -15.11
C PRO A 78 -5.33 4.69 -14.29
N ILE A 79 -6.41 5.30 -14.74
CA ILE A 79 -7.76 4.94 -14.38
C ILE A 79 -8.10 3.73 -15.26
N GLY A 80 -8.63 2.66 -14.66
CA GLY A 80 -8.96 1.45 -15.41
C GLY A 80 -7.73 0.68 -15.89
N SER A 81 -6.65 0.64 -15.11
CA SER A 81 -5.58 -0.35 -15.25
C SER A 81 -5.01 -0.67 -13.87
N GLU A 82 -4.86 -1.94 -13.55
CA GLU A 82 -4.46 -2.37 -12.22
C GLU A 82 -3.07 -1.84 -11.85
N THR A 83 -2.88 -1.68 -10.55
CA THR A 83 -1.78 -1.01 -9.87
C THR A 83 -1.41 -1.93 -8.70
N SER A 84 -0.13 -2.17 -8.44
CA SER A 84 0.37 -3.27 -7.63
C SER A 84 0.98 -2.68 -6.37
N LEU A 85 0.36 -2.89 -5.21
CA LEU A 85 0.73 -2.18 -3.98
C LEU A 85 1.12 -3.18 -2.88
N ILE A 86 2.40 -3.17 -2.51
CA ILE A 86 2.96 -4.05 -1.48
C ILE A 86 2.82 -3.33 -0.14
N ILE A 87 2.52 -4.07 0.94
CA ILE A 87 2.37 -3.51 2.27
C ILE A 87 3.07 -4.36 3.31
N HIS A 88 3.59 -3.69 4.33
CA HIS A 88 4.31 -4.30 5.45
C HIS A 88 3.29 -4.90 6.43
N ARG A 89 3.03 -6.20 6.30
CA ARG A 89 2.27 -7.01 7.25
C ARG A 89 2.83 -8.42 7.12
N GLY A 90 3.29 -9.00 8.22
CA GLY A 90 4.05 -10.23 8.21
C GLY A 90 4.35 -10.66 9.64
N SER A 91 3.50 -11.53 10.18
CA SER A 91 3.68 -12.24 11.44
C SER A 91 3.06 -13.62 11.21
N GLY A 92 1.87 -13.87 11.78
CA GLY A 92 0.92 -14.86 11.34
C GLY A 92 -0.47 -14.45 11.84
N PRO A 93 -1.50 -15.26 11.53
CA PRO A 93 -2.83 -15.09 12.08
C PRO A 93 -2.86 -15.70 13.48
N SER A 94 -2.81 -14.87 14.51
CA SER A 94 -2.79 -15.29 15.91
C SER A 94 -3.70 -14.37 16.73
N SER A 95 -4.39 -14.95 17.70
CA SER A 95 -5.13 -14.26 18.75
C SER A 95 -4.39 -14.54 20.05
N GLY A 96 -3.65 -13.53 20.52
CA GLY A 96 -2.84 -13.65 21.73
C GLY A 96 -1.72 -14.66 21.55
N GLY A 1 21.42 -20.40 23.75
CA GLY A 1 21.74 -20.30 22.32
C GLY A 1 20.86 -19.24 21.71
N SER A 2 21.39 -18.48 20.76
CA SER A 2 20.76 -17.30 20.16
C SER A 2 21.60 -16.95 18.93
N SER A 3 21.06 -16.14 18.03
CA SER A 3 21.71 -15.79 16.77
C SER A 3 21.80 -14.28 16.63
N GLY A 4 22.60 -13.80 15.68
CA GLY A 4 22.40 -12.48 15.10
C GLY A 4 21.08 -12.47 14.33
N SER A 5 20.60 -11.30 13.95
CA SER A 5 19.40 -11.14 13.14
C SER A 5 19.52 -9.84 12.34
N SER A 6 18.93 -9.82 11.15
CA SER A 6 18.82 -8.68 10.25
C SER A 6 17.36 -8.21 10.15
N GLY A 7 16.48 -8.71 11.04
CA GLY A 7 15.04 -8.65 10.87
C GLY A 7 14.69 -9.47 9.64
N GLN A 8 14.24 -8.78 8.58
CA GLN A 8 13.66 -9.34 7.37
C GLN A 8 12.35 -10.08 7.66
N ALA A 9 11.36 -9.84 6.80
CA ALA A 9 10.05 -10.47 6.81
C ALA A 9 9.60 -10.66 5.34
N GLU A 10 8.40 -11.19 5.12
CA GLU A 10 7.81 -11.41 3.81
C GLU A 10 6.57 -10.53 3.73
N LEU A 11 6.67 -9.44 2.99
CA LEU A 11 5.60 -8.46 2.90
C LEU A 11 4.50 -8.99 1.97
N MET A 12 3.27 -8.50 2.13
CA MET A 12 2.14 -8.89 1.29
C MET A 12 2.13 -7.99 0.08
N THR A 13 1.71 -8.58 -1.04
CA THR A 13 1.51 -7.89 -2.30
C THR A 13 0.06 -8.16 -2.72
N LEU A 14 -0.61 -7.14 -3.25
CA LEU A 14 -2.03 -7.05 -3.53
C LEU A 14 -2.18 -6.26 -4.84
N THR A 15 -3.36 -6.26 -5.44
CA THR A 15 -3.65 -5.46 -6.64
C THR A 15 -4.93 -4.66 -6.39
N ILE A 16 -5.08 -3.52 -7.08
CA ILE A 16 -6.26 -2.65 -7.06
C ILE A 16 -6.47 -2.03 -8.44
N VAL A 17 -7.65 -1.44 -8.68
CA VAL A 17 -7.98 -0.66 -9.86
C VAL A 17 -8.41 0.73 -9.40
N LYS A 18 -8.06 1.77 -10.15
CA LYS A 18 -8.30 3.18 -9.81
C LYS A 18 -9.68 3.65 -10.30
N GLY A 19 -10.36 4.53 -9.56
CA GLY A 19 -11.77 4.89 -9.77
C GLY A 19 -11.99 6.38 -10.03
N ALA A 20 -11.82 6.84 -11.28
CA ALA A 20 -12.08 8.21 -11.77
C ALA A 20 -11.50 9.34 -10.90
N GLN A 21 -12.19 9.79 -9.86
CA GLN A 21 -11.68 10.82 -8.95
C GLN A 21 -10.40 10.37 -8.21
N GLY A 22 -10.09 9.07 -8.21
CA GLY A 22 -8.89 8.50 -7.62
C GLY A 22 -9.21 7.12 -7.09
N PHE A 23 -8.33 6.53 -6.28
CA PHE A 23 -8.74 5.30 -5.60
C PHE A 23 -9.84 5.65 -4.60
N GLY A 24 -10.79 4.73 -4.39
CA GLY A 24 -11.90 4.95 -3.48
C GLY A 24 -11.39 5.15 -2.06
N PHE A 25 -10.55 4.22 -1.59
CA PHE A 25 -9.96 4.28 -0.27
C PHE A 25 -9.08 5.54 -0.16
N THR A 26 -8.73 5.90 1.08
CA THR A 26 -7.99 7.11 1.40
C THR A 26 -6.66 6.74 2.03
N ILE A 27 -5.69 7.64 1.96
CA ILE A 27 -4.46 7.53 2.73
C ILE A 27 -4.33 8.71 3.67
N ALA A 28 -3.55 8.55 4.73
CA ALA A 28 -3.04 9.60 5.58
C ALA A 28 -1.53 9.41 5.67
N ASP A 29 -0.83 10.45 6.10
CA ASP A 29 0.52 10.30 6.65
C ASP A 29 0.40 9.63 8.01
N SER A 30 1.37 8.81 8.39
CA SER A 30 1.56 8.37 9.76
C SER A 30 3.08 8.40 10.00
N PRO A 31 3.55 8.40 11.26
CA PRO A 31 4.96 8.55 11.58
C PRO A 31 5.85 7.53 10.86
N THR A 32 5.39 6.28 10.83
CA THR A 32 6.12 5.16 10.28
C THR A 32 6.16 5.22 8.74
N GLY A 33 5.20 5.90 8.10
CA GLY A 33 5.01 5.92 6.66
C GLY A 33 3.54 6.16 6.31
N GLN A 34 3.21 6.22 5.04
CA GLN A 34 1.82 6.43 4.59
C GLN A 34 0.98 5.24 5.05
N ARG A 35 -0.27 5.52 5.39
CA ARG A 35 -1.23 4.50 5.81
C ARG A 35 -2.54 4.68 5.12
N VAL A 36 -3.33 3.61 5.12
CA VAL A 36 -4.69 3.58 4.63
C VAL A 36 -5.56 4.24 5.70
N LYS A 37 -6.03 5.47 5.44
CA LYS A 37 -6.89 6.22 6.37
C LYS A 37 -8.16 5.43 6.64
N GLN A 38 -8.91 5.11 5.59
CA GLN A 38 -10.14 4.34 5.62
C GLN A 38 -10.25 3.64 4.27
N ILE A 39 -10.85 2.45 4.27
CA ILE A 39 -11.30 1.78 3.07
C ILE A 39 -12.74 2.22 2.85
N LEU A 40 -12.91 3.22 2.00
CA LEU A 40 -14.20 3.72 1.60
C LEU A 40 -14.89 2.73 0.67
N ASP A 41 -14.10 1.90 -0.04
CA ASP A 41 -14.46 1.20 -1.27
C ASP A 41 -13.81 -0.17 -1.25
N ILE A 42 -14.59 -1.16 -0.80
CA ILE A 42 -14.12 -2.48 -0.41
C ILE A 42 -13.73 -3.26 -1.66
N GLN A 43 -14.64 -3.45 -2.63
CA GLN A 43 -14.30 -4.13 -3.87
C GLN A 43 -13.21 -3.39 -4.64
N GLY A 44 -13.06 -2.06 -4.44
CA GLY A 44 -11.95 -1.31 -4.97
C GLY A 44 -10.59 -1.87 -4.48
N CYS A 45 -10.50 -2.42 -3.27
CA CYS A 45 -9.24 -2.81 -2.64
C CYS A 45 -9.27 -4.26 -2.09
N PRO A 46 -9.29 -5.29 -2.95
CA PRO A 46 -9.38 -6.67 -2.51
C PRO A 46 -8.20 -7.08 -1.64
N GLY A 47 -8.45 -7.32 -0.36
CA GLY A 47 -7.49 -7.78 0.63
C GLY A 47 -6.71 -6.67 1.34
N LEU A 48 -6.89 -5.41 0.96
CA LEU A 48 -6.37 -4.27 1.70
C LEU A 48 -7.10 -4.22 3.06
N CYS A 49 -6.48 -3.67 4.09
CA CYS A 49 -7.08 -3.48 5.41
C CYS A 49 -6.89 -2.03 5.87
N GLU A 50 -7.77 -1.58 6.76
CA GLU A 50 -7.73 -0.21 7.23
C GLU A 50 -6.48 -0.01 8.09
N GLY A 51 -5.79 1.12 7.91
CA GLY A 51 -4.54 1.43 8.58
C GLY A 51 -3.34 0.65 8.06
N ASP A 52 -3.44 -0.06 6.92
CA ASP A 52 -2.29 -0.70 6.28
C ASP A 52 -1.23 0.32 5.97
N LEU A 53 0.02 0.05 6.37
CA LEU A 53 1.18 0.84 6.00
C LEU A 53 1.58 0.47 4.58
N ILE A 54 2.05 1.43 3.80
CA ILE A 54 2.27 1.33 2.37
C ILE A 54 3.78 1.28 2.13
N VAL A 55 4.23 0.38 1.24
CA VAL A 55 5.63 0.06 1.02
C VAL A 55 6.01 0.30 -0.43
N GLU A 56 5.32 -0.36 -1.37
CA GLU A 56 5.51 -0.16 -2.80
C GLU A 56 4.16 0.08 -3.46
N ILE A 57 4.20 0.85 -4.54
CA ILE A 57 3.12 1.06 -5.50
C ILE A 57 3.79 0.99 -6.87
N ASN A 58 3.25 0.17 -7.76
CA ASN A 58 3.77 -0.18 -9.08
C ASN A 58 5.28 -0.41 -9.04
N GLN A 59 5.75 -1.16 -8.03
CA GLN A 59 7.13 -1.48 -7.74
C GLN A 59 8.06 -0.28 -7.53
N GLN A 60 7.57 0.95 -7.53
CA GLN A 60 8.27 2.07 -6.94
C GLN A 60 8.14 1.91 -5.42
N ASN A 61 9.27 1.91 -4.72
CA ASN A 61 9.28 2.02 -3.27
C ASN A 61 8.93 3.43 -2.85
N VAL A 62 8.00 3.53 -1.90
CA VAL A 62 7.47 4.78 -1.39
C VAL A 62 7.69 4.89 0.13
N GLN A 63 8.25 3.86 0.77
CA GLN A 63 8.49 3.79 2.21
C GLN A 63 9.39 4.88 2.79
N ASN A 64 10.01 5.74 1.98
CA ASN A 64 10.81 6.89 2.40
C ASN A 64 10.25 8.21 1.85
N LEU A 65 9.18 8.18 1.04
CA LEU A 65 8.61 9.39 0.46
C LEU A 65 7.77 10.13 1.49
N SER A 66 7.38 11.37 1.19
CA SER A 66 6.33 12.07 1.92
C SER A 66 4.97 11.76 1.28
N HIS A 67 3.90 11.88 2.06
CA HIS A 67 2.54 11.53 1.66
C HIS A 67 2.17 12.10 0.30
N THR A 68 2.38 13.39 0.08
CA THR A 68 1.95 14.09 -1.13
C THR A 68 2.71 13.57 -2.36
N GLU A 69 3.95 13.09 -2.19
CA GLU A 69 4.71 12.47 -3.26
C GLU A 69 3.99 11.16 -3.64
N VAL A 70 3.58 10.37 -2.64
CA VAL A 70 2.90 9.09 -2.85
C VAL A 70 1.52 9.30 -3.49
N VAL A 71 0.79 10.33 -3.05
CA VAL A 71 -0.46 10.78 -3.68
C VAL A 71 -0.21 10.99 -5.16
N ASP A 72 0.83 11.75 -5.49
CA ASP A 72 1.10 12.19 -6.86
C ASP A 72 1.45 11.02 -7.78
N ILE A 73 2.19 10.04 -7.26
CA ILE A 73 2.47 8.79 -7.96
C ILE A 73 1.15 8.05 -8.22
N LEU A 74 0.24 7.99 -7.24
CA LEU A 74 -1.09 7.45 -7.46
C LEU A 74 -1.91 8.33 -8.43
N LYS A 75 -1.55 9.59 -8.71
CA LYS A 75 -2.16 10.38 -9.77
C LYS A 75 -1.66 9.87 -11.12
N ASP A 76 -0.35 9.66 -11.28
CA ASP A 76 0.23 9.07 -12.51
C ASP A 76 -0.29 7.65 -12.78
N CYS A 77 -0.70 6.89 -11.76
CA CYS A 77 -1.40 5.62 -11.92
C CYS A 77 -2.67 5.85 -12.76
N PRO A 78 -2.84 5.14 -13.88
CA PRO A 78 -3.94 5.32 -14.80
C PRO A 78 -5.28 4.89 -14.22
N ILE A 79 -6.33 5.45 -14.81
CA ILE A 79 -7.70 5.36 -14.34
C ILE A 79 -8.32 4.14 -14.99
N GLY A 80 -8.85 3.23 -14.19
CA GLY A 80 -9.37 1.98 -14.72
C GLY A 80 -8.26 1.10 -15.28
N SER A 81 -7.05 1.23 -14.75
CA SER A 81 -5.98 0.26 -14.88
C SER A 81 -5.75 -0.39 -13.53
N GLU A 82 -5.17 -1.58 -13.54
CA GLU A 82 -4.62 -2.22 -12.36
C GLU A 82 -3.42 -1.41 -11.84
N THR A 83 -3.16 -1.53 -10.55
CA THR A 83 -2.04 -0.94 -9.84
C THR A 83 -1.57 -2.01 -8.82
N SER A 84 -0.27 -2.27 -8.78
CA SER A 84 0.36 -3.36 -8.03
C SER A 84 0.85 -2.76 -6.72
N LEU A 85 0.40 -3.24 -5.56
CA LEU A 85 0.72 -2.62 -4.29
C LEU A 85 1.43 -3.61 -3.37
N ILE A 86 2.29 -3.13 -2.49
CA ILE A 86 2.93 -3.90 -1.41
C ILE A 86 2.67 -3.10 -0.13
N ILE A 87 2.09 -3.74 0.89
CA ILE A 87 1.76 -3.12 2.18
C ILE A 87 2.53 -3.82 3.30
N HIS A 88 2.41 -3.37 4.56
CA HIS A 88 3.08 -3.99 5.70
C HIS A 88 2.08 -4.76 6.59
N ARG A 89 2.37 -6.03 6.81
CA ARG A 89 1.57 -7.09 7.43
C ARG A 89 2.57 -8.18 7.88
N GLY A 90 2.18 -9.46 7.82
CA GLY A 90 2.89 -10.64 8.26
C GLY A 90 1.99 -11.52 9.11
N SER A 91 2.36 -12.80 9.26
CA SER A 91 1.68 -13.78 10.10
C SER A 91 2.71 -14.63 10.85
N GLY A 92 2.24 -15.47 11.77
CA GLY A 92 3.04 -16.38 12.58
C GLY A 92 2.54 -16.40 14.02
N PRO A 93 2.89 -17.41 14.82
CA PRO A 93 2.89 -17.27 16.27
C PRO A 93 4.10 -16.42 16.67
N SER A 94 4.09 -15.82 17.87
CA SER A 94 5.26 -15.09 18.36
C SER A 94 6.43 -16.05 18.58
N SER A 95 6.15 -17.31 18.90
CA SER A 95 6.98 -18.49 18.73
C SER A 95 6.03 -19.69 18.82
N GLY A 96 6.37 -20.79 18.17
CA GLY A 96 5.65 -22.05 18.25
C GLY A 96 6.64 -23.10 17.84
N GLY A 1 25.02 -20.65 8.32
CA GLY A 1 26.09 -19.80 8.83
C GLY A 1 25.46 -18.57 9.44
N SER A 2 25.87 -17.37 9.02
CA SER A 2 25.11 -16.17 9.34
C SER A 2 23.77 -16.23 8.59
N SER A 3 22.69 -15.79 9.22
CA SER A 3 21.40 -15.52 8.60
C SER A 3 20.61 -14.55 9.50
N GLY A 4 19.48 -14.03 9.00
CA GLY A 4 18.68 -13.02 9.68
C GLY A 4 19.28 -11.64 9.41
N SER A 5 18.50 -10.74 8.82
CA SER A 5 18.90 -9.39 8.51
C SER A 5 17.65 -8.52 8.42
N SER A 6 17.80 -7.20 8.50
CA SER A 6 16.73 -6.24 8.74
C SER A 6 16.02 -6.50 10.08
N GLY A 7 15.10 -5.63 10.45
CA GLY A 7 14.38 -5.67 11.71
C GLY A 7 13.01 -6.32 11.56
N GLN A 8 12.31 -6.08 10.44
CA GLN A 8 11.18 -6.89 10.03
C GLN A 8 11.42 -7.46 8.63
N ALA A 9 10.60 -8.45 8.29
CA ALA A 9 10.43 -9.02 6.97
C ALA A 9 8.99 -9.51 6.85
N GLU A 10 8.69 -10.16 5.72
CA GLU A 10 7.39 -10.65 5.33
C GLU A 10 6.41 -9.49 5.11
N LEU A 11 6.29 -9.14 3.84
CA LEU A 11 5.37 -8.15 3.28
C LEU A 11 4.18 -8.88 2.65
N MET A 12 3.17 -8.12 2.21
CA MET A 12 2.03 -8.63 1.43
C MET A 12 1.93 -7.82 0.15
N THR A 13 1.84 -8.50 -0.97
CA THR A 13 1.59 -7.92 -2.28
C THR A 13 0.08 -8.02 -2.54
N LEU A 14 -0.54 -6.96 -3.04
CA LEU A 14 -1.97 -6.85 -3.35
C LEU A 14 -2.14 -5.99 -4.60
N THR A 15 -3.34 -5.96 -5.20
CA THR A 15 -3.55 -5.27 -6.47
C THR A 15 -4.86 -4.46 -6.37
N ILE A 16 -4.82 -3.19 -6.76
CA ILE A 16 -5.98 -2.30 -6.79
C ILE A 16 -6.23 -1.80 -8.20
N VAL A 17 -7.39 -1.21 -8.44
CA VAL A 17 -7.83 -0.71 -9.74
C VAL A 17 -8.29 0.73 -9.51
N LYS A 18 -7.84 1.63 -10.37
CA LYS A 18 -8.09 3.05 -10.17
C LYS A 18 -9.45 3.42 -10.77
N GLY A 19 -10.44 3.66 -9.92
CA GLY A 19 -11.73 4.21 -10.32
C GLY A 19 -11.59 5.59 -10.98
N ALA A 20 -12.71 6.08 -11.53
CA ALA A 20 -12.79 7.36 -12.23
C ALA A 20 -12.39 8.51 -11.31
N GLN A 21 -13.02 8.60 -10.14
CA GLN A 21 -12.73 9.60 -9.11
C GLN A 21 -11.48 9.19 -8.30
N GLY A 22 -10.57 8.46 -8.94
CA GLY A 22 -9.49 7.75 -8.32
C GLY A 22 -10.01 6.49 -7.64
N PHE A 23 -9.15 5.84 -6.88
CA PHE A 23 -9.34 4.54 -6.25
C PHE A 23 -10.40 4.53 -5.14
N GLY A 24 -11.05 5.65 -4.82
CA GLY A 24 -11.96 5.74 -3.69
C GLY A 24 -11.21 5.82 -2.37
N PHE A 25 -10.40 4.81 -2.02
CA PHE A 25 -9.67 4.76 -0.76
C PHE A 25 -8.83 6.02 -0.57
N THR A 26 -8.59 6.35 0.69
CA THR A 26 -7.87 7.53 1.11
C THR A 26 -6.63 7.10 1.89
N ILE A 27 -5.63 7.96 2.00
CA ILE A 27 -4.44 7.69 2.80
C ILE A 27 -4.24 8.78 3.85
N ALA A 28 -3.36 8.49 4.79
CA ALA A 28 -2.91 9.33 5.88
C ALA A 28 -1.39 9.18 6.00
N ASP A 29 -0.80 10.03 6.83
CA ASP A 29 0.59 10.00 7.29
C ASP A 29 0.55 9.50 8.75
N SER A 30 1.13 8.33 9.02
CA SER A 30 1.21 7.73 10.35
C SER A 30 2.69 7.76 10.79
N PRO A 31 2.98 7.46 12.08
CA PRO A 31 4.33 7.43 12.64
C PRO A 31 5.26 6.36 12.06
N THR A 32 4.87 5.71 10.96
CA THR A 32 5.54 4.57 10.38
C THR A 32 5.75 4.74 8.87
N GLY A 33 5.12 5.75 8.25
CA GLY A 33 5.04 5.91 6.81
C GLY A 33 3.60 6.24 6.42
N GLN A 34 3.27 6.13 5.14
CA GLN A 34 1.91 6.27 4.65
C GLN A 34 1.09 5.10 5.19
N ARG A 35 -0.17 5.37 5.56
CA ARG A 35 -1.15 4.33 5.82
C ARG A 35 -2.42 4.66 5.08
N VAL A 36 -3.26 3.65 4.93
CA VAL A 36 -4.62 3.80 4.46
C VAL A 36 -5.41 4.48 5.58
N LYS A 37 -6.28 5.42 5.20
CA LYS A 37 -7.17 6.11 6.11
C LYS A 37 -8.53 5.39 6.14
N GLN A 38 -9.09 5.08 4.97
CA GLN A 38 -10.38 4.42 4.79
C GLN A 38 -10.39 3.86 3.37
N ILE A 39 -11.25 2.88 3.09
CA ILE A 39 -11.53 2.39 1.76
C ILE A 39 -13.00 2.71 1.47
N LEU A 40 -13.29 3.14 0.23
CA LEU A 40 -14.63 3.56 -0.19
C LEU A 40 -15.04 2.71 -1.39
N ASP A 41 -14.21 2.68 -2.43
CA ASP A 41 -14.38 1.76 -3.54
C ASP A 41 -13.66 0.46 -3.19
N ILE A 42 -14.31 -0.34 -2.36
CA ILE A 42 -13.82 -1.62 -1.85
C ILE A 42 -13.63 -2.56 -3.04
N GLN A 43 -14.65 -2.71 -3.87
CA GLN A 43 -14.60 -3.52 -5.08
C GLN A 43 -13.50 -3.07 -6.04
N GLY A 44 -13.19 -1.77 -6.14
CA GLY A 44 -12.09 -1.27 -6.94
C GLY A 44 -10.75 -1.50 -6.28
N CYS A 45 -10.69 -1.65 -4.95
CA CYS A 45 -9.47 -1.88 -4.19
C CYS A 45 -9.53 -3.23 -3.46
N PRO A 46 -9.67 -4.36 -4.17
CA PRO A 46 -10.00 -5.64 -3.56
C PRO A 46 -8.86 -6.11 -2.66
N GLY A 47 -9.18 -6.66 -1.49
CA GLY A 47 -8.20 -7.21 -0.58
C GLY A 47 -7.44 -6.16 0.22
N LEU A 48 -7.58 -4.87 -0.11
CA LEU A 48 -6.93 -3.78 0.63
C LEU A 48 -7.66 -3.60 1.97
N CYS A 49 -6.95 -3.23 3.04
CA CYS A 49 -7.51 -2.98 4.37
C CYS A 49 -7.10 -1.61 4.93
N GLU A 50 -7.85 -1.16 5.94
CA GLU A 50 -7.63 0.13 6.58
C GLU A 50 -6.34 0.11 7.39
N GLY A 51 -5.66 1.25 7.52
CA GLY A 51 -4.45 1.35 8.33
C GLY A 51 -3.29 0.51 7.81
N ASP A 52 -3.34 0.02 6.57
CA ASP A 52 -2.28 -0.80 5.99
C ASP A 52 -1.14 0.12 5.58
N LEU A 53 0.08 -0.22 5.99
CA LEU A 53 1.28 0.56 5.70
C LEU A 53 1.70 0.32 4.26
N ILE A 54 1.99 1.38 3.52
CA ILE A 54 2.33 1.32 2.11
C ILE A 54 3.85 1.27 1.94
N VAL A 55 4.36 0.27 1.22
CA VAL A 55 5.78 0.04 0.99
C VAL A 55 6.14 0.26 -0.47
N GLU A 56 5.42 -0.37 -1.39
CA GLU A 56 5.56 -0.13 -2.82
C GLU A 56 4.22 0.27 -3.40
N ILE A 57 4.30 1.03 -4.49
CA ILE A 57 3.26 1.28 -5.48
C ILE A 57 4.00 1.06 -6.81
N ASN A 58 3.41 0.34 -7.76
CA ASN A 58 3.89 0.12 -9.12
C ASN A 58 5.43 0.00 -9.23
N GLN A 59 6.01 -0.96 -8.49
CA GLN A 59 7.42 -1.33 -8.57
C GLN A 59 8.36 -0.16 -8.25
N GLN A 60 7.86 0.83 -7.50
CA GLN A 60 8.54 1.98 -6.99
C GLN A 60 8.50 1.87 -5.46
N ASN A 61 9.67 1.83 -4.84
CA ASN A 61 9.80 1.84 -3.39
C ASN A 61 9.30 3.20 -2.90
N VAL A 62 8.36 3.21 -1.96
CA VAL A 62 7.76 4.44 -1.46
C VAL A 62 7.84 4.57 0.06
N GLN A 63 8.34 3.58 0.82
CA GLN A 63 8.63 3.72 2.24
C GLN A 63 9.50 4.93 2.64
N ASN A 64 10.10 5.67 1.72
CA ASN A 64 10.92 6.84 2.02
C ASN A 64 10.25 8.14 1.55
N LEU A 65 9.14 8.06 0.80
CA LEU A 65 8.51 9.22 0.18
C LEU A 65 7.71 10.05 1.18
N SER A 66 7.47 11.33 0.84
CA SER A 66 6.48 12.13 1.53
C SER A 66 5.09 11.63 1.13
N HIS A 67 4.10 11.72 2.01
CA HIS A 67 2.68 11.40 1.74
C HIS A 67 2.13 12.20 0.52
N THR A 68 2.70 13.34 0.14
CA THR A 68 2.28 14.07 -1.06
C THR A 68 2.85 13.47 -2.35
N GLU A 69 3.88 12.63 -2.29
CA GLU A 69 4.60 12.11 -3.45
C GLU A 69 3.87 10.83 -3.91
N VAL A 70 3.65 9.91 -2.98
CA VAL A 70 2.79 8.74 -2.97
C VAL A 70 1.37 9.04 -3.44
N VAL A 71 0.81 10.20 -3.08
CA VAL A 71 -0.44 10.71 -3.61
C VAL A 71 -0.30 10.98 -5.10
N ASP A 72 0.71 11.77 -5.46
CA ASP A 72 0.94 12.20 -6.85
C ASP A 72 1.16 10.98 -7.77
N ILE A 73 1.92 9.99 -7.30
CA ILE A 73 2.19 8.73 -8.00
C ILE A 73 0.90 7.94 -8.23
N LEU A 74 0.04 7.83 -7.21
CA LEU A 74 -1.27 7.20 -7.36
C LEU A 74 -2.14 7.98 -8.34
N LYS A 75 -2.02 9.30 -8.37
CA LYS A 75 -2.76 10.14 -9.30
C LYS A 75 -2.29 9.89 -10.73
N ASP A 76 -1.00 9.63 -10.94
CA ASP A 76 -0.46 9.24 -12.25
C ASP A 76 -0.81 7.81 -12.64
N CYS A 77 -1.32 6.96 -11.73
CA CYS A 77 -1.74 5.61 -12.13
C CYS A 77 -2.84 5.73 -13.21
N PRO A 78 -2.83 4.84 -14.20
CA PRO A 78 -3.87 4.78 -15.22
C PRO A 78 -5.20 4.35 -14.61
N ILE A 79 -6.22 5.17 -14.85
CA ILE A 79 -7.60 4.85 -14.51
C ILE A 79 -7.99 3.56 -15.24
N GLY A 80 -8.66 2.67 -14.51
CA GLY A 80 -9.21 1.43 -15.02
C GLY A 80 -8.16 0.35 -15.23
N SER A 81 -6.92 0.60 -14.82
CA SER A 81 -5.82 -0.34 -14.90
C SER A 81 -5.60 -0.90 -13.50
N GLU A 82 -5.17 -2.16 -13.44
CA GLU A 82 -4.64 -2.73 -12.22
C GLU A 82 -3.31 -2.02 -11.89
N THR A 83 -3.07 -1.78 -10.61
CA THR A 83 -1.95 -1.09 -10.01
C THR A 83 -1.41 -2.05 -8.94
N SER A 84 -0.09 -2.26 -8.91
CA SER A 84 0.58 -3.21 -8.06
C SER A 84 0.84 -2.47 -6.77
N LEU A 85 0.50 -3.04 -5.62
CA LEU A 85 0.80 -2.41 -4.35
C LEU A 85 1.45 -3.47 -3.44
N ILE A 86 2.33 -3.03 -2.54
CA ILE A 86 2.90 -3.90 -1.52
C ILE A 86 2.71 -3.17 -0.20
N ILE A 87 2.06 -3.83 0.76
CA ILE A 87 1.75 -3.30 2.07
C ILE A 87 2.59 -4.09 3.09
N HIS A 88 2.93 -3.49 4.22
CA HIS A 88 3.72 -4.16 5.26
C HIS A 88 2.77 -4.91 6.19
N ARG A 89 2.71 -6.24 6.08
CA ARG A 89 1.96 -7.08 7.01
C ARG A 89 2.67 -8.42 7.11
N GLY A 90 3.04 -8.80 8.33
CA GLY A 90 3.79 -10.01 8.64
C GLY A 90 3.92 -10.13 10.14
N SER A 91 3.32 -11.18 10.72
CA SER A 91 3.49 -11.61 12.10
C SER A 91 3.29 -10.46 13.10
N GLY A 92 2.16 -9.76 12.97
CA GLY A 92 1.87 -8.54 13.71
C GLY A 92 1.75 -8.72 15.24
N PRO A 93 1.69 -7.60 15.99
CA PRO A 93 1.67 -7.55 17.45
C PRO A 93 0.27 -7.85 18.04
N SER A 94 0.05 -7.51 19.31
CA SER A 94 -1.22 -7.62 20.02
C SER A 94 -1.86 -6.24 20.24
N SER A 95 -3.04 -6.24 20.84
CA SER A 95 -3.73 -5.08 21.39
C SER A 95 -2.95 -4.55 22.61
N GLY A 96 -3.51 -3.54 23.27
CA GLY A 96 -2.94 -2.91 24.44
C GLY A 96 -1.91 -1.91 23.98
N GLY A 1 1.63 -20.82 26.39
CA GLY A 1 2.80 -20.04 26.84
C GLY A 1 2.92 -18.80 25.98
N SER A 2 4.13 -18.51 25.50
CA SER A 2 4.43 -17.39 24.61
C SER A 2 5.54 -17.85 23.65
N SER A 3 5.73 -17.15 22.54
CA SER A 3 6.83 -17.35 21.62
C SER A 3 7.41 -15.98 21.26
N GLY A 4 8.60 -15.92 20.67
CA GLY A 4 9.20 -14.69 20.20
C GLY A 4 10.49 -14.98 19.47
N SER A 5 11.19 -13.92 19.08
CA SER A 5 12.39 -13.83 18.24
C SER A 5 11.94 -13.18 16.93
N SER A 6 12.89 -12.63 16.19
CA SER A 6 12.64 -11.79 15.02
C SER A 6 11.86 -12.53 13.92
N GLY A 7 11.90 -13.87 13.88
CA GLY A 7 11.06 -14.69 13.01
C GLY A 7 11.38 -14.40 11.55
N GLN A 8 10.35 -14.28 10.71
CA GLN A 8 10.43 -13.89 9.31
C GLN A 8 9.23 -12.99 9.00
N ALA A 9 9.29 -12.24 7.90
CA ALA A 9 8.47 -11.07 7.67
C ALA A 9 8.10 -10.99 6.20
N GLU A 10 7.06 -11.73 5.83
CA GLU A 10 6.56 -11.85 4.48
C GLU A 10 5.70 -10.63 4.17
N LEU A 11 6.32 -9.67 3.50
CA LEU A 11 5.67 -8.50 2.89
C LEU A 11 4.54 -8.98 1.97
N MET A 12 3.37 -8.37 2.09
CA MET A 12 2.23 -8.71 1.24
C MET A 12 2.30 -7.86 -0.02
N THR A 13 1.68 -8.32 -1.11
CA THR A 13 1.50 -7.54 -2.31
C THR A 13 0.06 -7.74 -2.77
N LEU A 14 -0.71 -6.67 -2.62
CA LEU A 14 -2.10 -6.51 -3.00
C LEU A 14 -2.13 -5.77 -4.34
N THR A 15 -3.29 -5.71 -4.98
CA THR A 15 -3.46 -4.98 -6.23
C THR A 15 -4.75 -4.16 -6.15
N ILE A 16 -4.82 -3.03 -6.85
CA ILE A 16 -5.93 -2.11 -6.84
C ILE A 16 -6.13 -1.50 -8.24
N VAL A 17 -7.33 -1.54 -8.80
CA VAL A 17 -7.67 -0.95 -10.09
C VAL A 17 -8.54 0.27 -9.88
N LYS A 18 -8.02 1.38 -10.36
CA LYS A 18 -8.69 2.66 -10.39
C LYS A 18 -10.00 2.52 -11.16
N GLY A 19 -11.12 2.76 -10.49
CA GLY A 19 -12.43 2.84 -11.13
C GLY A 19 -12.52 4.15 -11.89
N ALA A 20 -12.71 5.27 -11.19
CA ALA A 20 -12.63 6.59 -11.78
C ALA A 20 -12.13 7.59 -10.73
N GLN A 21 -11.74 8.77 -11.19
CA GLN A 21 -11.36 9.97 -10.43
C GLN A 21 -10.16 9.85 -9.49
N GLY A 22 -9.73 8.64 -9.14
CA GLY A 22 -8.79 8.40 -8.06
C GLY A 22 -9.47 7.42 -7.10
N PHE A 23 -8.68 6.46 -6.62
CA PHE A 23 -9.16 5.36 -5.80
C PHE A 23 -9.94 5.93 -4.64
N GLY A 24 -11.14 5.41 -4.38
CA GLY A 24 -12.01 5.97 -3.36
C GLY A 24 -11.34 5.99 -2.00
N PHE A 25 -10.54 4.97 -1.68
CA PHE A 25 -9.82 4.91 -0.41
C PHE A 25 -8.95 6.15 -0.24
N THR A 26 -8.84 6.60 1.00
CA THR A 26 -8.09 7.77 1.39
C THR A 26 -6.82 7.31 2.09
N ILE A 27 -5.78 8.14 2.11
CA ILE A 27 -4.55 7.83 2.83
C ILE A 27 -4.27 8.88 3.89
N ALA A 28 -3.63 8.43 4.96
CA ALA A 28 -3.29 9.19 6.15
C ALA A 28 -1.79 9.05 6.36
N ASP A 29 -1.18 10.13 6.82
CA ASP A 29 0.25 10.26 6.94
C ASP A 29 0.67 9.75 8.31
N SER A 30 0.90 8.45 8.38
CA SER A 30 1.15 7.71 9.61
C SER A 30 2.52 8.11 10.18
N PRO A 31 2.84 7.75 11.43
CA PRO A 31 4.16 7.98 12.02
C PRO A 31 5.24 7.06 11.41
N THR A 32 4.93 6.35 10.33
CA THR A 32 5.56 5.09 9.97
C THR A 32 5.67 4.85 8.45
N GLY A 33 5.14 5.75 7.61
CA GLY A 33 4.92 5.55 6.19
C GLY A 33 3.51 6.02 5.86
N GLN A 34 3.00 5.72 4.67
CA GLN A 34 1.62 6.06 4.34
C GLN A 34 0.71 4.91 4.79
N ARG A 35 -0.47 5.24 5.29
CA ARG A 35 -1.50 4.27 5.66
C ARG A 35 -2.80 4.56 4.95
N VAL A 36 -3.64 3.55 4.94
CA VAL A 36 -4.99 3.61 4.41
C VAL A 36 -5.88 4.10 5.54
N LYS A 37 -6.47 5.27 5.35
CA LYS A 37 -7.43 5.88 6.26
C LYS A 37 -8.72 5.06 6.22
N GLN A 38 -9.45 5.10 5.11
CA GLN A 38 -10.79 4.52 4.95
C GLN A 38 -10.91 4.07 3.49
N ILE A 39 -11.77 3.09 3.17
CA ILE A 39 -11.90 2.49 1.84
C ILE A 39 -13.34 2.70 1.34
N LEU A 40 -13.50 3.59 0.37
CA LEU A 40 -14.81 4.04 -0.11
C LEU A 40 -15.22 3.24 -1.35
N ASP A 41 -14.34 3.20 -2.35
CA ASP A 41 -14.52 2.40 -3.55
C ASP A 41 -13.90 1.03 -3.26
N ILE A 42 -14.60 0.25 -2.45
CA ILE A 42 -14.20 -1.09 -2.04
C ILE A 42 -13.83 -1.91 -3.28
N GLN A 43 -14.69 -1.89 -4.29
CA GLN A 43 -14.53 -2.74 -5.45
C GLN A 43 -13.26 -2.42 -6.23
N GLY A 44 -12.90 -1.13 -6.33
CA GLY A 44 -11.67 -0.71 -6.97
C GLY A 44 -10.41 -1.04 -6.17
N CYS A 45 -10.50 -1.57 -4.95
CA CYS A 45 -9.33 -1.99 -4.18
C CYS A 45 -9.57 -3.41 -3.64
N PRO A 46 -9.54 -4.45 -4.48
CA PRO A 46 -9.85 -5.81 -4.07
C PRO A 46 -8.84 -6.34 -3.06
N GLY A 47 -9.30 -6.87 -1.92
CA GLY A 47 -8.46 -7.37 -0.85
C GLY A 47 -7.89 -6.28 0.06
N LEU A 48 -8.07 -5.01 -0.27
CA LEU A 48 -7.52 -3.88 0.49
C LEU A 48 -8.08 -3.89 1.91
N CYS A 49 -7.31 -3.47 2.90
CA CYS A 49 -7.68 -3.39 4.30
C CYS A 49 -7.15 -2.06 4.84
N GLU A 50 -7.90 -1.38 5.70
CA GLU A 50 -7.42 -0.15 6.30
C GLU A 50 -6.22 -0.44 7.22
N GLY A 51 -5.39 0.56 7.50
CA GLY A 51 -4.18 0.36 8.31
C GLY A 51 -3.32 -0.78 7.78
N ASP A 52 -3.09 -0.76 6.46
CA ASP A 52 -1.95 -1.33 5.76
C ASP A 52 -0.67 -0.56 6.18
N LEU A 53 0.41 -0.63 5.38
CA LEU A 53 1.51 0.33 5.41
C LEU A 53 2.12 0.28 4.02
N ILE A 54 2.00 1.31 3.18
CA ILE A 54 2.41 1.22 1.77
C ILE A 54 3.94 1.15 1.69
N VAL A 55 4.49 0.24 0.88
CA VAL A 55 5.93 0.02 0.69
C VAL A 55 6.33 0.31 -0.75
N GLU A 56 5.62 -0.26 -1.72
CA GLU A 56 5.87 -0.03 -3.14
C GLU A 56 4.56 0.23 -3.86
N ILE A 57 4.62 1.01 -4.94
CA ILE A 57 3.56 1.16 -5.92
C ILE A 57 4.17 0.81 -7.29
N ASN A 58 3.51 -0.10 -8.00
CA ASN A 58 3.76 -0.63 -9.34
C ASN A 58 5.05 -1.43 -9.51
N GLN A 59 6.13 -1.03 -8.85
CA GLN A 59 7.52 -1.47 -8.92
C GLN A 59 8.51 -0.47 -8.31
N GLN A 60 8.06 0.74 -7.93
CA GLN A 60 8.87 1.75 -7.28
C GLN A 60 8.62 1.73 -5.77
N ASN A 61 9.68 1.93 -4.98
CA ASN A 61 9.61 2.11 -3.53
C ASN A 61 9.03 3.48 -3.20
N VAL A 62 8.16 3.52 -2.20
CA VAL A 62 7.40 4.68 -1.74
C VAL A 62 7.35 4.63 -0.19
N GLN A 63 8.26 3.89 0.48
CA GLN A 63 8.40 3.95 1.93
C GLN A 63 8.98 5.31 2.35
N ASN A 64 10.16 5.65 1.84
CA ASN A 64 10.86 6.89 2.18
C ASN A 64 10.12 8.12 1.66
N LEU A 65 9.26 7.92 0.66
CA LEU A 65 8.46 8.90 -0.03
C LEU A 65 7.61 9.70 0.93
N SER A 66 7.58 11.00 0.69
CA SER A 66 6.64 11.91 1.34
C SER A 66 5.21 11.49 1.00
N HIS A 67 4.24 11.87 1.84
CA HIS A 67 2.81 11.66 1.58
C HIS A 67 2.47 12.10 0.16
N THR A 68 2.86 13.32 -0.20
CA THR A 68 2.66 13.99 -1.46
C THR A 68 3.18 13.17 -2.63
N GLU A 69 4.29 12.44 -2.46
CA GLU A 69 4.90 11.60 -3.49
C GLU A 69 3.97 10.41 -3.73
N VAL A 70 3.54 9.72 -2.66
CA VAL A 70 2.71 8.53 -2.76
C VAL A 70 1.37 8.90 -3.38
N VAL A 71 0.82 10.07 -3.02
CA VAL A 71 -0.38 10.61 -3.63
C VAL A 71 -0.12 10.82 -5.12
N ASP A 72 0.95 11.52 -5.48
CA ASP A 72 1.15 11.95 -6.88
C ASP A 72 1.39 10.76 -7.80
N ILE A 73 2.05 9.72 -7.31
CA ILE A 73 2.15 8.43 -7.97
C ILE A 73 0.75 7.84 -8.18
N LEU A 74 -0.06 7.75 -7.12
CA LEU A 74 -1.40 7.18 -7.24
C LEU A 74 -2.27 8.02 -8.18
N LYS A 75 -2.16 9.36 -8.24
CA LYS A 75 -2.79 10.16 -9.28
C LYS A 75 -2.29 9.76 -10.66
N ASP A 76 -0.99 9.64 -10.85
CA ASP A 76 -0.44 9.37 -12.18
C ASP A 76 -0.89 8.04 -12.74
N CYS A 77 -1.10 7.02 -11.88
CA CYS A 77 -1.62 5.71 -12.26
C CYS A 77 -2.84 5.87 -13.19
N PRO A 78 -2.83 5.27 -14.38
CA PRO A 78 -3.95 5.30 -15.31
C PRO A 78 -5.18 4.74 -14.65
N ILE A 79 -6.31 5.34 -15.03
CA ILE A 79 -7.61 4.89 -14.62
C ILE A 79 -7.89 3.59 -15.37
N GLY A 80 -8.48 2.60 -14.69
CA GLY A 80 -8.77 1.27 -15.24
C GLY A 80 -7.57 0.31 -15.16
N SER A 81 -6.40 0.78 -14.74
CA SER A 81 -5.19 -0.02 -14.69
C SER A 81 -5.00 -0.50 -13.27
N GLU A 82 -4.81 -1.80 -13.13
CA GLU A 82 -4.43 -2.37 -11.86
C GLU A 82 -3.08 -1.79 -11.48
N THR A 83 -2.94 -1.48 -10.22
CA THR A 83 -1.80 -0.83 -9.59
C THR A 83 -1.37 -1.78 -8.47
N SER A 84 -0.09 -2.18 -8.47
CA SER A 84 0.44 -3.20 -7.59
C SER A 84 0.86 -2.46 -6.34
N LEU A 85 0.35 -2.81 -5.16
CA LEU A 85 0.75 -2.16 -3.92
C LEU A 85 1.33 -3.21 -2.99
N ILE A 86 2.62 -3.12 -2.73
CA ILE A 86 3.27 -3.91 -1.69
C ILE A 86 2.96 -3.18 -0.38
N ILE A 87 2.49 -3.92 0.64
CA ILE A 87 2.20 -3.34 1.94
C ILE A 87 2.93 -4.14 3.04
N HIS A 88 3.27 -3.46 4.14
CA HIS A 88 4.04 -4.03 5.23
C HIS A 88 3.10 -4.83 6.14
N ARG A 89 3.28 -6.15 6.19
CA ARG A 89 2.60 -7.05 7.13
C ARG A 89 3.60 -8.16 7.50
N GLY A 90 3.20 -9.09 8.35
CA GLY A 90 3.97 -10.27 8.68
C GLY A 90 4.51 -10.23 10.10
N SER A 91 3.63 -10.23 11.10
CA SER A 91 3.97 -10.38 12.52
C SER A 91 2.76 -11.00 13.22
N GLY A 92 2.99 -11.61 14.37
CA GLY A 92 1.91 -12.04 15.27
C GLY A 92 2.48 -12.75 16.50
N PRO A 93 1.67 -12.91 17.56
CA PRO A 93 2.13 -13.39 18.86
C PRO A 93 2.01 -14.91 19.05
N SER A 94 1.07 -15.57 18.35
CA SER A 94 0.69 -16.98 18.44
C SER A 94 -0.40 -17.22 17.38
N SER A 95 -0.47 -18.44 16.83
CA SER A 95 -1.41 -18.85 15.78
C SER A 95 -1.22 -18.10 14.45
N GLY A 96 -2.02 -18.47 13.46
CA GLY A 96 -2.05 -17.88 12.13
C GLY A 96 -3.43 -18.11 11.61
N GLY A 1 17.73 -18.39 5.84
CA GLY A 1 18.73 -19.43 6.17
C GLY A 1 20.13 -18.86 6.08
N SER A 2 20.98 -19.46 5.25
CA SER A 2 22.24 -18.92 4.74
C SER A 2 22.44 -19.52 3.35
N SER A 3 22.67 -18.68 2.34
CA SER A 3 22.55 -18.94 0.91
C SER A 3 21.16 -19.47 0.49
N GLY A 4 20.93 -19.60 -0.81
CA GLY A 4 19.67 -20.06 -1.36
C GLY A 4 18.58 -18.99 -1.31
N SER A 5 17.37 -19.36 -1.71
CA SER A 5 16.20 -18.47 -1.67
C SER A 5 15.57 -18.43 -0.28
N SER A 6 15.26 -19.58 0.33
CA SER A 6 14.62 -19.71 1.64
C SER A 6 13.26 -18.98 1.66
N GLY A 7 12.19 -19.66 1.23
CA GLY A 7 10.87 -19.09 1.12
C GLY A 7 10.15 -19.02 2.47
N GLN A 8 9.83 -17.82 2.95
CA GLN A 8 8.86 -17.56 4.00
C GLN A 8 8.12 -16.25 3.70
N ALA A 9 7.11 -15.94 4.53
CA ALA A 9 6.24 -14.78 4.33
C ALA A 9 6.91 -13.50 4.81
N GLU A 10 6.81 -12.46 3.99
CA GLU A 10 7.10 -11.09 4.32
C GLU A 10 6.01 -10.26 3.64
N LEU A 11 5.63 -9.15 4.26
CA LEU A 11 4.70 -8.13 3.76
C LEU A 11 3.39 -8.75 3.23
N MET A 12 2.63 -8.03 2.41
CA MET A 12 1.70 -8.57 1.41
C MET A 12 1.78 -7.69 0.18
N THR A 13 1.59 -8.26 -1.00
CA THR A 13 1.32 -7.53 -2.24
C THR A 13 -0.19 -7.58 -2.48
N LEU A 14 -0.78 -6.49 -2.98
CA LEU A 14 -2.19 -6.36 -3.34
C LEU A 14 -2.23 -5.60 -4.66
N THR A 15 -3.34 -5.69 -5.40
CA THR A 15 -3.52 -4.93 -6.63
C THR A 15 -4.88 -4.23 -6.60
N ILE A 16 -4.96 -3.03 -7.18
CA ILE A 16 -6.13 -2.15 -7.14
C ILE A 16 -6.35 -1.49 -8.50
N VAL A 17 -7.60 -1.16 -8.83
CA VAL A 17 -7.99 -0.60 -10.12
C VAL A 17 -8.69 0.74 -9.91
N LYS A 18 -7.92 1.80 -10.10
CA LYS A 18 -8.30 3.21 -10.02
C LYS A 18 -9.63 3.45 -10.74
N GLY A 19 -10.66 3.79 -9.99
CA GLY A 19 -12.01 3.98 -10.49
C GLY A 19 -12.09 5.24 -11.34
N ALA A 20 -11.94 6.40 -10.70
CA ALA A 20 -12.01 7.71 -11.32
C ALA A 20 -11.55 8.75 -10.29
N GLN A 21 -10.96 9.87 -10.74
CA GLN A 21 -10.31 10.89 -9.91
C GLN A 21 -9.49 10.24 -8.79
N GLY A 22 -8.55 9.38 -9.17
CA GLY A 22 -7.80 8.60 -8.21
C GLY A 22 -8.63 7.43 -7.70
N PHE A 23 -8.46 7.12 -6.42
CA PHE A 23 -9.02 5.96 -5.74
C PHE A 23 -10.05 6.48 -4.71
N GLY A 24 -10.96 5.61 -4.27
CA GLY A 24 -12.05 5.95 -3.36
C GLY A 24 -11.55 5.98 -1.92
N PHE A 25 -10.78 4.97 -1.53
CA PHE A 25 -10.08 4.91 -0.26
C PHE A 25 -9.14 6.10 -0.09
N THR A 26 -8.62 6.24 1.12
CA THR A 26 -7.77 7.33 1.53
C THR A 26 -6.55 6.80 2.25
N ILE A 27 -5.49 7.61 2.30
CA ILE A 27 -4.31 7.32 3.09
C ILE A 27 -4.12 8.41 4.13
N ALA A 28 -3.69 7.99 5.30
CA ALA A 28 -3.22 8.79 6.41
C ALA A 28 -1.71 8.76 6.32
N ASP A 29 -1.08 9.91 6.45
CA ASP A 29 0.35 9.96 6.74
C ASP A 29 0.54 9.53 8.19
N SER A 30 1.61 8.78 8.44
CA SER A 30 2.01 8.28 9.74
C SER A 30 3.48 8.65 9.97
N PRO A 31 3.98 8.47 11.20
CA PRO A 31 5.39 8.62 11.54
C PRO A 31 6.30 7.56 10.90
N THR A 32 5.77 6.68 10.05
CA THR A 32 6.53 5.58 9.46
C THR A 32 6.32 5.49 7.94
N GLY A 33 5.18 5.94 7.41
CA GLY A 33 4.89 5.82 5.98
C GLY A 33 3.48 6.32 5.73
N GLN A 34 2.97 6.02 4.54
CA GLN A 34 1.54 6.17 4.27
C GLN A 34 0.86 4.91 4.78
N ARG A 35 -0.29 5.08 5.42
CA ARG A 35 -1.15 4.02 5.96
C ARG A 35 -2.54 4.27 5.45
N VAL A 36 -3.38 3.27 5.53
CA VAL A 36 -4.74 3.39 5.02
C VAL A 36 -5.53 4.18 6.06
N LYS A 37 -6.12 5.29 5.62
CA LYS A 37 -7.03 6.06 6.42
C LYS A 37 -8.36 5.32 6.48
N GLN A 38 -9.10 5.25 5.38
CA GLN A 38 -10.45 4.69 5.39
C GLN A 38 -10.73 4.06 4.03
N ILE A 39 -11.70 3.13 3.98
CA ILE A 39 -12.18 2.49 2.76
C ILE A 39 -13.64 2.86 2.59
N LEU A 40 -13.95 3.52 1.47
CA LEU A 40 -15.30 3.92 1.07
C LEU A 40 -15.83 3.02 -0.05
N ASP A 41 -14.91 2.31 -0.70
CA ASP A 41 -15.08 1.67 -1.98
C ASP A 41 -14.32 0.34 -1.90
N ILE A 42 -14.98 -0.66 -1.35
CA ILE A 42 -14.40 -1.94 -0.96
C ILE A 42 -13.91 -2.70 -2.20
N GLN A 43 -14.62 -2.61 -3.32
CA GLN A 43 -14.12 -3.17 -4.57
C GLN A 43 -12.91 -2.42 -5.12
N GLY A 44 -12.75 -1.14 -4.79
CA GLY A 44 -11.57 -0.37 -5.14
C GLY A 44 -10.33 -0.78 -4.34
N CYS A 45 -10.46 -1.58 -3.28
CA CYS A 45 -9.34 -2.00 -2.46
C CYS A 45 -9.63 -3.35 -1.77
N PRO A 46 -9.73 -4.45 -2.54
CA PRO A 46 -10.06 -5.77 -2.00
C PRO A 46 -8.85 -6.33 -1.24
N GLY A 47 -9.07 -6.80 -0.02
CA GLY A 47 -8.04 -7.34 0.84
C GLY A 47 -7.25 -6.27 1.60
N LEU A 48 -7.49 -4.99 1.31
CA LEU A 48 -6.89 -3.86 2.02
C LEU A 48 -7.60 -3.66 3.36
N CYS A 49 -6.86 -3.31 4.40
CA CYS A 49 -7.37 -3.09 5.74
C CYS A 49 -6.82 -1.77 6.28
N GLU A 50 -7.50 -1.21 7.29
CA GLU A 50 -7.15 0.10 7.81
C GLU A 50 -5.75 0.01 8.45
N GLY A 51 -4.98 1.08 8.31
CA GLY A 51 -3.64 1.19 8.84
C GLY A 51 -2.56 0.51 8.00
N ASP A 52 -2.91 -0.14 6.89
CA ASP A 52 -1.98 -0.90 6.05
C ASP A 52 -0.92 0.04 5.47
N LEU A 53 0.30 -0.05 6.00
CA LEU A 53 1.44 0.79 5.66
C LEU A 53 1.94 0.42 4.27
N ILE A 54 2.06 1.37 3.34
CA ILE A 54 2.63 1.12 2.02
C ILE A 54 4.16 1.10 2.13
N VAL A 55 4.78 0.23 1.33
CA VAL A 55 6.22 0.08 1.17
C VAL A 55 6.58 0.27 -0.30
N GLU A 56 5.79 -0.33 -1.21
CA GLU A 56 6.03 -0.25 -2.64
C GLU A 56 4.73 0.01 -3.37
N ILE A 57 4.86 0.63 -4.54
CA ILE A 57 3.83 0.79 -5.57
C ILE A 57 4.32 -0.10 -6.73
N ASN A 58 3.89 0.16 -7.97
CA ASN A 58 4.38 -0.39 -9.21
C ASN A 58 5.91 -0.20 -9.33
N GLN A 59 6.73 -0.99 -8.62
CA GLN A 59 8.18 -1.01 -8.72
C GLN A 59 8.79 0.38 -8.48
N GLN A 60 8.22 1.11 -7.51
CA GLN A 60 8.80 2.25 -6.86
C GLN A 60 8.69 2.02 -5.34
N ASN A 61 9.82 2.10 -4.65
CA ASN A 61 9.95 1.93 -3.21
C ASN A 61 9.64 3.25 -2.54
N VAL A 62 8.56 3.33 -1.77
CA VAL A 62 7.95 4.59 -1.35
C VAL A 62 7.97 4.79 0.17
N GLN A 63 8.63 3.91 0.93
CA GLN A 63 8.75 4.00 2.38
C GLN A 63 9.30 5.34 2.90
N ASN A 64 9.98 6.13 2.07
CA ASN A 64 10.52 7.44 2.41
C ASN A 64 9.85 8.57 1.62
N LEU A 65 9.04 8.24 0.60
CA LEU A 65 8.31 9.26 -0.11
C LEU A 65 7.26 9.86 0.81
N SER A 66 7.00 11.14 0.62
CA SER A 66 6.02 11.86 1.39
C SER A 66 4.60 11.47 0.94
N HIS A 67 3.59 11.81 1.75
CA HIS A 67 2.19 11.61 1.40
C HIS A 67 1.93 12.14 0.01
N THR A 68 2.24 13.41 -0.21
CA THR A 68 1.93 14.09 -1.44
C THR A 68 2.60 13.43 -2.67
N GLU A 69 3.76 12.78 -2.50
CA GLU A 69 4.48 12.09 -3.56
C GLU A 69 3.82 10.75 -3.88
N VAL A 70 3.47 9.97 -2.85
CA VAL A 70 2.77 8.69 -3.01
C VAL A 70 1.44 8.93 -3.73
N VAL A 71 0.76 10.01 -3.36
CA VAL A 71 -0.46 10.46 -4.00
C VAL A 71 -0.15 10.86 -5.44
N ASP A 72 0.95 11.58 -5.69
CA ASP A 72 1.35 12.08 -7.03
C ASP A 72 1.56 10.91 -8.00
N ILE A 73 2.16 9.81 -7.53
CA ILE A 73 2.33 8.59 -8.30
C ILE A 73 0.97 7.98 -8.58
N LEU A 74 0.14 7.79 -7.55
CA LEU A 74 -1.21 7.22 -7.71
C LEU A 74 -2.10 8.11 -8.59
N LYS A 75 -1.85 9.41 -8.65
CA LYS A 75 -2.53 10.33 -9.57
C LYS A 75 -2.10 10.04 -11.00
N ASP A 76 -0.83 9.76 -11.27
CA ASP A 76 -0.36 9.43 -12.62
C ASP A 76 -0.91 8.10 -13.15
N CYS A 77 -1.09 7.14 -12.23
CA CYS A 77 -1.51 5.78 -12.53
C CYS A 77 -2.76 5.76 -13.45
N PRO A 78 -2.78 4.94 -14.50
CA PRO A 78 -3.85 4.93 -15.49
C PRO A 78 -5.18 4.44 -14.90
N ILE A 79 -6.21 5.27 -14.98
CA ILE A 79 -7.58 4.96 -14.58
C ILE A 79 -8.04 3.74 -15.41
N GLY A 80 -8.47 2.68 -14.74
CA GLY A 80 -8.85 1.43 -15.40
C GLY A 80 -7.67 0.51 -15.69
N SER A 81 -6.50 0.75 -15.08
CA SER A 81 -5.40 -0.20 -15.08
C SER A 81 -5.16 -0.67 -13.65
N GLU A 82 -4.73 -1.92 -13.53
CA GLU A 82 -4.27 -2.51 -12.29
C GLU A 82 -3.00 -1.78 -11.84
N THR A 83 -2.92 -1.58 -10.52
CA THR A 83 -1.84 -0.91 -9.83
C THR A 83 -1.40 -1.85 -8.71
N SER A 84 -0.11 -2.18 -8.68
CA SER A 84 0.52 -3.11 -7.78
C SER A 84 0.93 -2.26 -6.59
N LEU A 85 0.58 -2.65 -5.37
CA LEU A 85 1.14 -2.03 -4.19
C LEU A 85 1.57 -3.14 -3.23
N ILE A 86 2.49 -2.83 -2.32
CA ILE A 86 2.97 -3.76 -1.29
C ILE A 86 2.76 -3.06 0.04
N ILE A 87 2.15 -3.78 1.00
CA ILE A 87 1.82 -3.27 2.31
C ILE A 87 2.52 -4.09 3.39
N HIS A 88 2.86 -3.46 4.51
CA HIS A 88 3.63 -4.08 5.58
C HIS A 88 2.68 -4.87 6.49
N ARG A 89 2.39 -6.12 6.12
CA ARG A 89 1.74 -7.08 7.02
C ARG A 89 2.83 -7.76 7.86
N GLY A 90 2.44 -8.33 9.00
CA GLY A 90 3.32 -9.10 9.88
C GLY A 90 2.52 -9.58 11.09
N SER A 91 1.98 -8.65 11.87
CA SER A 91 0.92 -8.88 12.85
C SER A 91 0.12 -7.58 12.94
N GLY A 92 -0.82 -7.46 13.88
CA GLY A 92 -1.41 -6.18 14.28
C GLY A 92 -1.66 -6.20 15.79
N PRO A 93 -1.66 -5.03 16.47
CA PRO A 93 -1.88 -4.97 17.91
C PRO A 93 -3.36 -5.22 18.24
N SER A 94 -4.27 -4.63 17.48
CA SER A 94 -5.70 -4.83 17.57
C SER A 94 -6.06 -6.23 17.07
N SER A 95 -6.81 -7.00 17.85
CA SER A 95 -7.41 -8.25 17.39
C SER A 95 -8.30 -8.03 16.17
N GLY A 96 -9.06 -6.93 16.16
CA GLY A 96 -10.30 -6.84 15.42
C GLY A 96 -11.38 -7.63 16.15
N GLY A 1 20.73 9.31 7.87
CA GLY A 1 20.86 8.04 7.16
C GLY A 1 20.34 6.90 8.01
N SER A 2 19.39 6.12 7.49
CA SER A 2 18.67 5.07 8.19
C SER A 2 18.72 3.82 7.32
N SER A 3 19.33 2.75 7.85
CA SER A 3 19.39 1.43 7.27
C SER A 3 19.99 0.57 8.38
N GLY A 4 19.16 -0.17 9.10
CA GLY A 4 19.52 -0.97 10.26
C GLY A 4 19.47 -2.46 9.93
N SER A 5 19.18 -3.28 10.93
CA SER A 5 19.09 -4.73 10.84
C SER A 5 18.08 -5.12 9.75
N SER A 6 18.54 -5.76 8.67
CA SER A 6 17.65 -6.37 7.70
C SER A 6 17.04 -7.64 8.30
N GLY A 7 16.02 -8.19 7.65
CA GLY A 7 15.45 -9.50 7.91
C GLY A 7 14.50 -9.81 6.78
N GLN A 8 14.53 -11.04 6.27
CA GLN A 8 13.80 -11.41 5.06
C GLN A 8 12.33 -11.66 5.41
N ALA A 9 11.58 -10.58 5.59
CA ALA A 9 10.13 -10.62 5.77
C ALA A 9 9.45 -11.14 4.51
N GLU A 10 8.19 -11.51 4.63
CA GLU A 10 7.25 -11.53 3.53
C GLU A 10 6.37 -10.30 3.72
N LEU A 11 6.51 -9.33 2.82
CA LEU A 11 5.56 -8.22 2.66
C LEU A 11 4.33 -8.77 1.96
N MET A 12 3.16 -8.13 2.13
CA MET A 12 1.95 -8.51 1.40
C MET A 12 1.84 -7.68 0.13
N THR A 13 1.95 -8.35 -1.00
CA THR A 13 1.68 -7.77 -2.32
C THR A 13 0.15 -7.86 -2.53
N LEU A 14 -0.49 -6.75 -2.89
CA LEU A 14 -1.93 -6.62 -3.02
C LEU A 14 -2.20 -5.66 -4.18
N THR A 15 -3.25 -5.88 -4.98
CA THR A 15 -3.39 -5.19 -6.27
C THR A 15 -4.76 -4.48 -6.34
N ILE A 16 -4.80 -3.27 -6.91
CA ILE A 16 -5.97 -2.40 -6.94
C ILE A 16 -6.26 -1.90 -8.36
N VAL A 17 -7.49 -1.47 -8.66
CA VAL A 17 -7.91 -0.98 -9.97
C VAL A 17 -8.58 0.38 -9.80
N LYS A 18 -7.97 1.39 -10.38
CA LYS A 18 -8.37 2.79 -10.25
C LYS A 18 -9.61 3.05 -11.09
N GLY A 19 -10.76 3.17 -10.45
CA GLY A 19 -12.04 3.19 -11.15
C GLY A 19 -12.24 4.47 -11.96
N ALA A 20 -12.39 5.62 -11.29
CA ALA A 20 -12.75 6.87 -11.93
C ALA A 20 -12.31 8.08 -11.09
N GLN A 21 -12.96 8.32 -9.95
CA GLN A 21 -12.56 9.32 -8.96
C GLN A 21 -11.40 8.77 -8.15
N GLY A 22 -10.25 8.69 -8.82
CA GLY A 22 -9.07 8.08 -8.24
C GLY A 22 -9.36 6.61 -7.96
N PHE A 23 -8.69 6.08 -6.94
CA PHE A 23 -8.99 4.80 -6.34
C PHE A 23 -10.12 4.90 -5.30
N GLY A 24 -10.71 6.09 -5.09
CA GLY A 24 -11.60 6.35 -3.98
C GLY A 24 -10.84 6.45 -2.66
N PHE A 25 -10.19 5.37 -2.20
CA PHE A 25 -9.55 5.30 -0.89
C PHE A 25 -8.59 6.47 -0.67
N THR A 26 -8.39 6.78 0.60
CA THR A 26 -7.52 7.85 1.06
C THR A 26 -6.47 7.25 1.97
N ILE A 27 -5.35 7.95 2.09
CA ILE A 27 -4.27 7.59 2.98
C ILE A 27 -4.06 8.71 3.99
N ALA A 28 -3.16 8.44 4.93
CA ALA A 28 -2.65 9.36 5.92
C ALA A 28 -1.14 9.48 5.70
N ASP A 29 -0.52 10.49 6.30
CA ASP A 29 0.89 10.38 6.68
C ASP A 29 0.92 9.43 7.87
N SER A 30 1.93 8.56 7.92
CA SER A 30 2.21 7.70 9.06
C SER A 30 3.73 7.62 9.15
N PRO A 31 4.30 7.35 10.34
CA PRO A 31 5.69 7.64 10.65
C PRO A 31 6.69 6.63 10.08
N THR A 32 6.24 5.81 9.13
CA THR A 32 6.85 4.54 8.74
C THR A 32 6.72 4.28 7.23
N GLY A 33 6.19 5.23 6.46
CA GLY A 33 5.56 4.99 5.16
C GLY A 33 4.06 5.17 5.34
N GLN A 34 3.29 5.20 4.25
CA GLN A 34 1.90 5.65 4.27
C GLN A 34 0.98 4.59 4.84
N ARG A 35 -0.21 4.99 5.28
CA ARG A 35 -1.22 4.06 5.75
C ARG A 35 -2.55 4.34 5.13
N VAL A 36 -3.29 3.26 4.92
CA VAL A 36 -4.65 3.37 4.40
C VAL A 36 -5.49 3.96 5.51
N LYS A 37 -6.22 5.04 5.21
CA LYS A 37 -6.98 5.82 6.17
C LYS A 37 -8.45 5.44 6.09
N GLN A 38 -9.05 5.49 4.91
CA GLN A 38 -10.45 5.17 4.71
C GLN A 38 -10.58 4.61 3.31
N ILE A 39 -11.30 3.49 3.16
CA ILE A 39 -11.64 2.95 1.85
C ILE A 39 -12.97 3.57 1.47
N LEU A 40 -13.06 4.13 0.27
CA LEU A 40 -14.27 4.77 -0.26
C LEU A 40 -14.74 4.05 -1.52
N ASP A 41 -14.15 2.89 -1.84
CA ASP A 41 -14.36 2.18 -3.09
C ASP A 41 -13.84 0.75 -2.91
N ILE A 42 -14.66 -0.12 -2.31
CA ILE A 42 -14.27 -1.43 -1.81
C ILE A 42 -13.73 -2.26 -2.95
N GLN A 43 -14.56 -2.50 -3.97
CA GLN A 43 -14.18 -3.25 -5.15
C GLN A 43 -13.26 -2.47 -6.08
N GLY A 44 -13.04 -1.17 -5.88
CA GLY A 44 -11.94 -0.46 -6.52
C GLY A 44 -10.62 -1.03 -6.00
N CYS A 45 -10.57 -1.34 -4.71
CA CYS A 45 -9.35 -1.77 -4.04
C CYS A 45 -9.52 -3.14 -3.37
N PRO A 46 -9.69 -4.23 -4.15
CA PRO A 46 -9.76 -5.57 -3.60
C PRO A 46 -8.44 -5.91 -2.90
N GLY A 47 -8.51 -6.62 -1.79
CA GLY A 47 -7.33 -6.99 -0.99
C GLY A 47 -6.93 -5.90 0.00
N LEU A 48 -7.15 -4.61 -0.30
CA LEU A 48 -6.77 -3.50 0.56
C LEU A 48 -7.56 -3.55 1.89
N CYS A 49 -6.97 -3.10 2.99
CA CYS A 49 -7.60 -2.89 4.29
C CYS A 49 -7.11 -1.56 4.88
N GLU A 50 -7.75 -1.09 5.96
CA GLU A 50 -7.29 0.09 6.67
C GLU A 50 -6.14 -0.25 7.61
N GLY A 51 -5.21 0.70 7.76
CA GLY A 51 -4.01 0.54 8.56
C GLY A 51 -2.89 -0.20 7.84
N ASP A 52 -3.13 -0.68 6.61
CA ASP A 52 -2.13 -1.28 5.73
C ASP A 52 -0.99 -0.28 5.54
N LEU A 53 0.22 -0.61 6.01
CA LEU A 53 1.43 0.19 5.83
C LEU A 53 1.89 0.03 4.39
N ILE A 54 1.56 0.96 3.51
CA ILE A 54 1.97 0.98 2.10
C ILE A 54 3.47 1.22 2.06
N VAL A 55 4.16 0.25 1.46
CA VAL A 55 5.59 0.16 1.34
C VAL A 55 6.01 0.57 -0.07
N GLU A 56 5.39 -0.05 -1.07
CA GLU A 56 5.80 0.05 -2.47
C GLU A 56 4.54 0.23 -3.33
N ILE A 57 4.63 1.03 -4.40
CA ILE A 57 3.59 1.16 -5.43
C ILE A 57 4.27 1.02 -6.78
N ASN A 58 3.68 0.23 -7.68
CA ASN A 58 4.15 -0.09 -9.03
C ASN A 58 5.67 -0.28 -9.02
N GLN A 59 6.14 -1.08 -8.06
CA GLN A 59 7.51 -1.57 -7.96
C GLN A 59 8.52 -0.44 -7.67
N GLN A 60 8.04 0.76 -7.29
CA GLN A 60 8.81 1.84 -6.73
C GLN A 60 8.62 1.82 -5.21
N ASN A 61 9.73 1.87 -4.48
CA ASN A 61 9.76 2.12 -3.05
C ASN A 61 9.10 3.46 -2.74
N VAL A 62 8.09 3.45 -1.87
CA VAL A 62 7.41 4.65 -1.42
C VAL A 62 7.48 4.85 0.11
N GLN A 63 8.06 3.92 0.88
CA GLN A 63 8.17 4.08 2.34
C GLN A 63 8.84 5.40 2.74
N ASN A 64 9.84 5.82 1.97
CA ASN A 64 10.72 6.94 2.30
C ASN A 64 10.28 8.23 1.61
N LEU A 65 9.17 8.19 0.86
CA LEU A 65 8.60 9.34 0.17
C LEU A 65 7.66 10.06 1.13
N SER A 66 7.35 11.32 0.85
CA SER A 66 6.34 12.06 1.61
C SER A 66 4.96 11.64 1.12
N HIS A 67 3.95 11.71 1.98
CA HIS A 67 2.55 11.41 1.69
C HIS A 67 2.14 11.93 0.31
N THR A 68 2.36 13.22 0.04
CA THR A 68 2.00 13.89 -1.18
C THR A 68 2.61 13.22 -2.42
N GLU A 69 3.87 12.81 -2.35
CA GLU A 69 4.56 12.14 -3.44
C GLU A 69 3.87 10.80 -3.72
N VAL A 70 3.44 10.11 -2.66
CA VAL A 70 2.80 8.81 -2.76
C VAL A 70 1.42 8.96 -3.38
N VAL A 71 0.58 9.86 -2.86
CA VAL A 71 -0.70 10.26 -3.46
C VAL A 71 -0.51 10.61 -4.92
N ASP A 72 0.60 11.26 -5.27
CA ASP A 72 0.83 11.74 -6.63
C ASP A 72 1.10 10.60 -7.59
N ILE A 73 1.77 9.55 -7.11
CA ILE A 73 1.90 8.30 -7.84
C ILE A 73 0.50 7.83 -8.20
N LEU A 74 -0.39 7.57 -7.25
CA LEU A 74 -1.75 7.24 -7.56
C LEU A 74 -2.49 8.26 -8.41
N LYS A 75 -2.21 9.57 -8.31
CA LYS A 75 -2.82 10.55 -9.21
C LYS A 75 -2.38 10.25 -10.63
N ASP A 76 -1.08 10.10 -10.88
CA ASP A 76 -0.53 9.78 -12.18
C ASP A 76 -1.05 8.44 -12.70
N CYS A 77 -1.27 7.46 -11.84
CA CYS A 77 -1.54 6.08 -12.22
C CYS A 77 -2.77 5.96 -13.15
N PRO A 78 -2.72 5.03 -14.12
CA PRO A 78 -3.70 4.87 -15.17
C PRO A 78 -5.04 4.37 -14.64
N ILE A 79 -6.09 5.15 -14.92
CA ILE A 79 -7.47 4.81 -14.66
C ILE A 79 -7.77 3.52 -15.44
N GLY A 80 -8.37 2.53 -14.79
CA GLY A 80 -8.73 1.24 -15.38
C GLY A 80 -7.53 0.40 -15.78
N SER A 81 -6.39 0.61 -15.11
CA SER A 81 -5.36 -0.40 -14.97
C SER A 81 -5.44 -0.98 -13.57
N GLU A 82 -4.92 -2.19 -13.44
CA GLU A 82 -4.37 -2.68 -12.20
C GLU A 82 -3.19 -1.81 -11.79
N THR A 83 -2.92 -1.73 -10.50
CA THR A 83 -1.81 -1.02 -9.90
C THR A 83 -1.32 -1.93 -8.77
N SER A 84 -0.03 -2.22 -8.82
CA SER A 84 0.63 -3.25 -8.05
C SER A 84 1.04 -2.56 -6.78
N LEU A 85 0.55 -3.00 -5.62
CA LEU A 85 0.87 -2.36 -4.37
C LEU A 85 1.53 -3.41 -3.48
N ILE A 86 2.34 -2.97 -2.52
CA ILE A 86 2.89 -3.84 -1.50
C ILE A 86 2.71 -3.10 -0.18
N ILE A 87 2.15 -3.78 0.82
CA ILE A 87 2.01 -3.29 2.18
C ILE A 87 2.77 -4.25 3.11
N HIS A 88 3.01 -3.84 4.36
CA HIS A 88 3.83 -4.59 5.32
C HIS A 88 3.09 -5.83 5.84
N ARG A 89 2.88 -5.91 7.15
CA ARG A 89 2.13 -6.94 7.86
C ARG A 89 2.74 -8.33 7.60
N GLY A 90 2.08 -9.18 6.81
CA GLY A 90 2.55 -10.50 6.45
C GLY A 90 2.76 -11.39 7.67
N SER A 91 1.70 -11.63 8.45
CA SER A 91 1.77 -12.33 9.74
C SER A 91 0.65 -13.36 9.94
N GLY A 92 -0.49 -13.19 9.29
CA GLY A 92 -1.73 -13.90 9.55
C GLY A 92 -2.22 -13.76 11.01
N PRO A 93 -3.42 -14.30 11.31
CA PRO A 93 -3.88 -14.50 12.68
C PRO A 93 -3.34 -15.84 13.22
N SER A 94 -3.68 -16.19 14.45
CA SER A 94 -3.18 -17.35 15.18
C SER A 94 -1.65 -17.40 15.15
N SER A 95 -1.03 -16.43 15.82
CA SER A 95 0.28 -16.60 16.43
C SER A 95 0.13 -17.39 17.74
N GLY A 96 1.23 -17.68 18.42
CA GLY A 96 1.32 -18.50 19.63
C GLY A 96 2.61 -19.27 19.59
N GLY A 1 19.03 -13.51 -1.25
CA GLY A 1 18.86 -14.09 -2.59
C GLY A 1 18.13 -15.43 -2.49
N SER A 2 18.32 -16.29 -3.49
CA SER A 2 17.65 -17.58 -3.68
C SER A 2 16.16 -17.40 -3.98
N SER A 3 15.46 -18.49 -4.31
CA SER A 3 14.02 -18.45 -4.50
C SER A 3 13.37 -19.80 -4.14
N GLY A 4 12.06 -19.76 -3.86
CA GLY A 4 11.23 -20.93 -3.63
C GLY A 4 11.32 -21.43 -2.18
N SER A 5 10.16 -21.63 -1.54
CA SER A 5 9.95 -22.03 -0.14
C SER A 5 10.83 -21.29 0.87
N SER A 6 12.08 -21.68 1.08
CA SER A 6 13.02 -20.92 1.91
C SER A 6 13.09 -19.49 1.34
N GLY A 7 13.23 -18.50 2.21
CA GLY A 7 13.09 -17.10 1.86
C GLY A 7 13.32 -16.22 3.07
N GLN A 8 13.18 -14.92 2.88
CA GLN A 8 13.59 -13.93 3.85
C GLN A 8 12.79 -12.65 3.59
N ALA A 9 12.49 -11.91 4.66
CA ALA A 9 11.49 -10.84 4.77
C ALA A 9 10.06 -11.37 4.61
N GLU A 10 9.06 -10.60 5.06
CA GLU A 10 7.68 -11.05 5.16
C GLU A 10 6.75 -9.84 4.99
N LEU A 11 6.18 -9.67 3.79
CA LEU A 11 5.28 -8.58 3.41
C LEU A 11 4.05 -9.17 2.71
N MET A 12 3.08 -8.33 2.32
CA MET A 12 1.98 -8.70 1.43
C MET A 12 2.11 -7.93 0.12
N THR A 13 1.55 -8.49 -0.95
CA THR A 13 1.39 -7.85 -2.24
C THR A 13 -0.07 -8.07 -2.66
N LEU A 14 -0.73 -7.02 -3.15
CA LEU A 14 -2.15 -6.96 -3.50
C LEU A 14 -2.33 -6.06 -4.72
N THR A 15 -3.49 -6.06 -5.36
CA THR A 15 -3.79 -5.24 -6.55
C THR A 15 -5.02 -4.35 -6.30
N ILE A 16 -5.13 -3.20 -6.98
CA ILE A 16 -6.27 -2.28 -6.95
C ILE A 16 -6.53 -1.73 -8.36
N VAL A 17 -7.78 -1.31 -8.64
CA VAL A 17 -8.24 -0.84 -9.94
C VAL A 17 -8.92 0.52 -9.73
N LYS A 18 -8.16 1.58 -10.02
CA LYS A 18 -8.49 3.00 -9.82
C LYS A 18 -9.84 3.37 -10.45
N GLY A 19 -10.86 3.63 -9.65
CA GLY A 19 -12.26 3.64 -10.06
C GLY A 19 -12.81 5.00 -10.55
N ALA A 20 -11.96 5.80 -11.20
CA ALA A 20 -12.20 7.19 -11.61
C ALA A 20 -12.51 8.13 -10.44
N GLN A 21 -12.36 9.44 -10.70
CA GLN A 21 -12.05 10.49 -9.72
C GLN A 21 -10.80 10.21 -8.87
N GLY A 22 -10.24 9.00 -8.91
CA GLY A 22 -9.08 8.58 -8.17
C GLY A 22 -9.26 7.11 -7.87
N PHE A 23 -8.60 6.65 -6.81
CA PHE A 23 -9.11 5.49 -6.11
C PHE A 23 -10.16 5.99 -5.13
N GLY A 24 -11.12 5.13 -4.79
CA GLY A 24 -12.07 5.38 -3.73
C GLY A 24 -11.32 5.56 -2.43
N PHE A 25 -10.51 4.56 -2.05
CA PHE A 25 -9.72 4.56 -0.82
C PHE A 25 -8.83 5.80 -0.71
N THR A 26 -8.42 6.09 0.51
CA THR A 26 -7.70 7.29 0.90
C THR A 26 -6.45 6.87 1.67
N ILE A 27 -5.45 7.75 1.80
CA ILE A 27 -4.28 7.51 2.63
C ILE A 27 -4.09 8.65 3.62
N ALA A 28 -3.30 8.40 4.65
CA ALA A 28 -2.95 9.34 5.69
C ALA A 28 -1.47 9.15 6.01
N ASP A 29 -0.85 10.25 6.36
CA ASP A 29 0.54 10.31 6.73
C ASP A 29 0.70 9.66 8.10
N SER A 30 1.72 8.82 8.27
CA SER A 30 2.02 8.13 9.51
C SER A 30 3.52 8.27 9.77
N PRO A 31 4.00 7.97 10.99
CA PRO A 31 5.41 8.05 11.31
C PRO A 31 6.25 6.99 10.60
N THR A 32 5.59 6.00 10.00
CA THR A 32 6.20 4.79 9.49
C THR A 32 6.17 4.75 7.95
N GLY A 33 5.74 5.81 7.28
CA GLY A 33 5.39 5.81 5.87
C GLY A 33 3.93 6.25 5.74
N GLN A 34 3.26 5.93 4.64
CA GLN A 34 1.84 6.18 4.51
C GLN A 34 1.04 5.00 5.04
N ARG A 35 -0.18 5.29 5.50
CA ARG A 35 -1.18 4.30 5.85
C ARG A 35 -2.40 4.51 5.01
N VAL A 36 -3.20 3.46 4.90
CA VAL A 36 -4.56 3.51 4.40
C VAL A 36 -5.40 4.22 5.45
N LYS A 37 -5.99 5.36 5.06
CA LYS A 37 -6.97 6.06 5.87
C LYS A 37 -8.23 5.21 5.91
N GLN A 38 -8.94 5.06 4.79
CA GLN A 38 -10.22 4.37 4.73
C GLN A 38 -10.38 3.80 3.32
N ILE A 39 -11.13 2.70 3.17
CA ILE A 39 -11.35 2.02 1.90
C ILE A 39 -12.82 2.18 1.54
N LEU A 40 -13.10 3.24 0.78
CA LEU A 40 -14.45 3.67 0.39
C LEU A 40 -14.98 2.90 -0.81
N ASP A 41 -14.10 2.24 -1.58
CA ASP A 41 -14.48 1.43 -2.74
C ASP A 41 -13.89 0.05 -2.49
N ILE A 42 -14.70 -0.80 -1.88
CA ILE A 42 -14.31 -2.14 -1.48
C ILE A 42 -14.12 -3.05 -2.70
N GLN A 43 -14.85 -2.76 -3.79
CA GLN A 43 -14.77 -3.52 -5.03
C GLN A 43 -13.47 -3.19 -5.75
N GLY A 44 -13.27 -1.92 -6.11
CA GLY A 44 -12.15 -1.48 -6.92
C GLY A 44 -10.86 -1.35 -6.12
N CYS A 45 -10.90 -1.54 -4.81
CA CYS A 45 -9.71 -1.76 -4.01
C CYS A 45 -9.84 -3.14 -3.34
N PRO A 46 -9.83 -4.25 -4.10
CA PRO A 46 -10.14 -5.56 -3.58
C PRO A 46 -9.03 -6.05 -2.66
N GLY A 47 -9.40 -6.81 -1.63
CA GLY A 47 -8.46 -7.43 -0.70
C GLY A 47 -7.68 -6.45 0.18
N LEU A 48 -7.80 -5.16 -0.07
CA LEU A 48 -7.05 -4.12 0.61
C LEU A 48 -7.64 -3.98 2.01
N CYS A 49 -6.81 -3.94 3.05
CA CYS A 49 -7.28 -3.86 4.41
C CYS A 49 -6.95 -2.50 5.02
N GLU A 50 -7.75 -2.13 6.02
CA GLU A 50 -7.69 -0.81 6.63
C GLU A 50 -6.36 -0.65 7.38
N GLY A 51 -5.84 0.58 7.44
CA GLY A 51 -4.58 0.92 8.12
C GLY A 51 -3.31 0.23 7.58
N ASP A 52 -3.38 -0.48 6.44
CA ASP A 52 -2.21 -1.12 5.82
C ASP A 52 -1.16 -0.07 5.48
N LEU A 53 0.13 -0.38 5.71
CA LEU A 53 1.27 0.52 5.52
C LEU A 53 1.84 0.37 4.12
N ILE A 54 2.04 1.46 3.38
CA ILE A 54 2.52 1.44 2.01
C ILE A 54 4.07 1.31 1.98
N VAL A 55 4.57 0.36 1.19
CA VAL A 55 5.99 0.10 0.97
C VAL A 55 6.34 0.36 -0.50
N GLU A 56 5.63 -0.27 -1.43
CA GLU A 56 5.75 0.01 -2.86
C GLU A 56 4.37 0.34 -3.42
N ILE A 57 4.38 1.13 -4.49
CA ILE A 57 3.34 1.24 -5.49
C ILE A 57 4.09 0.98 -6.81
N ASN A 58 3.52 0.17 -7.69
CA ASN A 58 4.02 -0.23 -9.01
C ASN A 58 5.55 -0.31 -9.09
N GLN A 59 6.17 -1.13 -8.23
CA GLN A 59 7.59 -1.42 -8.30
C GLN A 59 8.48 -0.18 -8.13
N GLN A 60 8.00 0.86 -7.44
CA GLN A 60 8.78 2.00 -7.04
C GLN A 60 8.69 2.08 -5.51
N ASN A 61 9.84 2.18 -4.84
CA ASN A 61 9.92 2.23 -3.38
C ASN A 61 9.42 3.56 -2.85
N VAL A 62 8.48 3.53 -1.92
CA VAL A 62 7.87 4.72 -1.34
C VAL A 62 7.89 4.69 0.20
N GLN A 63 8.71 3.83 0.82
CA GLN A 63 8.89 3.85 2.26
C GLN A 63 9.53 5.16 2.76
N ASN A 64 10.13 5.95 1.87
CA ASN A 64 10.97 7.12 2.17
C ASN A 64 10.37 8.39 1.54
N LEU A 65 9.10 8.38 1.15
CA LEU A 65 8.44 9.49 0.45
C LEU A 65 7.41 10.17 1.35
N SER A 66 7.26 11.49 1.14
CA SER A 66 6.31 12.32 1.87
C SER A 66 4.92 12.05 1.31
N HIS A 67 3.85 12.13 2.11
CA HIS A 67 2.43 11.91 1.72
C HIS A 67 2.04 12.57 0.40
N THR A 68 2.60 13.72 0.06
CA THR A 68 2.30 14.41 -1.18
C THR A 68 2.78 13.63 -2.41
N GLU A 69 3.90 12.92 -2.31
CA GLU A 69 4.64 12.26 -3.37
C GLU A 69 3.94 10.97 -3.79
N VAL A 70 3.62 10.16 -2.79
CA VAL A 70 2.85 8.95 -2.72
C VAL A 70 1.42 9.15 -3.22
N VAL A 71 0.79 10.26 -2.82
CA VAL A 71 -0.46 10.70 -3.42
C VAL A 71 -0.24 10.92 -4.91
N ASP A 72 0.81 11.66 -5.26
CA ASP A 72 1.07 12.05 -6.65
C ASP A 72 1.26 10.83 -7.56
N ILE A 73 1.98 9.81 -7.08
CA ILE A 73 2.17 8.54 -7.76
C ILE A 73 0.82 7.87 -7.99
N LEU A 74 -0.02 7.76 -6.96
CA LEU A 74 -1.35 7.17 -7.10
C LEU A 74 -2.18 8.00 -8.09
N LYS A 75 -1.93 9.30 -8.21
CA LYS A 75 -2.59 10.12 -9.21
C LYS A 75 -2.03 9.78 -10.59
N ASP A 76 -0.73 9.60 -10.77
CA ASP A 76 -0.13 9.24 -12.06
C ASP A 76 -0.50 7.81 -12.50
N CYS A 77 -1.00 6.97 -11.59
CA CYS A 77 -1.57 5.67 -11.93
C CYS A 77 -2.79 5.85 -12.86
N PRO A 78 -2.95 4.99 -13.87
CA PRO A 78 -4.11 4.95 -14.75
C PRO A 78 -5.40 4.75 -13.97
N ILE A 79 -6.45 5.41 -14.41
CA ILE A 79 -7.82 5.03 -14.12
C ILE A 79 -8.10 3.74 -14.90
N GLY A 80 -8.75 2.78 -14.25
CA GLY A 80 -9.13 1.53 -14.87
C GLY A 80 -7.93 0.72 -15.32
N SER A 81 -6.97 0.49 -14.43
CA SER A 81 -5.95 -0.54 -14.61
C SER A 81 -5.53 -1.03 -13.23
N GLU A 82 -5.10 -2.29 -13.18
CA GLU A 82 -4.46 -2.90 -12.04
C GLU A 82 -3.16 -2.17 -11.73
N THR A 83 -3.25 -1.34 -10.72
CA THR A 83 -2.13 -0.82 -9.95
C THR A 83 -1.78 -1.91 -8.92
N SER A 84 -0.52 -2.06 -8.57
CA SER A 84 -0.04 -3.08 -7.64
C SER A 84 0.65 -2.36 -6.49
N LEU A 85 0.29 -2.73 -5.26
CA LEU A 85 0.81 -2.14 -4.03
C LEU A 85 1.34 -3.28 -3.18
N ILE A 86 2.35 -2.98 -2.39
CA ILE A 86 2.99 -3.90 -1.47
C ILE A 86 2.88 -3.25 -0.09
N ILE A 87 2.33 -3.97 0.89
CA ILE A 87 2.08 -3.43 2.23
C ILE A 87 2.78 -4.27 3.29
N HIS A 88 3.07 -3.64 4.43
CA HIS A 88 3.91 -4.21 5.47
C HIS A 88 3.03 -4.96 6.47
N ARG A 89 2.64 -6.20 6.12
CA ARG A 89 1.97 -7.10 7.06
C ARG A 89 3.04 -7.83 7.89
N GLY A 90 2.74 -9.02 8.44
CA GLY A 90 3.73 -9.81 9.18
C GLY A 90 3.22 -10.39 10.50
N SER A 91 1.99 -10.05 10.93
CA SER A 91 1.43 -10.51 12.20
C SER A 91 0.21 -11.39 11.98
N GLY A 92 -0.88 -10.85 11.43
CA GLY A 92 -2.13 -11.59 11.27
C GLY A 92 -3.33 -10.71 11.57
N PRO A 93 -4.51 -11.29 11.87
CA PRO A 93 -5.71 -10.51 12.11
C PRO A 93 -5.63 -9.72 13.42
N SER A 94 -6.55 -8.77 13.59
CA SER A 94 -6.87 -8.09 14.84
C SER A 94 -5.63 -7.60 15.60
N SER A 95 -4.84 -6.74 14.95
CA SER A 95 -3.60 -6.20 15.51
C SER A 95 -3.83 -4.91 16.31
N GLY A 96 -4.84 -4.11 15.93
CA GLY A 96 -5.24 -2.86 16.59
C GLY A 96 -4.52 -1.69 15.96
#